data_8ORX
# 
_entry.id   8ORX 
# 
_audit_conform.dict_name       mmcif_pdbx.dic 
_audit_conform.dict_version    5.403 
_audit_conform.dict_location   http://mmcif.pdb.org/dictionaries/ascii/mmcif_pdbx.dic 
# 
loop_
_database_2.database_id 
_database_2.database_code 
_database_2.pdbx_database_accession 
_database_2.pdbx_DOI 
PDB   8ORX         pdb_00008orx 10.2210/pdb8orx/pdb 
WWPDB D_1292123406 ?            ?                   
# 
loop_
_pdbx_audit_revision_history.ordinal 
_pdbx_audit_revision_history.data_content_type 
_pdbx_audit_revision_history.major_revision 
_pdbx_audit_revision_history.minor_revision 
_pdbx_audit_revision_history.revision_date 
_pdbx_audit_revision_history.part_number 
1 'Structure model' 1 0 2024-10-16 ? 
2 'Structure model' 1 1 2025-03-26 ? 
# 
_pdbx_audit_revision_details.ordinal             1 
_pdbx_audit_revision_details.revision_ordinal    1 
_pdbx_audit_revision_details.data_content_type   'Structure model' 
_pdbx_audit_revision_details.provider            repository 
_pdbx_audit_revision_details.type                'Initial release' 
_pdbx_audit_revision_details.description         ? 
_pdbx_audit_revision_details.details             ? 
# 
loop_
_pdbx_audit_revision_group.ordinal 
_pdbx_audit_revision_group.revision_ordinal 
_pdbx_audit_revision_group.data_content_type 
_pdbx_audit_revision_group.group 
1 2 'Structure model' 'Database references' 
2 2 'Structure model' 'Structure summary'   
# 
loop_
_pdbx_audit_revision_category.ordinal 
_pdbx_audit_revision_category.revision_ordinal 
_pdbx_audit_revision_category.data_content_type 
_pdbx_audit_revision_category.category 
1 2 'Structure model' audit_author    
2 2 'Structure model' citation        
3 2 'Structure model' citation_author 
# 
loop_
_pdbx_audit_revision_item.ordinal 
_pdbx_audit_revision_item.revision_ordinal 
_pdbx_audit_revision_item.data_content_type 
_pdbx_audit_revision_item.item 
1 2 'Structure model' '_audit_author.name'       
2 2 'Structure model' '_citation.journal_abbrev' 
3 2 'Structure model' '_citation.journal_id_CSD' 
4 2 'Structure model' '_citation.year'           
5 2 'Structure model' '_citation_author.name'    
# 
_pdbx_database_status.status_code                     REL 
_pdbx_database_status.status_code_sf                  REL 
_pdbx_database_status.status_code_mr                  ? 
_pdbx_database_status.entry_id                        8ORX 
_pdbx_database_status.recvd_initial_deposition_date   2023-04-17 
_pdbx_database_status.SG_entry                        N 
_pdbx_database_status.deposit_site                    PDBE 
_pdbx_database_status.process_site                    PDBE 
_pdbx_database_status.status_code_cs                  ? 
_pdbx_database_status.status_code_nmr_data            ? 
_pdbx_database_status.methods_development_category    ? 
_pdbx_database_status.pdb_format_compatible           Y 
# 
_pdbx_contact_author.id                 3 
_pdbx_contact_author.email              robert.gilbert@magd.ox.ac.uk 
_pdbx_contact_author.name_first         Robert 
_pdbx_contact_author.name_last          Gilbert 
_pdbx_contact_author.name_mi            J.C. 
_pdbx_contact_author.role               'principal investigator/group leader' 
_pdbx_contact_author.identifier_ORCID   0000-0001-9336-5604 
# 
loop_
_audit_author.name 
_audit_author.pdbx_ordinal 
_audit_author.identifier_ORCID 
'Ni, T.'          1 0000-0001-7268-0306 
'Banerji, S.'     2 0000-0002-1179-3152 
'Jackson, D.J.'   3 0000-0002-4133-9364 
'Gilbert, R.J.C.' 4 0000-0001-9336-5604 
# 
_citation.abstract                  ? 
_citation.abstract_id_CAS           ? 
_citation.book_id_ISBN              ? 
_citation.book_publisher            ? 
_citation.book_publisher_city       ? 
_citation.book_title                ? 
_citation.coordinate_linkage        ? 
_citation.country                   ? 
_citation.database_id_Medline       ? 
_citation.details                   ? 
_citation.id                        primary 
_citation.journal_abbrev            'Nature Communications' 
_citation.journal_id_ASTM           ? 
_citation.journal_id_CSD            ? 
_citation.journal_id_ISSN           ? 
_citation.journal_full              ? 
_citation.journal_issue             ? 
_citation.journal_volume            ? 
_citation.language                  ? 
_citation.page_first                ? 
_citation.page_last                 ? 
_citation.title                     
'Structure of the murine LYVE-1 (lymphatic vessel endothelial receptor-1) hyaluronan binding domain in an unliganded state' 
_citation.year                      2025 
_citation.database_id_CSD           ? 
_citation.pdbx_database_id_DOI      ? 
_citation.pdbx_database_id_PubMed   ? 
_citation.pdbx_database_id_patent   ? 
_citation.unpublished_flag          ? 
# 
loop_
_citation_author.citation_id 
_citation_author.name 
_citation_author.ordinal 
_citation_author.identifier_ORCID 
primary 'Bano, F.'        1 0000-0003-0634-7091 
primary 'Banerji, S.'     2 0000-0002-1179-3152 
primary 'Ni, T.'          3 0000-0001-7268-0306 
primary 'Green, D.E.'     4 0000-0002-6237-0889 
primary 'DeAngelis, P.L.' 5 0000-0002-8843-1344 
primary 'Paci, E.'        6 0000-0002-4891-2768 
primary 'Lepsik, M.'      7 0000-0003-2607-8132 
primary 'Jackson, D.J.'   8 0000-0002-4133-9364 
primary 'Gilbert, R.J.C.' 9 0000-0001-9336-5604 
# 
loop_
_entity.id 
_entity.type 
_entity.src_method 
_entity.pdbx_description 
_entity.formula_weight 
_entity.pdbx_number_of_molecules 
_entity.pdbx_ec 
_entity.pdbx_mutation 
_entity.pdbx_fragment 
_entity.details 
1 polymer     man 'Lymphatic vessel endothelial hyaluronic acid receptor 1' 34609.551 1   ? ? ? ? 
2 non-polymer syn 2-acetamido-2-deoxy-beta-D-glucopyranose                  221.208   2   ? ? ? ? 
3 water       nat water                                                     18.015    134 ? ? ? ? 
# 
_entity_name_com.entity_id   1 
_entity_name_com.name        
'LYVE-1,Cell surface retention sequence-binding protein 1,CRSBP-1,Extracellular link domain-containing protein 1' 
# 
_entity_poly.entity_id                      1 
_entity_poly.type                           'polypeptide(L)' 
_entity_poly.nstd_linkage                   no 
_entity_poly.nstd_monomer                   no 
_entity_poly.pdbx_seq_one_letter_code       
;MLQHTSLVLLLASIWTTRHPVQGADLVQDLSISTCRIMGVALVGRNKNPQMNFTEANEACKMLGLTLASRDQVESAQKSG
FETCSYGWVGEQFSVIPRIFSNPRCGKNGKGVLIWNAPSSQKFKAYCHNSSDTWVNSCIPEIVTTFYPVLDTQTPATEFS
VSSSAYLASSPDSTTPVSATTRAPPLTSMARKTKKICITEVYTEPITMATETEAFVASGAAFKNEAAGFGGVPTALLVLA
LLFFGAAAVLAVCYVKRYVKAFPFTTKNQQKEMIETKVVKEEKADDVNANEESKKTIKNPEEAKSPPKTTVRCLEAEV
;
_entity_poly.pdbx_seq_one_letter_code_can   
;MLQHTSLVLLLASIWTTRHPVQGADLVQDLSISTCRIMGVALVGRNKNPQMNFTEANEACKMLGLTLASRDQVESAQKSG
FETCSYGWVGEQFSVIPRIFSNPRCGKNGKGVLIWNAPSSQKFKAYCHNSSDTWVNSCIPEIVTTFYPVLDTQTPATEFS
VSSSAYLASSPDSTTPVSATTRAPPLTSMARKTKKICITEVYTEPITMATETEAFVASGAAFKNEAAGFGGVPTALLVLA
LLFFGAAAVLAVCYVKRYVKAFPFTTKNQQKEMIETKVVKEEKADDVNANEESKKTIKNPEEAKSPPKTTVRCLEAEV
;
_entity_poly.pdbx_strand_id                 A 
_entity_poly.pdbx_target_identifier         ? 
# 
loop_
_pdbx_entity_nonpoly.entity_id 
_pdbx_entity_nonpoly.name 
_pdbx_entity_nonpoly.comp_id 
2 2-acetamido-2-deoxy-beta-D-glucopyranose NAG 
3 water                                    HOH 
# 
loop_
_entity_poly_seq.entity_id 
_entity_poly_seq.num 
_entity_poly_seq.mon_id 
_entity_poly_seq.hetero 
1 1   MET n 
1 2   LEU n 
1 3   GLN n 
1 4   HIS n 
1 5   THR n 
1 6   SER n 
1 7   LEU n 
1 8   VAL n 
1 9   LEU n 
1 10  LEU n 
1 11  LEU n 
1 12  ALA n 
1 13  SER n 
1 14  ILE n 
1 15  TRP n 
1 16  THR n 
1 17  THR n 
1 18  ARG n 
1 19  HIS n 
1 20  PRO n 
1 21  VAL n 
1 22  GLN n 
1 23  GLY n 
1 24  ALA n 
1 25  ASP n 
1 26  LEU n 
1 27  VAL n 
1 28  GLN n 
1 29  ASP n 
1 30  LEU n 
1 31  SER n 
1 32  ILE n 
1 33  SER n 
1 34  THR n 
1 35  CYS n 
1 36  ARG n 
1 37  ILE n 
1 38  MET n 
1 39  GLY n 
1 40  VAL n 
1 41  ALA n 
1 42  LEU n 
1 43  VAL n 
1 44  GLY n 
1 45  ARG n 
1 46  ASN n 
1 47  LYS n 
1 48  ASN n 
1 49  PRO n 
1 50  GLN n 
1 51  MET n 
1 52  ASN n 
1 53  PHE n 
1 54  THR n 
1 55  GLU n 
1 56  ALA n 
1 57  ASN n 
1 58  GLU n 
1 59  ALA n 
1 60  CYS n 
1 61  LYS n 
1 62  MET n 
1 63  LEU n 
1 64  GLY n 
1 65  LEU n 
1 66  THR n 
1 67  LEU n 
1 68  ALA n 
1 69  SER n 
1 70  ARG n 
1 71  ASP n 
1 72  GLN n 
1 73  VAL n 
1 74  GLU n 
1 75  SER n 
1 76  ALA n 
1 77  GLN n 
1 78  LYS n 
1 79  SER n 
1 80  GLY n 
1 81  PHE n 
1 82  GLU n 
1 83  THR n 
1 84  CYS n 
1 85  SER n 
1 86  TYR n 
1 87  GLY n 
1 88  TRP n 
1 89  VAL n 
1 90  GLY n 
1 91  GLU n 
1 92  GLN n 
1 93  PHE n 
1 94  SER n 
1 95  VAL n 
1 96  ILE n 
1 97  PRO n 
1 98  ARG n 
1 99  ILE n 
1 100 PHE n 
1 101 SER n 
1 102 ASN n 
1 103 PRO n 
1 104 ARG n 
1 105 CYS n 
1 106 GLY n 
1 107 LYS n 
1 108 ASN n 
1 109 GLY n 
1 110 LYS n 
1 111 GLY n 
1 112 VAL n 
1 113 LEU n 
1 114 ILE n 
1 115 TRP n 
1 116 ASN n 
1 117 ALA n 
1 118 PRO n 
1 119 SER n 
1 120 SER n 
1 121 GLN n 
1 122 LYS n 
1 123 PHE n 
1 124 LYS n 
1 125 ALA n 
1 126 TYR n 
1 127 CYS n 
1 128 HIS n 
1 129 ASN n 
1 130 SER n 
1 131 SER n 
1 132 ASP n 
1 133 THR n 
1 134 TRP n 
1 135 VAL n 
1 136 ASN n 
1 137 SER n 
1 138 CYS n 
1 139 ILE n 
1 140 PRO n 
1 141 GLU n 
1 142 ILE n 
1 143 VAL n 
1 144 THR n 
1 145 THR n 
1 146 PHE n 
1 147 TYR n 
1 148 PRO n 
1 149 VAL n 
1 150 LEU n 
1 151 ASP n 
1 152 THR n 
1 153 GLN n 
1 154 THR n 
1 155 PRO n 
1 156 ALA n 
1 157 THR n 
1 158 GLU n 
1 159 PHE n 
1 160 SER n 
1 161 VAL n 
1 162 SER n 
1 163 SER n 
1 164 SER n 
1 165 ALA n 
1 166 TYR n 
1 167 LEU n 
1 168 ALA n 
1 169 SER n 
1 170 SER n 
1 171 PRO n 
1 172 ASP n 
1 173 SER n 
1 174 THR n 
1 175 THR n 
1 176 PRO n 
1 177 VAL n 
1 178 SER n 
1 179 ALA n 
1 180 THR n 
1 181 THR n 
1 182 ARG n 
1 183 ALA n 
1 184 PRO n 
1 185 PRO n 
1 186 LEU n 
1 187 THR n 
1 188 SER n 
1 189 MET n 
1 190 ALA n 
1 191 ARG n 
1 192 LYS n 
1 193 THR n 
1 194 LYS n 
1 195 LYS n 
1 196 ILE n 
1 197 CYS n 
1 198 ILE n 
1 199 THR n 
1 200 GLU n 
1 201 VAL n 
1 202 TYR n 
1 203 THR n 
1 204 GLU n 
1 205 PRO n 
1 206 ILE n 
1 207 THR n 
1 208 MET n 
1 209 ALA n 
1 210 THR n 
1 211 GLU n 
1 212 THR n 
1 213 GLU n 
1 214 ALA n 
1 215 PHE n 
1 216 VAL n 
1 217 ALA n 
1 218 SER n 
1 219 GLY n 
1 220 ALA n 
1 221 ALA n 
1 222 PHE n 
1 223 LYS n 
1 224 ASN n 
1 225 GLU n 
1 226 ALA n 
1 227 ALA n 
1 228 GLY n 
1 229 PHE n 
1 230 GLY n 
1 231 GLY n 
1 232 VAL n 
1 233 PRO n 
1 234 THR n 
1 235 ALA n 
1 236 LEU n 
1 237 LEU n 
1 238 VAL n 
1 239 LEU n 
1 240 ALA n 
1 241 LEU n 
1 242 LEU n 
1 243 PHE n 
1 244 PHE n 
1 245 GLY n 
1 246 ALA n 
1 247 ALA n 
1 248 ALA n 
1 249 VAL n 
1 250 LEU n 
1 251 ALA n 
1 252 VAL n 
1 253 CYS n 
1 254 TYR n 
1 255 VAL n 
1 256 LYS n 
1 257 ARG n 
1 258 TYR n 
1 259 VAL n 
1 260 LYS n 
1 261 ALA n 
1 262 PHE n 
1 263 PRO n 
1 264 PHE n 
1 265 THR n 
1 266 THR n 
1 267 LYS n 
1 268 ASN n 
1 269 GLN n 
1 270 GLN n 
1 271 LYS n 
1 272 GLU n 
1 273 MET n 
1 274 ILE n 
1 275 GLU n 
1 276 THR n 
1 277 LYS n 
1 278 VAL n 
1 279 VAL n 
1 280 LYS n 
1 281 GLU n 
1 282 GLU n 
1 283 LYS n 
1 284 ALA n 
1 285 ASP n 
1 286 ASP n 
1 287 VAL n 
1 288 ASN n 
1 289 ALA n 
1 290 ASN n 
1 291 GLU n 
1 292 GLU n 
1 293 SER n 
1 294 LYS n 
1 295 LYS n 
1 296 THR n 
1 297 ILE n 
1 298 LYS n 
1 299 ASN n 
1 300 PRO n 
1 301 GLU n 
1 302 GLU n 
1 303 ALA n 
1 304 LYS n 
1 305 SER n 
1 306 PRO n 
1 307 PRO n 
1 308 LYS n 
1 309 THR n 
1 310 THR n 
1 311 VAL n 
1 312 ARG n 
1 313 CYS n 
1 314 LEU n 
1 315 GLU n 
1 316 ALA n 
1 317 GLU n 
1 318 VAL n 
# 
_entity_src_gen.entity_id                          1 
_entity_src_gen.pdbx_src_id                        1 
_entity_src_gen.pdbx_alt_source_flag               sample 
_entity_src_gen.pdbx_seq_type                      'Biological sequence' 
_entity_src_gen.pdbx_beg_seq_num                   1 
_entity_src_gen.pdbx_end_seq_num                   318 
_entity_src_gen.gene_src_common_name               'house mouse' 
_entity_src_gen.gene_src_genus                     ? 
_entity_src_gen.pdbx_gene_src_gene                 'Lyve1, Crsbp1, Xlkd1' 
_entity_src_gen.gene_src_species                   ? 
_entity_src_gen.gene_src_strain                    ? 
_entity_src_gen.gene_src_tissue                    ? 
_entity_src_gen.gene_src_tissue_fraction           ? 
_entity_src_gen.gene_src_details                   ? 
_entity_src_gen.pdbx_gene_src_fragment             ? 
_entity_src_gen.pdbx_gene_src_scientific_name      'Mus musculus' 
_entity_src_gen.pdbx_gene_src_ncbi_taxonomy_id     10090 
_entity_src_gen.pdbx_gene_src_variant              ? 
_entity_src_gen.pdbx_gene_src_cell_line            ? 
_entity_src_gen.pdbx_gene_src_atcc                 ? 
_entity_src_gen.pdbx_gene_src_organ                ? 
_entity_src_gen.pdbx_gene_src_organelle            ? 
_entity_src_gen.pdbx_gene_src_cell                 ? 
_entity_src_gen.pdbx_gene_src_cellular_location    ? 
_entity_src_gen.host_org_common_name               ? 
_entity_src_gen.pdbx_host_org_scientific_name      'Cricetulus griseus' 
_entity_src_gen.pdbx_host_org_ncbi_taxonomy_id     10029 
_entity_src_gen.host_org_genus                     ? 
_entity_src_gen.pdbx_host_org_gene                 ? 
_entity_src_gen.pdbx_host_org_organ                ? 
_entity_src_gen.host_org_species                   ? 
_entity_src_gen.pdbx_host_org_tissue               ? 
_entity_src_gen.pdbx_host_org_tissue_fraction      ? 
_entity_src_gen.pdbx_host_org_strain               ? 
_entity_src_gen.pdbx_host_org_variant              ? 
_entity_src_gen.pdbx_host_org_cell_line            'CHO K1' 
_entity_src_gen.pdbx_host_org_atcc                 ? 
_entity_src_gen.pdbx_host_org_culture_collection   ? 
_entity_src_gen.pdbx_host_org_cell                 ? 
_entity_src_gen.pdbx_host_org_organelle            ? 
_entity_src_gen.pdbx_host_org_cellular_location    ? 
_entity_src_gen.pdbx_host_org_vector_type          Lentiviral 
_entity_src_gen.pdbx_host_org_vector               ? 
_entity_src_gen.host_org_details                   variant 
_entity_src_gen.expression_system_id               ? 
_entity_src_gen.plasmid_name                       'pHR SIN' 
_entity_src_gen.plasmid_details                    ? 
_entity_src_gen.pdbx_description                   ? 
# 
loop_
_chem_comp.id 
_chem_comp.type 
_chem_comp.mon_nstd_flag 
_chem_comp.name 
_chem_comp.pdbx_synonyms 
_chem_comp.formula 
_chem_comp.formula_weight 
ALA 'L-peptide linking'          y ALANINE                                  ? 'C3 H7 N O2'     89.093  
ARG 'L-peptide linking'          y ARGININE                                 ? 'C6 H15 N4 O2 1' 175.209 
ASN 'L-peptide linking'          y ASPARAGINE                               ? 'C4 H8 N2 O3'    132.118 
ASP 'L-peptide linking'          y 'ASPARTIC ACID'                          ? 'C4 H7 N O4'     133.103 
CYS 'L-peptide linking'          y CYSTEINE                                 ? 'C3 H7 N O2 S'   121.158 
GLN 'L-peptide linking'          y GLUTAMINE                                ? 'C5 H10 N2 O3'   146.144 
GLU 'L-peptide linking'          y 'GLUTAMIC ACID'                          ? 'C5 H9 N O4'     147.129 
GLY 'peptide linking'            y GLYCINE                                  ? 'C2 H5 N O2'     75.067  
HIS 'L-peptide linking'          y HISTIDINE                                ? 'C6 H10 N3 O2 1' 156.162 
HOH non-polymer                  . WATER                                    ? 'H2 O'           18.015  
ILE 'L-peptide linking'          y ISOLEUCINE                               ? 'C6 H13 N O2'    131.173 
LEU 'L-peptide linking'          y LEUCINE                                  ? 'C6 H13 N O2'    131.173 
LYS 'L-peptide linking'          y LYSINE                                   ? 'C6 H15 N2 O2 1' 147.195 
MET 'L-peptide linking'          y METHIONINE                               ? 'C5 H11 N O2 S'  149.211 
NAG 'D-saccharide, beta linking' . 2-acetamido-2-deoxy-beta-D-glucopyranose 
;N-acetyl-beta-D-glucosamine; 2-acetamido-2-deoxy-beta-D-glucose; 2-acetamido-2-deoxy-D-glucose; 2-acetamido-2-deoxy-glucose; N-ACETYL-D-GLUCOSAMINE
;
'C8 H15 N O6'    221.208 
PHE 'L-peptide linking'          y PHENYLALANINE                            ? 'C9 H11 N O2'    165.189 
PRO 'L-peptide linking'          y PROLINE                                  ? 'C5 H9 N O2'     115.130 
SER 'L-peptide linking'          y SERINE                                   ? 'C3 H7 N O3'     105.093 
THR 'L-peptide linking'          y THREONINE                                ? 'C4 H9 N O3'     119.119 
TRP 'L-peptide linking'          y TRYPTOPHAN                               ? 'C11 H12 N2 O2'  204.225 
TYR 'L-peptide linking'          y TYROSINE                                 ? 'C9 H11 N O3'    181.189 
VAL 'L-peptide linking'          y VALINE                                   ? 'C5 H11 N O2'    117.146 
# 
loop_
_pdbx_chem_comp_identifier.comp_id 
_pdbx_chem_comp_identifier.type 
_pdbx_chem_comp_identifier.program 
_pdbx_chem_comp_identifier.program_version 
_pdbx_chem_comp_identifier.identifier 
NAG 'CONDENSED IUPAC CARBOHYDRATE SYMBOL' GMML     1.0 DGlcpNAcb                      
NAG 'COMMON NAME'                         GMML     1.0 N-acetyl-b-D-glucopyranosamine 
NAG 'IUPAC CARBOHYDRATE SYMBOL'           PDB-CARE 1.0 b-D-GlcpNAc                    
NAG 'SNFG CARBOHYDRATE SYMBOL'            GMML     1.0 GlcNAc                         
# 
loop_
_pdbx_poly_seq_scheme.asym_id 
_pdbx_poly_seq_scheme.entity_id 
_pdbx_poly_seq_scheme.seq_id 
_pdbx_poly_seq_scheme.mon_id 
_pdbx_poly_seq_scheme.ndb_seq_num 
_pdbx_poly_seq_scheme.pdb_seq_num 
_pdbx_poly_seq_scheme.auth_seq_num 
_pdbx_poly_seq_scheme.pdb_mon_id 
_pdbx_poly_seq_scheme.auth_mon_id 
_pdbx_poly_seq_scheme.pdb_strand_id 
_pdbx_poly_seq_scheme.pdb_ins_code 
_pdbx_poly_seq_scheme.hetero 
A 1 1   MET 1   1   ?   ?   ?   A . n 
A 1 2   LEU 2   2   ?   ?   ?   A . n 
A 1 3   GLN 3   3   ?   ?   ?   A . n 
A 1 4   HIS 4   4   ?   ?   ?   A . n 
A 1 5   THR 5   5   ?   ?   ?   A . n 
A 1 6   SER 6   6   ?   ?   ?   A . n 
A 1 7   LEU 7   7   ?   ?   ?   A . n 
A 1 8   VAL 8   8   ?   ?   ?   A . n 
A 1 9   LEU 9   9   ?   ?   ?   A . n 
A 1 10  LEU 10  10  ?   ?   ?   A . n 
A 1 11  LEU 11  11  ?   ?   ?   A . n 
A 1 12  ALA 12  12  ?   ?   ?   A . n 
A 1 13  SER 13  13  ?   ?   ?   A . n 
A 1 14  ILE 14  14  ?   ?   ?   A . n 
A 1 15  TRP 15  15  ?   ?   ?   A . n 
A 1 16  THR 16  16  ?   ?   ?   A . n 
A 1 17  THR 17  17  ?   ?   ?   A . n 
A 1 18  ARG 18  18  ?   ?   ?   A . n 
A 1 19  HIS 19  19  ?   ?   ?   A . n 
A 1 20  PRO 20  20  ?   ?   ?   A . n 
A 1 21  VAL 21  21  ?   ?   ?   A . n 
A 1 22  GLN 22  22  ?   ?   ?   A . n 
A 1 23  GLY 23  23  ?   ?   ?   A . n 
A 1 24  ALA 24  24  ?   ?   ?   A . n 
A 1 25  ASP 25  25  ?   ?   ?   A . n 
A 1 26  LEU 26  26  ?   ?   ?   A . n 
A 1 27  VAL 27  27  ?   ?   ?   A . n 
A 1 28  GLN 28  28  ?   ?   ?   A . n 
A 1 29  ASP 29  29  29  ASP ASP A . n 
A 1 30  LEU 30  30  30  LEU LEU A . n 
A 1 31  SER 31  31  31  SER SER A . n 
A 1 32  ILE 32  32  32  ILE ILE A . n 
A 1 33  SER 33  33  33  SER SER A . n 
A 1 34  THR 34  34  34  THR THR A . n 
A 1 35  CYS 35  35  35  CYS CYS A . n 
A 1 36  ARG 36  36  36  ARG ARG A . n 
A 1 37  ILE 37  37  37  ILE ILE A . n 
A 1 38  MET 38  38  38  MET MET A . n 
A 1 39  GLY 39  39  39  GLY GLY A . n 
A 1 40  VAL 40  40  40  VAL VAL A . n 
A 1 41  ALA 41  41  41  ALA ALA A . n 
A 1 42  LEU 42  42  42  LEU LEU A . n 
A 1 43  VAL 43  43  43  VAL VAL A . n 
A 1 44  GLY 44  44  44  GLY GLY A . n 
A 1 45  ARG 45  45  45  ARG ARG A . n 
A 1 46  ASN 46  46  46  ASN ASN A . n 
A 1 47  LYS 47  47  47  LYS LYS A . n 
A 1 48  ASN 48  48  48  ASN ASN A . n 
A 1 49  PRO 49  49  49  PRO PRO A . n 
A 1 50  GLN 50  50  50  GLN GLN A . n 
A 1 51  MET 51  51  51  MET MET A . n 
A 1 52  ASN 52  52  52  ASN ASN A . n 
A 1 53  PHE 53  53  53  PHE PHE A . n 
A 1 54  THR 54  54  54  THR THR A . n 
A 1 55  GLU 55  55  55  GLU GLU A . n 
A 1 56  ALA 56  56  56  ALA ALA A . n 
A 1 57  ASN 57  57  57  ASN ASN A . n 
A 1 58  GLU 58  58  58  GLU GLU A . n 
A 1 59  ALA 59  59  59  ALA ALA A . n 
A 1 60  CYS 60  60  60  CYS CYS A . n 
A 1 61  LYS 61  61  61  LYS LYS A . n 
A 1 62  MET 62  62  62  MET MET A . n 
A 1 63  LEU 63  63  63  LEU LEU A . n 
A 1 64  GLY 64  64  64  GLY GLY A . n 
A 1 65  LEU 65  65  65  LEU LEU A . n 
A 1 66  THR 66  66  66  THR THR A . n 
A 1 67  LEU 67  67  67  LEU LEU A . n 
A 1 68  ALA 68  68  68  ALA ALA A . n 
A 1 69  SER 69  69  69  SER SER A . n 
A 1 70  ARG 70  70  70  ARG ARG A . n 
A 1 71  ASP 71  71  71  ASP ASP A . n 
A 1 72  GLN 72  72  72  GLN GLN A . n 
A 1 73  VAL 73  73  73  VAL VAL A . n 
A 1 74  GLU 74  74  74  GLU GLU A . n 
A 1 75  SER 75  75  75  SER SER A . n 
A 1 76  ALA 76  76  76  ALA ALA A . n 
A 1 77  GLN 77  77  77  GLN GLN A . n 
A 1 78  LYS 78  78  78  LYS LYS A . n 
A 1 79  SER 79  79  79  SER SER A . n 
A 1 80  GLY 80  80  80  GLY GLY A . n 
A 1 81  PHE 81  81  81  PHE PHE A . n 
A 1 82  GLU 82  82  82  GLU GLU A . n 
A 1 83  THR 83  83  83  THR THR A . n 
A 1 84  CYS 84  84  84  CYS CYS A . n 
A 1 85  SER 85  85  85  SER SER A . n 
A 1 86  TYR 86  86  86  TYR TYR A . n 
A 1 87  GLY 87  87  87  GLY GLY A . n 
A 1 88  TRP 88  88  88  TRP TRP A . n 
A 1 89  VAL 89  89  89  VAL VAL A . n 
A 1 90  GLY 90  90  90  GLY GLY A . n 
A 1 91  GLU 91  91  91  GLU GLU A . n 
A 1 92  GLN 92  92  92  GLN GLN A . n 
A 1 93  PHE 93  93  93  PHE PHE A . n 
A 1 94  SER 94  94  94  SER SER A . n 
A 1 95  VAL 95  95  95  VAL VAL A . n 
A 1 96  ILE 96  96  96  ILE ILE A . n 
A 1 97  PRO 97  97  97  PRO PRO A . n 
A 1 98  ARG 98  98  98  ARG ARG A . n 
A 1 99  ILE 99  99  99  ILE ILE A . n 
A 1 100 PHE 100 100 100 PHE PHE A . n 
A 1 101 SER 101 101 101 SER SER A . n 
A 1 102 ASN 102 102 102 ASN ASN A . n 
A 1 103 PRO 103 103 103 PRO PRO A . n 
A 1 104 ARG 104 104 104 ARG ARG A . n 
A 1 105 CYS 105 105 105 CYS CYS A . n 
A 1 106 GLY 106 106 106 GLY GLY A . n 
A 1 107 LYS 107 107 107 LYS LYS A . n 
A 1 108 ASN 108 108 108 ASN ASN A . n 
A 1 109 GLY 109 109 109 GLY GLY A . n 
A 1 110 LYS 110 110 110 LYS LYS A . n 
A 1 111 GLY 111 111 111 GLY GLY A . n 
A 1 112 VAL 112 112 112 VAL VAL A . n 
A 1 113 LEU 113 113 113 LEU LEU A . n 
A 1 114 ILE 114 114 114 ILE ILE A . n 
A 1 115 TRP 115 115 115 TRP TRP A . n 
A 1 116 ASN 116 116 116 ASN ASN A . n 
A 1 117 ALA 117 117 117 ALA ALA A . n 
A 1 118 PRO 118 118 118 PRO PRO A . n 
A 1 119 SER 119 119 119 SER SER A . n 
A 1 120 SER 120 120 120 SER SER A . n 
A 1 121 GLN 121 121 121 GLN GLN A . n 
A 1 122 LYS 122 122 122 LYS LYS A . n 
A 1 123 PHE 123 123 123 PHE PHE A . n 
A 1 124 LYS 124 124 124 LYS LYS A . n 
A 1 125 ALA 125 125 125 ALA ALA A . n 
A 1 126 TYR 126 126 126 TYR TYR A . n 
A 1 127 CYS 127 127 127 CYS CYS A . n 
A 1 128 HIS 128 128 128 HIS HIS A . n 
A 1 129 ASN 129 129 129 ASN ASN A . n 
A 1 130 SER 130 130 130 SER SER A . n 
A 1 131 SER 131 131 131 SER SER A . n 
A 1 132 ASP 132 132 132 ASP ASP A . n 
A 1 133 THR 133 133 133 THR THR A . n 
A 1 134 TRP 134 134 134 TRP TRP A . n 
A 1 135 VAL 135 135 135 VAL VAL A . n 
A 1 136 ASN 136 136 136 ASN ASN A . n 
A 1 137 SER 137 137 137 SER SER A . n 
A 1 138 CYS 138 138 138 CYS CYS A . n 
A 1 139 ILE 139 139 139 ILE ILE A . n 
A 1 140 PRO 140 140 140 PRO PRO A . n 
A 1 141 GLU 141 141 141 GLU GLU A . n 
A 1 142 ILE 142 142 142 ILE ILE A . n 
A 1 143 VAL 143 143 143 VAL VAL A . n 
A 1 144 THR 144 144 ?   ?   ?   A . n 
A 1 145 THR 145 145 ?   ?   ?   A . n 
A 1 146 PHE 146 146 ?   ?   ?   A . n 
A 1 147 TYR 147 147 ?   ?   ?   A . n 
A 1 148 PRO 148 148 ?   ?   ?   A . n 
A 1 149 VAL 149 149 ?   ?   ?   A . n 
A 1 150 LEU 150 150 ?   ?   ?   A . n 
A 1 151 ASP 151 151 ?   ?   ?   A . n 
A 1 152 THR 152 152 ?   ?   ?   A . n 
A 1 153 GLN 153 153 ?   ?   ?   A . n 
A 1 154 THR 154 154 ?   ?   ?   A . n 
A 1 155 PRO 155 155 ?   ?   ?   A . n 
A 1 156 ALA 156 156 ?   ?   ?   A . n 
A 1 157 THR 157 157 ?   ?   ?   A . n 
A 1 158 GLU 158 158 ?   ?   ?   A . n 
A 1 159 PHE 159 159 ?   ?   ?   A . n 
A 1 160 SER 160 160 ?   ?   ?   A . n 
A 1 161 VAL 161 161 ?   ?   ?   A . n 
A 1 162 SER 162 162 ?   ?   ?   A . n 
A 1 163 SER 163 163 ?   ?   ?   A . n 
A 1 164 SER 164 164 ?   ?   ?   A . n 
A 1 165 ALA 165 165 ?   ?   ?   A . n 
A 1 166 TYR 166 166 ?   ?   ?   A . n 
A 1 167 LEU 167 167 ?   ?   ?   A . n 
A 1 168 ALA 168 168 ?   ?   ?   A . n 
A 1 169 SER 169 169 ?   ?   ?   A . n 
A 1 170 SER 170 170 ?   ?   ?   A . n 
A 1 171 PRO 171 171 ?   ?   ?   A . n 
A 1 172 ASP 172 172 ?   ?   ?   A . n 
A 1 173 SER 173 173 ?   ?   ?   A . n 
A 1 174 THR 174 174 ?   ?   ?   A . n 
A 1 175 THR 175 175 ?   ?   ?   A . n 
A 1 176 PRO 176 176 ?   ?   ?   A . n 
A 1 177 VAL 177 177 ?   ?   ?   A . n 
A 1 178 SER 178 178 ?   ?   ?   A . n 
A 1 179 ALA 179 179 ?   ?   ?   A . n 
A 1 180 THR 180 180 ?   ?   ?   A . n 
A 1 181 THR 181 181 ?   ?   ?   A . n 
A 1 182 ARG 182 182 ?   ?   ?   A . n 
A 1 183 ALA 183 183 ?   ?   ?   A . n 
A 1 184 PRO 184 184 ?   ?   ?   A . n 
A 1 185 PRO 185 185 ?   ?   ?   A . n 
A 1 186 LEU 186 186 ?   ?   ?   A . n 
A 1 187 THR 187 187 ?   ?   ?   A . n 
A 1 188 SER 188 188 ?   ?   ?   A . n 
A 1 189 MET 189 189 ?   ?   ?   A . n 
A 1 190 ALA 190 190 ?   ?   ?   A . n 
A 1 191 ARG 191 191 ?   ?   ?   A . n 
A 1 192 LYS 192 192 ?   ?   ?   A . n 
A 1 193 THR 193 193 ?   ?   ?   A . n 
A 1 194 LYS 194 194 ?   ?   ?   A . n 
A 1 195 LYS 195 195 ?   ?   ?   A . n 
A 1 196 ILE 196 196 ?   ?   ?   A . n 
A 1 197 CYS 197 197 ?   ?   ?   A . n 
A 1 198 ILE 198 198 ?   ?   ?   A . n 
A 1 199 THR 199 199 ?   ?   ?   A . n 
A 1 200 GLU 200 200 ?   ?   ?   A . n 
A 1 201 VAL 201 201 ?   ?   ?   A . n 
A 1 202 TYR 202 202 ?   ?   ?   A . n 
A 1 203 THR 203 203 ?   ?   ?   A . n 
A 1 204 GLU 204 204 ?   ?   ?   A . n 
A 1 205 PRO 205 205 ?   ?   ?   A . n 
A 1 206 ILE 206 206 ?   ?   ?   A . n 
A 1 207 THR 207 207 ?   ?   ?   A . n 
A 1 208 MET 208 208 ?   ?   ?   A . n 
A 1 209 ALA 209 209 ?   ?   ?   A . n 
A 1 210 THR 210 210 ?   ?   ?   A . n 
A 1 211 GLU 211 211 ?   ?   ?   A . n 
A 1 212 THR 212 212 ?   ?   ?   A . n 
A 1 213 GLU 213 213 ?   ?   ?   A . n 
A 1 214 ALA 214 214 ?   ?   ?   A . n 
A 1 215 PHE 215 215 ?   ?   ?   A . n 
A 1 216 VAL 216 216 ?   ?   ?   A . n 
A 1 217 ALA 217 217 ?   ?   ?   A . n 
A 1 218 SER 218 218 ?   ?   ?   A . n 
A 1 219 GLY 219 219 ?   ?   ?   A . n 
A 1 220 ALA 220 220 ?   ?   ?   A . n 
A 1 221 ALA 221 221 ?   ?   ?   A . n 
A 1 222 PHE 222 222 ?   ?   ?   A . n 
A 1 223 LYS 223 223 ?   ?   ?   A . n 
A 1 224 ASN 224 224 ?   ?   ?   A . n 
A 1 225 GLU 225 225 ?   ?   ?   A . n 
A 1 226 ALA 226 226 ?   ?   ?   A . n 
A 1 227 ALA 227 227 ?   ?   ?   A . n 
A 1 228 GLY 228 228 ?   ?   ?   A . n 
A 1 229 PHE 229 229 ?   ?   ?   A . n 
A 1 230 GLY 230 230 ?   ?   ?   A . n 
A 1 231 GLY 231 231 ?   ?   ?   A . n 
A 1 232 VAL 232 232 ?   ?   ?   A . n 
A 1 233 PRO 233 233 ?   ?   ?   A . n 
A 1 234 THR 234 234 ?   ?   ?   A . n 
A 1 235 ALA 235 235 ?   ?   ?   A . n 
A 1 236 LEU 236 236 ?   ?   ?   A . n 
A 1 237 LEU 237 237 ?   ?   ?   A . n 
A 1 238 VAL 238 238 ?   ?   ?   A . n 
A 1 239 LEU 239 239 ?   ?   ?   A . n 
A 1 240 ALA 240 240 ?   ?   ?   A . n 
A 1 241 LEU 241 241 ?   ?   ?   A . n 
A 1 242 LEU 242 242 ?   ?   ?   A . n 
A 1 243 PHE 243 243 ?   ?   ?   A . n 
A 1 244 PHE 244 244 ?   ?   ?   A . n 
A 1 245 GLY 245 245 ?   ?   ?   A . n 
A 1 246 ALA 246 246 ?   ?   ?   A . n 
A 1 247 ALA 247 247 ?   ?   ?   A . n 
A 1 248 ALA 248 248 ?   ?   ?   A . n 
A 1 249 VAL 249 249 ?   ?   ?   A . n 
A 1 250 LEU 250 250 ?   ?   ?   A . n 
A 1 251 ALA 251 251 ?   ?   ?   A . n 
A 1 252 VAL 252 252 ?   ?   ?   A . n 
A 1 253 CYS 253 253 ?   ?   ?   A . n 
A 1 254 TYR 254 254 ?   ?   ?   A . n 
A 1 255 VAL 255 255 ?   ?   ?   A . n 
A 1 256 LYS 256 256 ?   ?   ?   A . n 
A 1 257 ARG 257 257 ?   ?   ?   A . n 
A 1 258 TYR 258 258 ?   ?   ?   A . n 
A 1 259 VAL 259 259 ?   ?   ?   A . n 
A 1 260 LYS 260 260 ?   ?   ?   A . n 
A 1 261 ALA 261 261 ?   ?   ?   A . n 
A 1 262 PHE 262 262 ?   ?   ?   A . n 
A 1 263 PRO 263 263 ?   ?   ?   A . n 
A 1 264 PHE 264 264 ?   ?   ?   A . n 
A 1 265 THR 265 265 ?   ?   ?   A . n 
A 1 266 THR 266 266 ?   ?   ?   A . n 
A 1 267 LYS 267 267 ?   ?   ?   A . n 
A 1 268 ASN 268 268 ?   ?   ?   A . n 
A 1 269 GLN 269 269 ?   ?   ?   A . n 
A 1 270 GLN 270 270 ?   ?   ?   A . n 
A 1 271 LYS 271 271 ?   ?   ?   A . n 
A 1 272 GLU 272 272 ?   ?   ?   A . n 
A 1 273 MET 273 273 ?   ?   ?   A . n 
A 1 274 ILE 274 274 ?   ?   ?   A . n 
A 1 275 GLU 275 275 ?   ?   ?   A . n 
A 1 276 THR 276 276 ?   ?   ?   A . n 
A 1 277 LYS 277 277 ?   ?   ?   A . n 
A 1 278 VAL 278 278 ?   ?   ?   A . n 
A 1 279 VAL 279 279 ?   ?   ?   A . n 
A 1 280 LYS 280 280 ?   ?   ?   A . n 
A 1 281 GLU 281 281 ?   ?   ?   A . n 
A 1 282 GLU 282 282 ?   ?   ?   A . n 
A 1 283 LYS 283 283 ?   ?   ?   A . n 
A 1 284 ALA 284 284 ?   ?   ?   A . n 
A 1 285 ASP 285 285 ?   ?   ?   A . n 
A 1 286 ASP 286 286 ?   ?   ?   A . n 
A 1 287 VAL 287 287 ?   ?   ?   A . n 
A 1 288 ASN 288 288 ?   ?   ?   A . n 
A 1 289 ALA 289 289 ?   ?   ?   A . n 
A 1 290 ASN 290 290 ?   ?   ?   A . n 
A 1 291 GLU 291 291 ?   ?   ?   A . n 
A 1 292 GLU 292 292 ?   ?   ?   A . n 
A 1 293 SER 293 293 ?   ?   ?   A . n 
A 1 294 LYS 294 294 ?   ?   ?   A . n 
A 1 295 LYS 295 295 ?   ?   ?   A . n 
A 1 296 THR 296 296 ?   ?   ?   A . n 
A 1 297 ILE 297 297 ?   ?   ?   A . n 
A 1 298 LYS 298 298 ?   ?   ?   A . n 
A 1 299 ASN 299 299 ?   ?   ?   A . n 
A 1 300 PRO 300 300 ?   ?   ?   A . n 
A 1 301 GLU 301 301 ?   ?   ?   A . n 
A 1 302 GLU 302 302 ?   ?   ?   A . n 
A 1 303 ALA 303 303 ?   ?   ?   A . n 
A 1 304 LYS 304 304 ?   ?   ?   A . n 
A 1 305 SER 305 305 ?   ?   ?   A . n 
A 1 306 PRO 306 306 ?   ?   ?   A . n 
A 1 307 PRO 307 307 ?   ?   ?   A . n 
A 1 308 LYS 308 308 ?   ?   ?   A . n 
A 1 309 THR 309 309 ?   ?   ?   A . n 
A 1 310 THR 310 310 ?   ?   ?   A . n 
A 1 311 VAL 311 311 ?   ?   ?   A . n 
A 1 312 ARG 312 312 ?   ?   ?   A . n 
A 1 313 CYS 313 313 ?   ?   ?   A . n 
A 1 314 LEU 314 314 ?   ?   ?   A . n 
A 1 315 GLU 315 315 ?   ?   ?   A . n 
A 1 316 ALA 316 316 ?   ?   ?   A . n 
A 1 317 GLU 317 317 ?   ?   ?   A . n 
A 1 318 VAL 318 318 ?   ?   ?   A . n 
# 
loop_
_pdbx_nonpoly_scheme.asym_id 
_pdbx_nonpoly_scheme.entity_id 
_pdbx_nonpoly_scheme.mon_id 
_pdbx_nonpoly_scheme.ndb_seq_num 
_pdbx_nonpoly_scheme.pdb_seq_num 
_pdbx_nonpoly_scheme.auth_seq_num 
_pdbx_nonpoly_scheme.pdb_mon_id 
_pdbx_nonpoly_scheme.auth_mon_id 
_pdbx_nonpoly_scheme.pdb_strand_id 
_pdbx_nonpoly_scheme.pdb_ins_code 
B 2 NAG 1   401 201 NAG NAG A . 
C 2 NAG 1   402 202 NAG NAG A . 
D 3 HOH 1   501 16  HOH HOH A . 
D 3 HOH 2   502 83  HOH HOH A . 
D 3 HOH 3   503 97  HOH HOH A . 
D 3 HOH 4   504 80  HOH HOH A . 
D 3 HOH 5   505 93  HOH HOH A . 
D 3 HOH 6   506 40  HOH HOH A . 
D 3 HOH 7   507 116 HOH HOH A . 
D 3 HOH 8   508 85  HOH HOH A . 
D 3 HOH 9   509 126 HOH HOH A . 
D 3 HOH 10  510 46  HOH HOH A . 
D 3 HOH 11  511 81  HOH HOH A . 
D 3 HOH 12  512 14  HOH HOH A . 
D 3 HOH 13  513 7   HOH HOH A . 
D 3 HOH 14  514 10  HOH HOH A . 
D 3 HOH 15  515 15  HOH HOH A . 
D 3 HOH 16  516 86  HOH HOH A . 
D 3 HOH 17  517 107 HOH HOH A . 
D 3 HOH 18  518 117 HOH HOH A . 
D 3 HOH 19  519 98  HOH HOH A . 
D 3 HOH 20  520 29  HOH HOH A . 
D 3 HOH 21  521 38  HOH HOH A . 
D 3 HOH 22  522 11  HOH HOH A . 
D 3 HOH 23  523 75  HOH HOH A . 
D 3 HOH 24  524 1   HOH HOH A . 
D 3 HOH 25  525 18  HOH HOH A . 
D 3 HOH 26  526 49  HOH HOH A . 
D 3 HOH 27  527 128 HOH HOH A . 
D 3 HOH 28  528 26  HOH HOH A . 
D 3 HOH 29  529 79  HOH HOH A . 
D 3 HOH 30  530 42  HOH HOH A . 
D 3 HOH 31  531 28  HOH HOH A . 
D 3 HOH 32  532 56  HOH HOH A . 
D 3 HOH 33  533 37  HOH HOH A . 
D 3 HOH 34  534 3   HOH HOH A . 
D 3 HOH 35  535 63  HOH HOH A . 
D 3 HOH 36  536 32  HOH HOH A . 
D 3 HOH 37  537 65  HOH HOH A . 
D 3 HOH 38  538 2   HOH HOH A . 
D 3 HOH 39  539 50  HOH HOH A . 
D 3 HOH 40  540 78  HOH HOH A . 
D 3 HOH 41  541 102 HOH HOH A . 
D 3 HOH 42  542 96  HOH HOH A . 
D 3 HOH 43  543 19  HOH HOH A . 
D 3 HOH 44  544 27  HOH HOH A . 
D 3 HOH 45  545 82  HOH HOH A . 
D 3 HOH 46  546 70  HOH HOH A . 
D 3 HOH 47  547 4   HOH HOH A . 
D 3 HOH 48  548 36  HOH HOH A . 
D 3 HOH 49  549 119 HOH HOH A . 
D 3 HOH 50  550 129 HOH HOH A . 
D 3 HOH 51  551 39  HOH HOH A . 
D 3 HOH 52  552 51  HOH HOH A . 
D 3 HOH 53  553 105 HOH HOH A . 
D 3 HOH 54  554 25  HOH HOH A . 
D 3 HOH 55  555 8   HOH HOH A . 
D 3 HOH 56  556 87  HOH HOH A . 
D 3 HOH 57  557 95  HOH HOH A . 
D 3 HOH 58  558 68  HOH HOH A . 
D 3 HOH 59  559 33  HOH HOH A . 
D 3 HOH 60  560 21  HOH HOH A . 
D 3 HOH 61  561 17  HOH HOH A . 
D 3 HOH 62  562 13  HOH HOH A . 
D 3 HOH 63  563 66  HOH HOH A . 
D 3 HOH 64  564 6   HOH HOH A . 
D 3 HOH 65  565 24  HOH HOH A . 
D 3 HOH 66  566 62  HOH HOH A . 
D 3 HOH 67  567 77  HOH HOH A . 
D 3 HOH 68  568 41  HOH HOH A . 
D 3 HOH 69  569 110 HOH HOH A . 
D 3 HOH 70  570 20  HOH HOH A . 
D 3 HOH 71  571 71  HOH HOH A . 
D 3 HOH 72  572 5   HOH HOH A . 
D 3 HOH 73  573 45  HOH HOH A . 
D 3 HOH 74  574 100 HOH HOH A . 
D 3 HOH 75  575 84  HOH HOH A . 
D 3 HOH 76  576 34  HOH HOH A . 
D 3 HOH 77  577 35  HOH HOH A . 
D 3 HOH 78  578 22  HOH HOH A . 
D 3 HOH 79  579 43  HOH HOH A . 
D 3 HOH 80  580 64  HOH HOH A . 
D 3 HOH 81  581 61  HOH HOH A . 
D 3 HOH 82  582 23  HOH HOH A . 
D 3 HOH 83  583 54  HOH HOH A . 
D 3 HOH 84  584 123 HOH HOH A . 
D 3 HOH 85  585 69  HOH HOH A . 
D 3 HOH 86  586 99  HOH HOH A . 
D 3 HOH 87  587 134 HOH HOH A . 
D 3 HOH 88  588 132 HOH HOH A . 
D 3 HOH 89  589 31  HOH HOH A . 
D 3 HOH 90  590 101 HOH HOH A . 
D 3 HOH 91  591 9   HOH HOH A . 
D 3 HOH 92  592 74  HOH HOH A . 
D 3 HOH 93  593 57  HOH HOH A . 
D 3 HOH 94  594 60  HOH HOH A . 
D 3 HOH 95  595 121 HOH HOH A . 
D 3 HOH 96  596 48  HOH HOH A . 
D 3 HOH 97  597 30  HOH HOH A . 
D 3 HOH 98  598 47  HOH HOH A . 
D 3 HOH 99  599 112 HOH HOH A . 
D 3 HOH 100 600 58  HOH HOH A . 
D 3 HOH 101 601 76  HOH HOH A . 
D 3 HOH 102 602 89  HOH HOH A . 
D 3 HOH 103 603 12  HOH HOH A . 
D 3 HOH 104 604 59  HOH HOH A . 
D 3 HOH 105 605 104 HOH HOH A . 
D 3 HOH 106 606 131 HOH HOH A . 
D 3 HOH 107 607 44  HOH HOH A . 
D 3 HOH 108 608 118 HOH HOH A . 
D 3 HOH 109 609 133 HOH HOH A . 
D 3 HOH 110 610 109 HOH HOH A . 
D 3 HOH 111 611 72  HOH HOH A . 
D 3 HOH 112 612 113 HOH HOH A . 
D 3 HOH 113 613 115 HOH HOH A . 
D 3 HOH 114 614 120 HOH HOH A . 
D 3 HOH 115 615 73  HOH HOH A . 
D 3 HOH 116 616 114 HOH HOH A . 
D 3 HOH 117 617 91  HOH HOH A . 
D 3 HOH 118 618 108 HOH HOH A . 
D 3 HOH 119 619 124 HOH HOH A . 
D 3 HOH 120 620 67  HOH HOH A . 
D 3 HOH 121 621 55  HOH HOH A . 
D 3 HOH 122 622 92  HOH HOH A . 
D 3 HOH 123 623 90  HOH HOH A . 
D 3 HOH 124 624 106 HOH HOH A . 
D 3 HOH 125 625 52  HOH HOH A . 
D 3 HOH 126 626 125 HOH HOH A . 
D 3 HOH 127 627 53  HOH HOH A . 
D 3 HOH 128 628 111 HOH HOH A . 
D 3 HOH 129 629 94  HOH HOH A . 
D 3 HOH 130 630 127 HOH HOH A . 
D 3 HOH 131 631 88  HOH HOH A . 
D 3 HOH 132 632 130 HOH HOH A . 
D 3 HOH 133 633 103 HOH HOH A . 
D 3 HOH 134 634 122 HOH HOH A . 
# 
loop_
_software.citation_id 
_software.classification 
_software.compiler_name 
_software.compiler_version 
_software.contact_author 
_software.contact_author_email 
_software.date 
_software.description 
_software.dependencies 
_software.hardware 
_software.language 
_software.location 
_software.mods 
_software.name 
_software.os 
_software.os_version 
_software.type 
_software.version 
_software.pdbx_ordinal 
? refinement       ? ? ? ? ? ? ? ? ? ? ? PHENIX   ? ? ? 1.21rc1_4899 1 
? 'data reduction' ? ? ? ? ? ? ? ? ? ? ? autoPROC ? ? ? 1.0.5        2 
? 'data scaling'   ? ? ? ? ? ? ? ? ? ? ? autoPROC ? ? ? 1.0.5        3 
? phasing          ? ? ? ? ? ? ? ? ? ? ? PHENIX   ? ? ? 1.18.2_3874  4 
? 'model building' ? ? ? ? ? ? ? ? ? ? ? Coot     ? ? ? 0.9.4.1      5 
# 
_cell.angle_alpha                  90.000 
_cell.angle_alpha_esd              ? 
_cell.angle_beta                   94.620 
_cell.angle_beta_esd               ? 
_cell.angle_gamma                  90.000 
_cell.angle_gamma_esd              ? 
_cell.entry_id                     8ORX 
_cell.details                      ? 
_cell.formula_units_Z              ? 
_cell.length_a                     31.370 
_cell.length_a_esd                 ? 
_cell.length_b                     58.320 
_cell.length_b_esd                 ? 
_cell.length_c                     52.350 
_cell.length_c_esd                 ? 
_cell.volume                       95463.054 
_cell.volume_esd                   ? 
_cell.Z_PDB                        4 
_cell.reciprocal_angle_alpha       ? 
_cell.reciprocal_angle_beta        ? 
_cell.reciprocal_angle_gamma       ? 
_cell.reciprocal_angle_alpha_esd   ? 
_cell.reciprocal_angle_beta_esd    ? 
_cell.reciprocal_angle_gamma_esd   ? 
_cell.reciprocal_length_a          ? 
_cell.reciprocal_length_b          ? 
_cell.reciprocal_length_c          ? 
_cell.reciprocal_length_a_esd      ? 
_cell.reciprocal_length_b_esd      ? 
_cell.reciprocal_length_c_esd      ? 
_cell.pdbx_unique_axis             ? 
_cell.pdbx_esd_method              ? 
# 
_symmetry.entry_id                         8ORX 
_symmetry.cell_setting                     ? 
_symmetry.Int_Tables_number                5 
_symmetry.space_group_name_Hall            'C 2y' 
_symmetry.space_group_name_H-M             'C 1 2 1' 
_symmetry.pdbx_full_space_group_name_H-M   ? 
# 
_exptl.absorpt_coefficient_mu     ? 
_exptl.absorpt_correction_T_max   ? 
_exptl.absorpt_correction_T_min   ? 
_exptl.absorpt_correction_type    ? 
_exptl.absorpt_process_details    ? 
_exptl.entry_id                   8ORX 
_exptl.crystals_number            1 
_exptl.details                    ? 
_exptl.method                     'X-RAY DIFFRACTION' 
_exptl.method_details             ? 
# 
_exptl_crystal.colour                       ? 
_exptl_crystal.density_diffrn               ? 
_exptl_crystal.density_Matthews             ? 
_exptl_crystal.density_method               ? 
_exptl_crystal.density_percent_sol          ? 
_exptl_crystal.description                  ? 
_exptl_crystal.F_000                        ? 
_exptl_crystal.id                           1 
_exptl_crystal.preparation                  ? 
_exptl_crystal.size_max                     ? 
_exptl_crystal.size_mid                     ? 
_exptl_crystal.size_min                     ? 
_exptl_crystal.size_rad                     ? 
_exptl_crystal.colour_lustre                ? 
_exptl_crystal.colour_modifier              ? 
_exptl_crystal.colour_primary               ? 
_exptl_crystal.density_meas                 ? 
_exptl_crystal.density_meas_esd             ? 
_exptl_crystal.density_meas_gt              ? 
_exptl_crystal.density_meas_lt              ? 
_exptl_crystal.density_meas_temp            ? 
_exptl_crystal.density_meas_temp_esd        ? 
_exptl_crystal.density_meas_temp_gt         ? 
_exptl_crystal.density_meas_temp_lt         ? 
_exptl_crystal.pdbx_crystal_image_url       ? 
_exptl_crystal.pdbx_crystal_image_format    ? 
_exptl_crystal.pdbx_mosaicity               ? 
_exptl_crystal.pdbx_mosaicity_esd           ? 
_exptl_crystal.pdbx_mosaic_method           ? 
_exptl_crystal.pdbx_mosaic_block_size       ? 
_exptl_crystal.pdbx_mosaic_block_size_esd   ? 
# 
_exptl_crystal_grow.apparatus       ? 
_exptl_crystal_grow.atmosphere      ? 
_exptl_crystal_grow.crystal_id      1 
_exptl_crystal_grow.details         ? 
_exptl_crystal_grow.method          'VAPOR DIFFUSION, SITTING DROP' 
_exptl_crystal_grow.method_ref      ? 
_exptl_crystal_grow.pH              6.5 
_exptl_crystal_grow.pressure        ? 
_exptl_crystal_grow.pressure_esd    ? 
_exptl_crystal_grow.seeding         ? 
_exptl_crystal_grow.seeding_ref     ? 
_exptl_crystal_grow.temp_details    ? 
_exptl_crystal_grow.temp_esd        ? 
_exptl_crystal_grow.time            ? 
_exptl_crystal_grow.pdbx_details    '25% PEG3350 0.1M bis-Tris. Protein concentration 17.6 mg/ml.' 
_exptl_crystal_grow.pdbx_pH_range   ? 
_exptl_crystal_grow.temp            293 
# 
_diffrn.ambient_environment              ? 
_diffrn.ambient_temp                     100 
_diffrn.ambient_temp_details             ? 
_diffrn.ambient_temp_esd                 ? 
_diffrn.crystal_id                       1 
_diffrn.crystal_support                  ? 
_diffrn.crystal_treatment                ? 
_diffrn.details                          ? 
_diffrn.id                               1 
_diffrn.ambient_pressure                 ? 
_diffrn.ambient_pressure_esd             ? 
_diffrn.ambient_pressure_gt              ? 
_diffrn.ambient_pressure_lt              ? 
_diffrn.ambient_temp_gt                  ? 
_diffrn.ambient_temp_lt                  ? 
_diffrn.pdbx_serial_crystal_experiment   N 
# 
_diffrn_detector.details                      ? 
_diffrn_detector.detector                     PIXEL 
_diffrn_detector.diffrn_id                    1 
_diffrn_detector.type                         'DECTRIS PILATUS 6M' 
_diffrn_detector.area_resol_mean              ? 
_diffrn_detector.dtime                        ? 
_diffrn_detector.pdbx_frames_total            ? 
_diffrn_detector.pdbx_collection_time_total   ? 
_diffrn_detector.pdbx_collection_date         2017-09-29 
_diffrn_detector.pdbx_frequency               ? 
_diffrn_detector.id                           ? 
_diffrn_detector.number_of_axes               ? 
# 
_diffrn_radiation.collimation                      ? 
_diffrn_radiation.diffrn_id                        1 
_diffrn_radiation.filter_edge                      ? 
_diffrn_radiation.inhomogeneity                    ? 
_diffrn_radiation.monochromator                    ? 
_diffrn_radiation.polarisn_norm                    ? 
_diffrn_radiation.polarisn_ratio                   ? 
_diffrn_radiation.probe                            ? 
_diffrn_radiation.type                             ? 
_diffrn_radiation.xray_symbol                      ? 
_diffrn_radiation.wavelength_id                    1 
_diffrn_radiation.pdbx_monochromatic_or_laue_m_l   M 
_diffrn_radiation.pdbx_wavelength_list             ? 
_diffrn_radiation.pdbx_wavelength                  ? 
_diffrn_radiation.pdbx_diffrn_protocol             'SINGLE WAVELENGTH' 
_diffrn_radiation.pdbx_analyzer                    ? 
_diffrn_radiation.pdbx_scattering_type             x-ray 
# 
_diffrn_radiation_wavelength.id           1 
_diffrn_radiation_wavelength.wavelength   0.9686 
_diffrn_radiation_wavelength.wt           1.0 
# 
_diffrn_source.current                     ? 
_diffrn_source.details                     ? 
_diffrn_source.diffrn_id                   1 
_diffrn_source.power                       ? 
_diffrn_source.size                        ? 
_diffrn_source.source                      SYNCHROTRON 
_diffrn_source.target                      ? 
_diffrn_source.type                        'DIAMOND BEAMLINE I24' 
_diffrn_source.voltage                     ? 
_diffrn_source.take-off_angle              ? 
_diffrn_source.pdbx_wavelength_list        0.9686 
_diffrn_source.pdbx_wavelength             ? 
_diffrn_source.pdbx_synchrotron_beamline   I24 
_diffrn_source.pdbx_synchrotron_site       Diamond 
# 
_reflns.B_iso_Wilson_estimate                          16.73 
_reflns.entry_id                                       8ORX 
_reflns.data_reduction_details                         ? 
_reflns.data_reduction_method                          ? 
_reflns.d_resolution_high                              1.54 
_reflns.d_resolution_low                               29.16 
_reflns.details                                        ? 
_reflns.limit_h_max                                    ? 
_reflns.limit_h_min                                    ? 
_reflns.limit_k_max                                    ? 
_reflns.limit_k_min                                    ? 
_reflns.limit_l_max                                    ? 
_reflns.limit_l_min                                    ? 
_reflns.number_all                                     ? 
_reflns.number_obs                                     18090 
_reflns.observed_criterion                             ? 
_reflns.observed_criterion_F_max                       ? 
_reflns.observed_criterion_F_min                       ? 
_reflns.observed_criterion_I_max                       ? 
_reflns.observed_criterion_I_min                       ? 
_reflns.observed_criterion_sigma_F                     ? 
_reflns.observed_criterion_sigma_I                     ? 
_reflns.percent_possible_obs                           100 
_reflns.R_free_details                                 ? 
_reflns.Rmerge_F_all                                   ? 
_reflns.Rmerge_F_obs                                   ? 
_reflns.Friedel_coverage                               ? 
_reflns.number_gt                                      ? 
_reflns.threshold_expression                           ? 
_reflns.pdbx_redundancy                                6.5 
_reflns.pdbx_netI_over_av_sigmaI                       ? 
_reflns.pdbx_netI_over_sigmaI                          16 
_reflns.pdbx_res_netI_over_av_sigmaI_2                 ? 
_reflns.pdbx_res_netI_over_sigmaI_2                    ? 
_reflns.pdbx_chi_squared                               ? 
_reflns.pdbx_scaling_rejects                           ? 
_reflns.pdbx_d_res_high_opt                            ? 
_reflns.pdbx_d_res_low_opt                             ? 
_reflns.pdbx_d_res_opt_method                          ? 
_reflns.phase_calculation_details                      ? 
_reflns.pdbx_Rrim_I_all                                0.067 
_reflns.pdbx_Rpim_I_all                                ? 
_reflns.pdbx_d_opt                                     ? 
_reflns.pdbx_number_measured_all                       ? 
_reflns.pdbx_diffrn_id                                 1 
_reflns.pdbx_ordinal                                   1 
_reflns.pdbx_CC_half                                   1.0 
_reflns.pdbx_CC_star                                   ? 
_reflns.pdbx_R_split                                   ? 
_reflns.pdbx_Rmerge_I_obs                              ? 
_reflns.pdbx_Rmerge_I_all                              ? 
_reflns.pdbx_Rsym_value                                ? 
_reflns.pdbx_CC_split_method                           ? 
_reflns.pdbx_aniso_diffraction_limit_axis_1_ortho[1]   ? 
_reflns.pdbx_aniso_diffraction_limit_axis_1_ortho[2]   ? 
_reflns.pdbx_aniso_diffraction_limit_axis_1_ortho[3]   ? 
_reflns.pdbx_aniso_diffraction_limit_axis_2_ortho[1]   ? 
_reflns.pdbx_aniso_diffraction_limit_axis_2_ortho[2]   ? 
_reflns.pdbx_aniso_diffraction_limit_axis_2_ortho[3]   ? 
_reflns.pdbx_aniso_diffraction_limit_axis_3_ortho[1]   ? 
_reflns.pdbx_aniso_diffraction_limit_axis_3_ortho[2]   ? 
_reflns.pdbx_aniso_diffraction_limit_axis_3_ortho[3]   ? 
_reflns.pdbx_aniso_diffraction_limit_1                 ? 
_reflns.pdbx_aniso_diffraction_limit_2                 ? 
_reflns.pdbx_aniso_diffraction_limit_3                 ? 
_reflns.pdbx_aniso_B_tensor_eigenvector_1_ortho[1]     ? 
_reflns.pdbx_aniso_B_tensor_eigenvector_1_ortho[2]     ? 
_reflns.pdbx_aniso_B_tensor_eigenvector_1_ortho[3]     ? 
_reflns.pdbx_aniso_B_tensor_eigenvector_2_ortho[1]     ? 
_reflns.pdbx_aniso_B_tensor_eigenvector_2_ortho[2]     ? 
_reflns.pdbx_aniso_B_tensor_eigenvector_2_ortho[3]     ? 
_reflns.pdbx_aniso_B_tensor_eigenvector_3_ortho[1]     ? 
_reflns.pdbx_aniso_B_tensor_eigenvector_3_ortho[2]     ? 
_reflns.pdbx_aniso_B_tensor_eigenvector_3_ortho[3]     ? 
_reflns.pdbx_aniso_B_tensor_eigenvalue_1               ? 
_reflns.pdbx_aniso_B_tensor_eigenvalue_2               ? 
_reflns.pdbx_aniso_B_tensor_eigenvalue_3               ? 
_reflns.pdbx_orthogonalization_convention              ? 
_reflns.pdbx_percent_possible_ellipsoidal              ? 
_reflns.pdbx_percent_possible_spherical                ? 
_reflns.pdbx_percent_possible_ellipsoidal_anomalous    ? 
_reflns.pdbx_percent_possible_spherical_anomalous      ? 
_reflns.pdbx_redundancy_anomalous                      ? 
_reflns.pdbx_CC_half_anomalous                         ? 
_reflns.pdbx_absDiff_over_sigma_anomalous              ? 
_reflns.pdbx_percent_possible_anomalous                ? 
_reflns.pdbx_observed_signal_threshold                 ? 
_reflns.pdbx_signal_type                               ? 
_reflns.pdbx_signal_details                            ? 
_reflns.pdbx_signal_software_id                        ? 
# 
_reflns_shell.d_res_high                                    1.54 
_reflns_shell.d_res_low                                     1.64 
_reflns_shell.meanI_over_sigI_all                           ? 
_reflns_shell.meanI_over_sigI_obs                           ? 
_reflns_shell.number_measured_all                           ? 
_reflns_shell.number_measured_obs                           ? 
_reflns_shell.number_possible                               ? 
_reflns_shell.number_unique_all                             ? 
_reflns_shell.number_unique_obs                             2315 
_reflns_shell.percent_possible_obs                          ? 
_reflns_shell.Rmerge_F_all                                  ? 
_reflns_shell.Rmerge_F_obs                                  ? 
_reflns_shell.meanI_over_sigI_gt                            ? 
_reflns_shell.meanI_over_uI_all                             ? 
_reflns_shell.meanI_over_uI_gt                              ? 
_reflns_shell.number_measured_gt                            ? 
_reflns_shell.number_unique_gt                              ? 
_reflns_shell.percent_possible_gt                           ? 
_reflns_shell.Rmerge_F_gt                                   ? 
_reflns_shell.Rmerge_I_gt                                   ? 
_reflns_shell.pdbx_redundancy                               ? 
_reflns_shell.pdbx_chi_squared                              ? 
_reflns_shell.pdbx_netI_over_sigmaI_all                     ? 
_reflns_shell.pdbx_netI_over_sigmaI_obs                     ? 
_reflns_shell.pdbx_Rrim_I_all                               ? 
_reflns_shell.pdbx_Rpim_I_all                               ? 
_reflns_shell.pdbx_rejects                                  ? 
_reflns_shell.pdbx_ordinal                                  1 
_reflns_shell.pdbx_diffrn_id                                1 
_reflns_shell.pdbx_CC_half                                  0.8 
_reflns_shell.pdbx_CC_star                                  ? 
_reflns_shell.pdbx_R_split                                  ? 
_reflns_shell.percent_possible_all                          ? 
_reflns_shell.Rmerge_I_all                                  ? 
_reflns_shell.Rmerge_I_obs                                  ? 
_reflns_shell.pdbx_Rsym_value                               ? 
_reflns_shell.pdbx_percent_possible_ellipsoidal             ? 
_reflns_shell.pdbx_percent_possible_spherical               ? 
_reflns_shell.pdbx_percent_possible_ellipsoidal_anomalous   ? 
_reflns_shell.pdbx_percent_possible_spherical_anomalous     ? 
_reflns_shell.pdbx_redundancy_anomalous                     ? 
_reflns_shell.pdbx_CC_half_anomalous                        ? 
_reflns_shell.pdbx_absDiff_over_sigma_anomalous             ? 
_reflns_shell.pdbx_percent_possible_anomalous               ? 
# 
_refine.aniso_B[1][1]                            ? 
_refine.aniso_B[1][2]                            ? 
_refine.aniso_B[1][3]                            ? 
_refine.aniso_B[2][2]                            ? 
_refine.aniso_B[2][3]                            ? 
_refine.aniso_B[3][3]                            ? 
_refine.B_iso_max                                ? 
_refine.B_iso_mean                               20.01 
_refine.B_iso_min                                ? 
_refine.correlation_coeff_Fo_to_Fc               ? 
_refine.correlation_coeff_Fo_to_Fc_free          ? 
_refine.details                                  ? 
_refine.diff_density_max                         ? 
_refine.diff_density_max_esd                     ? 
_refine.diff_density_min                         ? 
_refine.diff_density_min_esd                     ? 
_refine.diff_density_rms                         ? 
_refine.diff_density_rms_esd                     ? 
_refine.entry_id                                 8ORX 
_refine.pdbx_refine_id                           'X-RAY DIFFRACTION' 
_refine.ls_abs_structure_details                 ? 
_refine.ls_abs_structure_Flack                   ? 
_refine.ls_abs_structure_Flack_esd               ? 
_refine.ls_abs_structure_Rogers                  ? 
_refine.ls_abs_structure_Rogers_esd              ? 
_refine.ls_d_res_high                            1.54 
_refine.ls_d_res_low                             29.16 
_refine.ls_extinction_coef                       ? 
_refine.ls_extinction_coef_esd                   ? 
_refine.ls_extinction_expression                 ? 
_refine.ls_extinction_method                     ? 
_refine.ls_goodness_of_fit_all                   ? 
_refine.ls_goodness_of_fit_all_esd               ? 
_refine.ls_goodness_of_fit_obs                   ? 
_refine.ls_goodness_of_fit_obs_esd               ? 
_refine.ls_hydrogen_treatment                    ? 
_refine.ls_matrix_type                           ? 
_refine.ls_number_constraints                    ? 
_refine.ls_number_parameters                     ? 
_refine.ls_number_reflns_all                     ? 
_refine.ls_number_reflns_obs                     13957 
_refine.ls_number_reflns_R_free                  775 
_refine.ls_number_reflns_R_work                  13182 
_refine.ls_number_restraints                     ? 
_refine.ls_percent_reflns_obs                    99.90 
_refine.ls_percent_reflns_R_free                 5.55 
_refine.ls_R_factor_all                          ? 
_refine.ls_R_factor_obs                          0.1706 
_refine.ls_R_factor_R_free                       0.1947 
_refine.ls_R_factor_R_free_error                 ? 
_refine.ls_R_factor_R_free_error_details         ? 
_refine.ls_R_factor_R_work                       0.1692 
_refine.ls_R_Fsqd_factor_obs                     ? 
_refine.ls_R_I_factor_obs                        ? 
_refine.ls_redundancy_reflns_all                 ? 
_refine.ls_redundancy_reflns_obs                 ? 
_refine.ls_restrained_S_all                      ? 
_refine.ls_restrained_S_obs                      ? 
_refine.ls_shift_over_esd_max                    ? 
_refine.ls_shift_over_esd_mean                   ? 
_refine.ls_structure_factor_coef                 ? 
_refine.ls_weighting_details                     ? 
_refine.ls_weighting_scheme                      ? 
_refine.ls_wR_factor_all                         ? 
_refine.ls_wR_factor_obs                         ? 
_refine.ls_wR_factor_R_free                      ? 
_refine.ls_wR_factor_R_work                      ? 
_refine.occupancy_max                            ? 
_refine.occupancy_min                            ? 
_refine.solvent_model_details                    'FLAT BULK SOLVENT MODEL' 
_refine.solvent_model_param_bsol                 ? 
_refine.solvent_model_param_ksol                 ? 
_refine.pdbx_R_complete                          ? 
_refine.ls_R_factor_gt                           ? 
_refine.ls_goodness_of_fit_gt                    ? 
_refine.ls_goodness_of_fit_ref                   ? 
_refine.ls_shift_over_su_max                     ? 
_refine.ls_shift_over_su_max_lt                  ? 
_refine.ls_shift_over_su_mean                    ? 
_refine.ls_shift_over_su_mean_lt                 ? 
_refine.pdbx_ls_sigma_I                          ? 
_refine.pdbx_ls_sigma_F                          1.39 
_refine.pdbx_ls_sigma_Fsqd                       ? 
_refine.pdbx_data_cutoff_high_absF               ? 
_refine.pdbx_data_cutoff_high_rms_absF           ? 
_refine.pdbx_data_cutoff_low_absF                ? 
_refine.pdbx_isotropic_thermal_model             ? 
_refine.pdbx_ls_cross_valid_method               'FREE R-VALUE' 
_refine.pdbx_method_to_determine_struct          SAD 
_refine.pdbx_starting_model                      ? 
_refine.pdbx_stereochemistry_target_values       'GeoStd + Monomer Library + CDL v1.2' 
_refine.pdbx_R_Free_selection_details            ? 
_refine.pdbx_stereochem_target_val_spec_case     ? 
_refine.pdbx_overall_ESU_R                       ? 
_refine.pdbx_overall_ESU_R_Free                  ? 
_refine.pdbx_solvent_vdw_probe_radii             1.1000 
_refine.pdbx_solvent_ion_probe_radii             ? 
_refine.pdbx_solvent_shrinkage_radii             0.9000 
_refine.pdbx_real_space_R                        ? 
_refine.pdbx_density_correlation                 ? 
_refine.pdbx_pd_number_of_powder_patterns        ? 
_refine.pdbx_pd_number_of_points                 ? 
_refine.pdbx_pd_meas_number_of_points            ? 
_refine.pdbx_pd_proc_ls_prof_R_factor            ? 
_refine.pdbx_pd_proc_ls_prof_wR_factor           ? 
_refine.pdbx_pd_Marquardt_correlation_coeff      ? 
_refine.pdbx_pd_Fsqrd_R_factor                   ? 
_refine.pdbx_pd_ls_matrix_band_width             ? 
_refine.pdbx_overall_phase_error                 19.1028 
_refine.pdbx_overall_SU_R_free_Cruickshank_DPI   ? 
_refine.pdbx_overall_SU_R_free_Blow_DPI          ? 
_refine.pdbx_overall_SU_R_Blow_DPI               ? 
_refine.pdbx_TLS_residual_ADP_flag               ? 
_refine.pdbx_diffrn_id                           1 
_refine.overall_SU_B                             ? 
_refine.overall_SU_ML                            0.1449 
_refine.overall_SU_R_Cruickshank_DPI             ? 
_refine.overall_SU_R_free                        ? 
_refine.overall_FOM_free_R_set                   ? 
_refine.overall_FOM_work_R_set                   ? 
_refine.pdbx_average_fsc_overall                 ? 
_refine.pdbx_average_fsc_work                    ? 
_refine.pdbx_average_fsc_free                    ? 
# 
_refine_hist.pdbx_refine_id                   'X-RAY DIFFRACTION' 
_refine_hist.cycle_id                         LAST 
_refine_hist.details                          ? 
_refine_hist.d_res_high                       1.54 
_refine_hist.d_res_low                        29.16 
_refine_hist.number_atoms_solvent             134 
_refine_hist.number_atoms_total               1045 
_refine_hist.number_reflns_all                ? 
_refine_hist.number_reflns_obs                ? 
_refine_hist.number_reflns_R_free             ? 
_refine_hist.number_reflns_R_work             ? 
_refine_hist.R_factor_all                     ? 
_refine_hist.R_factor_obs                     ? 
_refine_hist.R_factor_R_free                  ? 
_refine_hist.R_factor_R_work                  ? 
_refine_hist.pdbx_number_residues_total       ? 
_refine_hist.pdbx_B_iso_mean_ligand           ? 
_refine_hist.pdbx_B_iso_mean_solvent          ? 
_refine_hist.pdbx_number_atoms_protein        883 
_refine_hist.pdbx_number_atoms_nucleic_acid   0 
_refine_hist.pdbx_number_atoms_ligand         28 
_refine_hist.pdbx_number_atoms_lipid          ? 
_refine_hist.pdbx_number_atoms_carb           ? 
_refine_hist.pdbx_pseudo_atom_details         ? 
# 
loop_
_refine_ls_restr.pdbx_refine_id 
_refine_ls_restr.criterion 
_refine_ls_restr.dev_ideal 
_refine_ls_restr.dev_ideal_target 
_refine_ls_restr.number 
_refine_ls_restr.rejects 
_refine_ls_restr.type 
_refine_ls_restr.weight 
_refine_ls_restr.pdbx_restraint_function 
'X-RAY DIFFRACTION' ? 0.0060  ? 929  ? f_bond_d           ? ? 
'X-RAY DIFFRACTION' ? 0.8574  ? 1255 ? f_angle_d          ? ? 
'X-RAY DIFFRACTION' ? 0.0518  ? 142  ? f_chiral_restr     ? ? 
'X-RAY DIFFRACTION' ? 0.0061  ? 160  ? f_plane_restr      ? ? 
'X-RAY DIFFRACTION' ? 12.5272 ? 330  ? f_dihedral_angle_d ? ? 
# 
loop_
_refine_ls_shell.pdbx_refine_id 
_refine_ls_shell.d_res_high 
_refine_ls_shell.d_res_low 
_refine_ls_shell.number_reflns_all 
_refine_ls_shell.number_reflns_obs 
_refine_ls_shell.number_reflns_R_free 
_refine_ls_shell.number_reflns_R_work 
_refine_ls_shell.percent_reflns_obs 
_refine_ls_shell.percent_reflns_R_free 
_refine_ls_shell.R_factor_all 
_refine_ls_shell.R_factor_obs 
_refine_ls_shell.R_factor_R_free_error 
_refine_ls_shell.R_factor_R_work 
_refine_ls_shell.redundancy_reflns_all 
_refine_ls_shell.redundancy_reflns_obs 
_refine_ls_shell.wR_factor_all 
_refine_ls_shell.wR_factor_obs 
_refine_ls_shell.wR_factor_R_free 
_refine_ls_shell.wR_factor_R_work 
_refine_ls_shell.pdbx_R_complete 
_refine_ls_shell.pdbx_total_number_of_bins_used 
_refine_ls_shell.pdbx_phase_error 
_refine_ls_shell.pdbx_fsc_work 
_refine_ls_shell.pdbx_fsc_free 
_refine_ls_shell.R_factor_R_free 
'X-RAY DIFFRACTION' 1.54 1.64  . . 152 2163 99.78  . . . . 0.2063 . . . . . . . . . . . 0.2472 
'X-RAY DIFFRACTION' 1.64 1.76  . . 138 2166 99.96  . . . . 0.1930 . . . . . . . . . . . 0.2269 
'X-RAY DIFFRACTION' 1.76 1.94  . . 127 2199 100.00 . . . . 0.1704 . . . . . . . . . . . 0.1906 
'X-RAY DIFFRACTION' 1.94 2.22  . . 113 2216 99.96  . . . . 0.1668 . . . . . . . . . . . 0.1980 
'X-RAY DIFFRACTION' 2.22 2.80  . . 113 2213 99.96  . . . . 0.1832 . . . . . . . . . . . 0.2088 
'X-RAY DIFFRACTION' 2.80 29.16 . . 132 2225 99.75  . . . . 0.1542 . . . . . . . . . . . 0.1759 
# 
_struct.entry_id                     8ORX 
_struct.title                        
'Structure of the murine LYVE-1 (lymphatic vessel endothelial receptor-1) hyaluronan binding domain in an unliganded state' 
_struct.pdbx_model_details           ? 
_struct.pdbx_formula_weight          ? 
_struct.pdbx_formula_weight_method   ? 
_struct.pdbx_model_type_details      ? 
_struct.pdbx_CASP_flag               N 
# 
_struct_keywords.entry_id        8ORX 
_struct_keywords.text            'Hyaluronan binding, cell migration, lymphatic system, CELL ADHESION' 
_struct_keywords.pdbx_keywords   'CELL ADHESION' 
# 
loop_
_struct_asym.id 
_struct_asym.pdbx_blank_PDB_chainid_flag 
_struct_asym.pdbx_modified 
_struct_asym.entity_id 
_struct_asym.details 
A N N 1 ? 
B N N 2 ? 
C N N 2 ? 
D N N 3 ? 
# 
_struct_ref.id                         1 
_struct_ref.db_name                    UNP 
_struct_ref.db_code                    LYVE1_MOUSE 
_struct_ref.pdbx_db_accession          Q8BHC0 
_struct_ref.pdbx_db_isoform            ? 
_struct_ref.entity_id                  1 
_struct_ref.pdbx_seq_one_letter_code   
;MLQHTSLVLLLASIWTTRHPVQGADLVQDLSISTCRIMGVALVGRNKNPQMNFTEANEACKMLGLTLASRDQVESAQKSG
FETCSYGWVGEQFSVIPRIFSNPRCGKNGKGVLIWNAPSSQKFKAYCHNSSDTWVNSCIPEIVTTFYPVLDTQTPATEFS
VSSSAYLASSPDSTTPVSATTRAPPLTSMARKTKKICITEVYTEPITMATETEAFVASGAAFKNEAAGFGGVPTALLVLA
LLFFGAAAVLAVCYVKRYVKAFPFTTKNQQKEMIETKVVKEEKADDVNANEESKKTIKNPEEAKSPPKTTVRCLEAEV
;
_struct_ref.pdbx_align_begin           1 
# 
_struct_ref_seq.align_id                      1 
_struct_ref_seq.ref_id                        1 
_struct_ref_seq.pdbx_PDB_id_code              8ORX 
_struct_ref_seq.pdbx_strand_id                A 
_struct_ref_seq.seq_align_beg                 1 
_struct_ref_seq.pdbx_seq_align_beg_ins_code   ? 
_struct_ref_seq.seq_align_end                 318 
_struct_ref_seq.pdbx_seq_align_end_ins_code   ? 
_struct_ref_seq.pdbx_db_accession             Q8BHC0 
_struct_ref_seq.db_align_beg                  1 
_struct_ref_seq.pdbx_db_align_beg_ins_code    ? 
_struct_ref_seq.db_align_end                  318 
_struct_ref_seq.pdbx_db_align_end_ins_code    ? 
_struct_ref_seq.pdbx_auth_seq_align_beg       1 
_struct_ref_seq.pdbx_auth_seq_align_end       318 
# 
_pdbx_struct_assembly.id                   1 
_pdbx_struct_assembly.details              author_defined_assembly 
_pdbx_struct_assembly.method_details       ? 
_pdbx_struct_assembly.oligomeric_details   monomeric 
_pdbx_struct_assembly.oligomeric_count     1 
# 
loop_
_pdbx_struct_assembly_prop.biol_id 
_pdbx_struct_assembly_prop.type 
_pdbx_struct_assembly_prop.value 
_pdbx_struct_assembly_prop.details 
1 'ABSA (A^2)' 590  ? 
1 MORE         8    ? 
1 'SSA (A^2)'  6820 ? 
# 
_pdbx_struct_assembly_gen.assembly_id       1 
_pdbx_struct_assembly_gen.oper_expression   1 
_pdbx_struct_assembly_gen.asym_id_list      A,B,C,D 
# 
_pdbx_struct_assembly_auth_evidence.id                     1 
_pdbx_struct_assembly_auth_evidence.assembly_id            1 
_pdbx_struct_assembly_auth_evidence.experimental_support   'assay for oligomerization' 
_pdbx_struct_assembly_auth_evidence.details                'Sedimentation velocity analytical ultracentrifugation' 
# 
_pdbx_struct_oper_list.id                   1 
_pdbx_struct_oper_list.type                 'identity operation' 
_pdbx_struct_oper_list.name                 1_555 
_pdbx_struct_oper_list.symmetry_operation   x,y,z 
_pdbx_struct_oper_list.matrix[1][1]         1.0000000000 
_pdbx_struct_oper_list.matrix[1][2]         0.0000000000 
_pdbx_struct_oper_list.matrix[1][3]         0.0000000000 
_pdbx_struct_oper_list.vector[1]            0.0000000000 
_pdbx_struct_oper_list.matrix[2][1]         0.0000000000 
_pdbx_struct_oper_list.matrix[2][2]         1.0000000000 
_pdbx_struct_oper_list.matrix[2][3]         0.0000000000 
_pdbx_struct_oper_list.vector[2]            0.0000000000 
_pdbx_struct_oper_list.matrix[3][1]         0.0000000000 
_pdbx_struct_oper_list.matrix[3][2]         0.0000000000 
_pdbx_struct_oper_list.matrix[3][3]         1.0000000000 
_pdbx_struct_oper_list.vector[3]            0.0000000000 
# 
loop_
_struct_conf.conf_type_id 
_struct_conf.id 
_struct_conf.pdbx_PDB_helix_id 
_struct_conf.beg_label_comp_id 
_struct_conf.beg_label_asym_id 
_struct_conf.beg_label_seq_id 
_struct_conf.pdbx_beg_PDB_ins_code 
_struct_conf.end_label_comp_id 
_struct_conf.end_label_asym_id 
_struct_conf.end_label_seq_id 
_struct_conf.pdbx_end_PDB_ins_code 
_struct_conf.beg_auth_comp_id 
_struct_conf.beg_auth_asym_id 
_struct_conf.beg_auth_seq_id 
_struct_conf.end_auth_comp_id 
_struct_conf.end_auth_asym_id 
_struct_conf.end_auth_seq_id 
_struct_conf.pdbx_PDB_helix_class 
_struct_conf.details 
_struct_conf.pdbx_PDB_helix_length 
HELX_P HELX_P1 AA1 ASN A 52 ? LEU A 63 ? ASN A 52 LEU A 63 1 ? 12 
HELX_P HELX_P2 AA2 SER A 69 ? SER A 79 ? SER A 69 SER A 79 1 ? 11 
# 
_struct_conf_type.id          HELX_P 
_struct_conf_type.criteria    ? 
_struct_conf_type.reference   ? 
# 
loop_
_struct_conn.id 
_struct_conn.conn_type_id 
_struct_conn.pdbx_leaving_atom_flag 
_struct_conn.pdbx_PDB_id 
_struct_conn.ptnr1_label_asym_id 
_struct_conn.ptnr1_label_comp_id 
_struct_conn.ptnr1_label_seq_id 
_struct_conn.ptnr1_label_atom_id 
_struct_conn.pdbx_ptnr1_label_alt_id 
_struct_conn.pdbx_ptnr1_PDB_ins_code 
_struct_conn.pdbx_ptnr1_standard_comp_id 
_struct_conn.ptnr1_symmetry 
_struct_conn.ptnr2_label_asym_id 
_struct_conn.ptnr2_label_comp_id 
_struct_conn.ptnr2_label_seq_id 
_struct_conn.ptnr2_label_atom_id 
_struct_conn.pdbx_ptnr2_label_alt_id 
_struct_conn.pdbx_ptnr2_PDB_ins_code 
_struct_conn.ptnr1_auth_asym_id 
_struct_conn.ptnr1_auth_comp_id 
_struct_conn.ptnr1_auth_seq_id 
_struct_conn.ptnr2_auth_asym_id 
_struct_conn.ptnr2_auth_comp_id 
_struct_conn.ptnr2_auth_seq_id 
_struct_conn.ptnr2_symmetry 
_struct_conn.pdbx_ptnr3_label_atom_id 
_struct_conn.pdbx_ptnr3_label_seq_id 
_struct_conn.pdbx_ptnr3_label_comp_id 
_struct_conn.pdbx_ptnr3_label_asym_id 
_struct_conn.pdbx_ptnr3_label_alt_id 
_struct_conn.pdbx_ptnr3_PDB_ins_code 
_struct_conn.details 
_struct_conn.pdbx_dist_value 
_struct_conn.pdbx_value_order 
_struct_conn.pdbx_role 
disulf1 disulf ?   ? A CYS 35  SG  ? ? ? 1_555 A CYS 138 SG ? ? A CYS 35  A CYS 138 1_555 ? ? ? ? ? ? ? 2.030 ? ?               
disulf2 disulf ?   ? A CYS 60  SG  ? ? ? 1_555 A CYS 127 SG ? ? A CYS 60  A CYS 127 1_555 ? ? ? ? ? ? ? 2.029 ? ?               
disulf3 disulf ?   ? A CYS 84  SG  ? ? ? 1_555 A CYS 105 SG ? ? A CYS 84  A CYS 105 1_555 ? ? ? ? ? ? ? 2.042 ? ?               
covale1 covale one ? A ASN 52  ND2 ? ? ? 1_555 B NAG .   C1 ? ? A ASN 52  A NAG 401 1_555 ? ? ? ? ? ? ? 1.446 ? N-Glycosylation 
covale2 covale one ? A ASN 129 ND2 ? ? ? 1_555 C NAG .   C1 ? ? A ASN 129 A NAG 402 1_555 ? ? ? ? ? ? ? 1.440 ? N-Glycosylation 
# 
loop_
_struct_conn_type.id 
_struct_conn_type.criteria 
_struct_conn_type.reference 
disulf ? ? 
covale ? ? 
# 
loop_
_pdbx_modification_feature.ordinal 
_pdbx_modification_feature.label_comp_id 
_pdbx_modification_feature.label_asym_id 
_pdbx_modification_feature.label_seq_id 
_pdbx_modification_feature.label_alt_id 
_pdbx_modification_feature.modified_residue_label_comp_id 
_pdbx_modification_feature.modified_residue_label_asym_id 
_pdbx_modification_feature.modified_residue_label_seq_id 
_pdbx_modification_feature.modified_residue_label_alt_id 
_pdbx_modification_feature.auth_comp_id 
_pdbx_modification_feature.auth_asym_id 
_pdbx_modification_feature.auth_seq_id 
_pdbx_modification_feature.PDB_ins_code 
_pdbx_modification_feature.symmetry 
_pdbx_modification_feature.modified_residue_auth_comp_id 
_pdbx_modification_feature.modified_residue_auth_asym_id 
_pdbx_modification_feature.modified_residue_auth_seq_id 
_pdbx_modification_feature.modified_residue_PDB_ins_code 
_pdbx_modification_feature.modified_residue_symmetry 
_pdbx_modification_feature.comp_id_linking_atom 
_pdbx_modification_feature.modified_residue_id_linking_atom 
_pdbx_modification_feature.modified_residue_id 
_pdbx_modification_feature.ref_pcm_id 
_pdbx_modification_feature.ref_comp_id 
_pdbx_modification_feature.type 
_pdbx_modification_feature.category 
1 NAG B .  ? ASN A 52  ? NAG A 401 ? 1_555 ASN A 52  ? 1_555 C1 ND2 ASN 1 NAG N-Glycosylation Carbohydrate       
2 NAG C .  ? ASN A 129 ? NAG A 402 ? 1_555 ASN A 129 ? 1_555 C1 ND2 ASN 1 NAG N-Glycosylation Carbohydrate       
3 CYS A 35 ? CYS A 138 ? CYS A 35  ? 1_555 CYS A 138 ? 1_555 SG SG  .   . .   None            'Disulfide bridge' 
4 CYS A 60 ? CYS A 127 ? CYS A 60  ? 1_555 CYS A 127 ? 1_555 SG SG  .   . .   None            'Disulfide bridge' 
5 CYS A 84 ? CYS A 105 ? CYS A 84  ? 1_555 CYS A 105 ? 1_555 SG SG  .   . .   None            'Disulfide bridge' 
# 
_struct_mon_prot_cis.pdbx_id                1 
_struct_mon_prot_cis.label_comp_id          ASN 
_struct_mon_prot_cis.label_seq_id           48 
_struct_mon_prot_cis.label_asym_id          A 
_struct_mon_prot_cis.label_alt_id           . 
_struct_mon_prot_cis.pdbx_PDB_ins_code      ? 
_struct_mon_prot_cis.auth_comp_id           ASN 
_struct_mon_prot_cis.auth_seq_id            48 
_struct_mon_prot_cis.auth_asym_id           A 
_struct_mon_prot_cis.pdbx_label_comp_id_2   PRO 
_struct_mon_prot_cis.pdbx_label_seq_id_2    49 
_struct_mon_prot_cis.pdbx_label_asym_id_2   A 
_struct_mon_prot_cis.pdbx_PDB_ins_code_2    ? 
_struct_mon_prot_cis.pdbx_auth_comp_id_2    PRO 
_struct_mon_prot_cis.pdbx_auth_seq_id_2     49 
_struct_mon_prot_cis.pdbx_auth_asym_id_2    A 
_struct_mon_prot_cis.pdbx_PDB_model_num     1 
_struct_mon_prot_cis.pdbx_omega_angle       3.78 
# 
loop_
_struct_sheet.id 
_struct_sheet.type 
_struct_sheet.number_strands 
_struct_sheet.details 
AA1 ? 4 ? 
AA2 ? 6 ? 
# 
loop_
_struct_sheet_order.sheet_id 
_struct_sheet_order.range_id_1 
_struct_sheet_order.range_id_2 
_struct_sheet_order.offset 
_struct_sheet_order.sense 
AA1 1 2 ? anti-parallel 
AA1 2 3 ? anti-parallel 
AA1 3 4 ? anti-parallel 
AA2 1 2 ? anti-parallel 
AA2 2 3 ? anti-parallel 
AA2 3 4 ? parallel      
AA2 4 5 ? anti-parallel 
AA2 5 6 ? anti-parallel 
# 
loop_
_struct_sheet_range.sheet_id 
_struct_sheet_range.id 
_struct_sheet_range.beg_label_comp_id 
_struct_sheet_range.beg_label_asym_id 
_struct_sheet_range.beg_label_seq_id 
_struct_sheet_range.pdbx_beg_PDB_ins_code 
_struct_sheet_range.end_label_comp_id 
_struct_sheet_range.end_label_asym_id 
_struct_sheet_range.end_label_seq_id 
_struct_sheet_range.pdbx_end_PDB_ins_code 
_struct_sheet_range.beg_auth_comp_id 
_struct_sheet_range.beg_auth_asym_id 
_struct_sheet_range.beg_auth_seq_id 
_struct_sheet_range.end_auth_comp_id 
_struct_sheet_range.end_auth_asym_id 
_struct_sheet_range.end_auth_seq_id 
AA1 1 LEU A 30  ? ILE A 32  ? LEU A 30  ILE A 32  
AA1 2 VAL A 40  ? ARG A 45  ? VAL A 40  ARG A 45  
AA1 3 LYS A 124 ? HIS A 128 ? LYS A 124 HIS A 128 
AA1 4 THR A 66  ? LEU A 67  ? THR A 66  LEU A 67  
AA2 1 LEU A 30  ? ILE A 32  ? LEU A 30  ILE A 32  
AA2 2 VAL A 40  ? ARG A 45  ? VAL A 40  ARG A 45  
AA2 3 LYS A 124 ? HIS A 128 ? LYS A 124 HIS A 128 
AA2 4 GLY A 87  ? VAL A 89  ? GLY A 87  VAL A 89  
AA2 5 PHE A 93  ? ARG A 98  ? PHE A 93  ARG A 98  
AA2 6 GLY A 111 ? TRP A 115 ? GLY A 111 TRP A 115 
# 
loop_
_pdbx_struct_sheet_hbond.sheet_id 
_pdbx_struct_sheet_hbond.range_id_1 
_pdbx_struct_sheet_hbond.range_id_2 
_pdbx_struct_sheet_hbond.range_1_label_atom_id 
_pdbx_struct_sheet_hbond.range_1_label_comp_id 
_pdbx_struct_sheet_hbond.range_1_label_asym_id 
_pdbx_struct_sheet_hbond.range_1_label_seq_id 
_pdbx_struct_sheet_hbond.range_1_PDB_ins_code 
_pdbx_struct_sheet_hbond.range_1_auth_atom_id 
_pdbx_struct_sheet_hbond.range_1_auth_comp_id 
_pdbx_struct_sheet_hbond.range_1_auth_asym_id 
_pdbx_struct_sheet_hbond.range_1_auth_seq_id 
_pdbx_struct_sheet_hbond.range_2_label_atom_id 
_pdbx_struct_sheet_hbond.range_2_label_comp_id 
_pdbx_struct_sheet_hbond.range_2_label_asym_id 
_pdbx_struct_sheet_hbond.range_2_label_seq_id 
_pdbx_struct_sheet_hbond.range_2_PDB_ins_code 
_pdbx_struct_sheet_hbond.range_2_auth_atom_id 
_pdbx_struct_sheet_hbond.range_2_auth_comp_id 
_pdbx_struct_sheet_hbond.range_2_auth_asym_id 
_pdbx_struct_sheet_hbond.range_2_auth_seq_id 
AA1 1 2 N SER A 31  ? N SER A 31  O GLY A 44  ? O GLY A 44  
AA1 2 3 N VAL A 43  ? N VAL A 43  O ALA A 125 ? O ALA A 125 
AA1 3 4 O HIS A 128 ? O HIS A 128 N THR A 66  ? N THR A 66  
AA2 1 2 N SER A 31  ? N SER A 31  O GLY A 44  ? O GLY A 44  
AA2 2 3 N VAL A 43  ? N VAL A 43  O ALA A 125 ? O ALA A 125 
AA2 3 4 O LYS A 124 ? O LYS A 124 N TRP A 88  ? N TRP A 88  
AA2 4 5 N GLY A 87  ? N GLY A 87  O VAL A 95  ? O VAL A 95  
AA2 5 6 N SER A 94  ? N SER A 94  O TRP A 115 ? O TRP A 115 
# 
_pdbx_entry_details.entry_id                   8ORX 
_pdbx_entry_details.nonpolymer_details         ? 
_pdbx_entry_details.sequence_details           ? 
_pdbx_entry_details.compound_details           ? 
_pdbx_entry_details.source_details             ? 
_pdbx_entry_details.has_ligand_of_interest     N 
_pdbx_entry_details.has_protein_modification   Y 
# 
loop_
_pdbx_validate_torsion.id 
_pdbx_validate_torsion.PDB_model_num 
_pdbx_validate_torsion.auth_comp_id 
_pdbx_validate_torsion.auth_asym_id 
_pdbx_validate_torsion.auth_seq_id 
_pdbx_validate_torsion.PDB_ins_code 
_pdbx_validate_torsion.label_alt_id 
_pdbx_validate_torsion.phi 
_pdbx_validate_torsion.psi 
1 1 GLN A 50  ? ? -82.42  -147.53 
2 1 THR A 133 ? ? -132.04 -34.51  
# 
_pdbx_struct_special_symmetry.id              1 
_pdbx_struct_special_symmetry.PDB_model_num   1 
_pdbx_struct_special_symmetry.auth_asym_id    A 
_pdbx_struct_special_symmetry.auth_comp_id    HOH 
_pdbx_struct_special_symmetry.auth_seq_id     506 
_pdbx_struct_special_symmetry.PDB_ins_code    ? 
_pdbx_struct_special_symmetry.label_asym_id   D 
_pdbx_struct_special_symmetry.label_comp_id   HOH 
_pdbx_struct_special_symmetry.label_seq_id    . 
# 
loop_
_space_group_symop.id 
_space_group_symop.operation_xyz 
1 x,y,z           
2 -x,y,-z         
3 x+1/2,y+1/2,z   
4 -x+1/2,y+1/2,-z 
# 
loop_
_pdbx_unobs_or_zero_occ_residues.id 
_pdbx_unobs_or_zero_occ_residues.PDB_model_num 
_pdbx_unobs_or_zero_occ_residues.polymer_flag 
_pdbx_unobs_or_zero_occ_residues.occupancy_flag 
_pdbx_unobs_or_zero_occ_residues.auth_asym_id 
_pdbx_unobs_or_zero_occ_residues.auth_comp_id 
_pdbx_unobs_or_zero_occ_residues.auth_seq_id 
_pdbx_unobs_or_zero_occ_residues.PDB_ins_code 
_pdbx_unobs_or_zero_occ_residues.label_asym_id 
_pdbx_unobs_or_zero_occ_residues.label_comp_id 
_pdbx_unobs_or_zero_occ_residues.label_seq_id 
1   1 Y 1 A MET 1   ? A MET 1   
2   1 Y 1 A LEU 2   ? A LEU 2   
3   1 Y 1 A GLN 3   ? A GLN 3   
4   1 Y 1 A HIS 4   ? A HIS 4   
5   1 Y 1 A THR 5   ? A THR 5   
6   1 Y 1 A SER 6   ? A SER 6   
7   1 Y 1 A LEU 7   ? A LEU 7   
8   1 Y 1 A VAL 8   ? A VAL 8   
9   1 Y 1 A LEU 9   ? A LEU 9   
10  1 Y 1 A LEU 10  ? A LEU 10  
11  1 Y 1 A LEU 11  ? A LEU 11  
12  1 Y 1 A ALA 12  ? A ALA 12  
13  1 Y 1 A SER 13  ? A SER 13  
14  1 Y 1 A ILE 14  ? A ILE 14  
15  1 Y 1 A TRP 15  ? A TRP 15  
16  1 Y 1 A THR 16  ? A THR 16  
17  1 Y 1 A THR 17  ? A THR 17  
18  1 Y 1 A ARG 18  ? A ARG 18  
19  1 Y 1 A HIS 19  ? A HIS 19  
20  1 Y 1 A PRO 20  ? A PRO 20  
21  1 Y 1 A VAL 21  ? A VAL 21  
22  1 Y 1 A GLN 22  ? A GLN 22  
23  1 Y 1 A GLY 23  ? A GLY 23  
24  1 Y 1 A ALA 24  ? A ALA 24  
25  1 Y 1 A ASP 25  ? A ASP 25  
26  1 Y 1 A LEU 26  ? A LEU 26  
27  1 Y 1 A VAL 27  ? A VAL 27  
28  1 Y 1 A GLN 28  ? A GLN 28  
29  1 Y 1 A THR 144 ? A THR 144 
30  1 Y 1 A THR 145 ? A THR 145 
31  1 Y 1 A PHE 146 ? A PHE 146 
32  1 Y 1 A TYR 147 ? A TYR 147 
33  1 Y 1 A PRO 148 ? A PRO 148 
34  1 Y 1 A VAL 149 ? A VAL 149 
35  1 Y 1 A LEU 150 ? A LEU 150 
36  1 Y 1 A ASP 151 ? A ASP 151 
37  1 Y 1 A THR 152 ? A THR 152 
38  1 Y 1 A GLN 153 ? A GLN 153 
39  1 Y 1 A THR 154 ? A THR 154 
40  1 Y 1 A PRO 155 ? A PRO 155 
41  1 Y 1 A ALA 156 ? A ALA 156 
42  1 Y 1 A THR 157 ? A THR 157 
43  1 Y 1 A GLU 158 ? A GLU 158 
44  1 Y 1 A PHE 159 ? A PHE 159 
45  1 Y 1 A SER 160 ? A SER 160 
46  1 Y 1 A VAL 161 ? A VAL 161 
47  1 Y 1 A SER 162 ? A SER 162 
48  1 Y 1 A SER 163 ? A SER 163 
49  1 Y 1 A SER 164 ? A SER 164 
50  1 Y 1 A ALA 165 ? A ALA 165 
51  1 Y 1 A TYR 166 ? A TYR 166 
52  1 Y 1 A LEU 167 ? A LEU 167 
53  1 Y 1 A ALA 168 ? A ALA 168 
54  1 Y 1 A SER 169 ? A SER 169 
55  1 Y 1 A SER 170 ? A SER 170 
56  1 Y 1 A PRO 171 ? A PRO 171 
57  1 Y 1 A ASP 172 ? A ASP 172 
58  1 Y 1 A SER 173 ? A SER 173 
59  1 Y 1 A THR 174 ? A THR 174 
60  1 Y 1 A THR 175 ? A THR 175 
61  1 Y 1 A PRO 176 ? A PRO 176 
62  1 Y 1 A VAL 177 ? A VAL 177 
63  1 Y 1 A SER 178 ? A SER 178 
64  1 Y 1 A ALA 179 ? A ALA 179 
65  1 Y 1 A THR 180 ? A THR 180 
66  1 Y 1 A THR 181 ? A THR 181 
67  1 Y 1 A ARG 182 ? A ARG 182 
68  1 Y 1 A ALA 183 ? A ALA 183 
69  1 Y 1 A PRO 184 ? A PRO 184 
70  1 Y 1 A PRO 185 ? A PRO 185 
71  1 Y 1 A LEU 186 ? A LEU 186 
72  1 Y 1 A THR 187 ? A THR 187 
73  1 Y 1 A SER 188 ? A SER 188 
74  1 Y 1 A MET 189 ? A MET 189 
75  1 Y 1 A ALA 190 ? A ALA 190 
76  1 Y 1 A ARG 191 ? A ARG 191 
77  1 Y 1 A LYS 192 ? A LYS 192 
78  1 Y 1 A THR 193 ? A THR 193 
79  1 Y 1 A LYS 194 ? A LYS 194 
80  1 Y 1 A LYS 195 ? A LYS 195 
81  1 Y 1 A ILE 196 ? A ILE 196 
82  1 Y 1 A CYS 197 ? A CYS 197 
83  1 Y 1 A ILE 198 ? A ILE 198 
84  1 Y 1 A THR 199 ? A THR 199 
85  1 Y 1 A GLU 200 ? A GLU 200 
86  1 Y 1 A VAL 201 ? A VAL 201 
87  1 Y 1 A TYR 202 ? A TYR 202 
88  1 Y 1 A THR 203 ? A THR 203 
89  1 Y 1 A GLU 204 ? A GLU 204 
90  1 Y 1 A PRO 205 ? A PRO 205 
91  1 Y 1 A ILE 206 ? A ILE 206 
92  1 Y 1 A THR 207 ? A THR 207 
93  1 Y 1 A MET 208 ? A MET 208 
94  1 Y 1 A ALA 209 ? A ALA 209 
95  1 Y 1 A THR 210 ? A THR 210 
96  1 Y 1 A GLU 211 ? A GLU 211 
97  1 Y 1 A THR 212 ? A THR 212 
98  1 Y 1 A GLU 213 ? A GLU 213 
99  1 Y 1 A ALA 214 ? A ALA 214 
100 1 Y 1 A PHE 215 ? A PHE 215 
101 1 Y 1 A VAL 216 ? A VAL 216 
102 1 Y 1 A ALA 217 ? A ALA 217 
103 1 Y 1 A SER 218 ? A SER 218 
104 1 Y 1 A GLY 219 ? A GLY 219 
105 1 Y 1 A ALA 220 ? A ALA 220 
106 1 Y 1 A ALA 221 ? A ALA 221 
107 1 Y 1 A PHE 222 ? A PHE 222 
108 1 Y 1 A LYS 223 ? A LYS 223 
109 1 Y 1 A ASN 224 ? A ASN 224 
110 1 Y 1 A GLU 225 ? A GLU 225 
111 1 Y 1 A ALA 226 ? A ALA 226 
112 1 Y 1 A ALA 227 ? A ALA 227 
113 1 Y 1 A GLY 228 ? A GLY 228 
114 1 Y 1 A PHE 229 ? A PHE 229 
115 1 Y 1 A GLY 230 ? A GLY 230 
116 1 Y 1 A GLY 231 ? A GLY 231 
117 1 Y 1 A VAL 232 ? A VAL 232 
118 1 Y 1 A PRO 233 ? A PRO 233 
119 1 Y 1 A THR 234 ? A THR 234 
120 1 Y 1 A ALA 235 ? A ALA 235 
121 1 Y 1 A LEU 236 ? A LEU 236 
122 1 Y 1 A LEU 237 ? A LEU 237 
123 1 Y 1 A VAL 238 ? A VAL 238 
124 1 Y 1 A LEU 239 ? A LEU 239 
125 1 Y 1 A ALA 240 ? A ALA 240 
126 1 Y 1 A LEU 241 ? A LEU 241 
127 1 Y 1 A LEU 242 ? A LEU 242 
128 1 Y 1 A PHE 243 ? A PHE 243 
129 1 Y 1 A PHE 244 ? A PHE 244 
130 1 Y 1 A GLY 245 ? A GLY 245 
131 1 Y 1 A ALA 246 ? A ALA 246 
132 1 Y 1 A ALA 247 ? A ALA 247 
133 1 Y 1 A ALA 248 ? A ALA 248 
134 1 Y 1 A VAL 249 ? A VAL 249 
135 1 Y 1 A LEU 250 ? A LEU 250 
136 1 Y 1 A ALA 251 ? A ALA 251 
137 1 Y 1 A VAL 252 ? A VAL 252 
138 1 Y 1 A CYS 253 ? A CYS 253 
139 1 Y 1 A TYR 254 ? A TYR 254 
140 1 Y 1 A VAL 255 ? A VAL 255 
141 1 Y 1 A LYS 256 ? A LYS 256 
142 1 Y 1 A ARG 257 ? A ARG 257 
143 1 Y 1 A TYR 258 ? A TYR 258 
144 1 Y 1 A VAL 259 ? A VAL 259 
145 1 Y 1 A LYS 260 ? A LYS 260 
146 1 Y 1 A ALA 261 ? A ALA 261 
147 1 Y 1 A PHE 262 ? A PHE 262 
148 1 Y 1 A PRO 263 ? A PRO 263 
149 1 Y 1 A PHE 264 ? A PHE 264 
150 1 Y 1 A THR 265 ? A THR 265 
151 1 Y 1 A THR 266 ? A THR 266 
152 1 Y 1 A LYS 267 ? A LYS 267 
153 1 Y 1 A ASN 268 ? A ASN 268 
154 1 Y 1 A GLN 269 ? A GLN 269 
155 1 Y 1 A GLN 270 ? A GLN 270 
156 1 Y 1 A LYS 271 ? A LYS 271 
157 1 Y 1 A GLU 272 ? A GLU 272 
158 1 Y 1 A MET 273 ? A MET 273 
159 1 Y 1 A ILE 274 ? A ILE 274 
160 1 Y 1 A GLU 275 ? A GLU 275 
161 1 Y 1 A THR 276 ? A THR 276 
162 1 Y 1 A LYS 277 ? A LYS 277 
163 1 Y 1 A VAL 278 ? A VAL 278 
164 1 Y 1 A VAL 279 ? A VAL 279 
165 1 Y 1 A LYS 280 ? A LYS 280 
166 1 Y 1 A GLU 281 ? A GLU 281 
167 1 Y 1 A GLU 282 ? A GLU 282 
168 1 Y 1 A LYS 283 ? A LYS 283 
169 1 Y 1 A ALA 284 ? A ALA 284 
170 1 Y 1 A ASP 285 ? A ASP 285 
171 1 Y 1 A ASP 286 ? A ASP 286 
172 1 Y 1 A VAL 287 ? A VAL 287 
173 1 Y 1 A ASN 288 ? A ASN 288 
174 1 Y 1 A ALA 289 ? A ALA 289 
175 1 Y 1 A ASN 290 ? A ASN 290 
176 1 Y 1 A GLU 291 ? A GLU 291 
177 1 Y 1 A GLU 292 ? A GLU 292 
178 1 Y 1 A SER 293 ? A SER 293 
179 1 Y 1 A LYS 294 ? A LYS 294 
180 1 Y 1 A LYS 295 ? A LYS 295 
181 1 Y 1 A THR 296 ? A THR 296 
182 1 Y 1 A ILE 297 ? A ILE 297 
183 1 Y 1 A LYS 298 ? A LYS 298 
184 1 Y 1 A ASN 299 ? A ASN 299 
185 1 Y 1 A PRO 300 ? A PRO 300 
186 1 Y 1 A GLU 301 ? A GLU 301 
187 1 Y 1 A GLU 302 ? A GLU 302 
188 1 Y 1 A ALA 303 ? A ALA 303 
189 1 Y 1 A LYS 304 ? A LYS 304 
190 1 Y 1 A SER 305 ? A SER 305 
191 1 Y 1 A PRO 306 ? A PRO 306 
192 1 Y 1 A PRO 307 ? A PRO 307 
193 1 Y 1 A LYS 308 ? A LYS 308 
194 1 Y 1 A THR 309 ? A THR 309 
195 1 Y 1 A THR 310 ? A THR 310 
196 1 Y 1 A VAL 311 ? A VAL 311 
197 1 Y 1 A ARG 312 ? A ARG 312 
198 1 Y 1 A CYS 313 ? A CYS 313 
199 1 Y 1 A LEU 314 ? A LEU 314 
200 1 Y 1 A GLU 315 ? A GLU 315 
201 1 Y 1 A ALA 316 ? A ALA 316 
202 1 Y 1 A GLU 317 ? A GLU 317 
203 1 Y 1 A VAL 318 ? A VAL 318 
# 
loop_
_chem_comp_atom.comp_id 
_chem_comp_atom.atom_id 
_chem_comp_atom.type_symbol 
_chem_comp_atom.pdbx_aromatic_flag 
_chem_comp_atom.pdbx_stereo_config 
_chem_comp_atom.pdbx_ordinal 
ALA N    N N N 1   
ALA CA   C N S 2   
ALA C    C N N 3   
ALA O    O N N 4   
ALA CB   C N N 5   
ALA OXT  O N N 6   
ALA H    H N N 7   
ALA H2   H N N 8   
ALA HA   H N N 9   
ALA HB1  H N N 10  
ALA HB2  H N N 11  
ALA HB3  H N N 12  
ALA HXT  H N N 13  
ARG N    N N N 14  
ARG CA   C N S 15  
ARG C    C N N 16  
ARG O    O N N 17  
ARG CB   C N N 18  
ARG CG   C N N 19  
ARG CD   C N N 20  
ARG NE   N N N 21  
ARG CZ   C N N 22  
ARG NH1  N N N 23  
ARG NH2  N N N 24  
ARG OXT  O N N 25  
ARG H    H N N 26  
ARG H2   H N N 27  
ARG HA   H N N 28  
ARG HB2  H N N 29  
ARG HB3  H N N 30  
ARG HG2  H N N 31  
ARG HG3  H N N 32  
ARG HD2  H N N 33  
ARG HD3  H N N 34  
ARG HE   H N N 35  
ARG HH11 H N N 36  
ARG HH12 H N N 37  
ARG HH21 H N N 38  
ARG HH22 H N N 39  
ARG HXT  H N N 40  
ASN N    N N N 41  
ASN CA   C N S 42  
ASN C    C N N 43  
ASN O    O N N 44  
ASN CB   C N N 45  
ASN CG   C N N 46  
ASN OD1  O N N 47  
ASN ND2  N N N 48  
ASN OXT  O N N 49  
ASN H    H N N 50  
ASN H2   H N N 51  
ASN HA   H N N 52  
ASN HB2  H N N 53  
ASN HB3  H N N 54  
ASN HD21 H N N 55  
ASN HD22 H N N 56  
ASN HXT  H N N 57  
ASP N    N N N 58  
ASP CA   C N S 59  
ASP C    C N N 60  
ASP O    O N N 61  
ASP CB   C N N 62  
ASP CG   C N N 63  
ASP OD1  O N N 64  
ASP OD2  O N N 65  
ASP OXT  O N N 66  
ASP H    H N N 67  
ASP H2   H N N 68  
ASP HA   H N N 69  
ASP HB2  H N N 70  
ASP HB3  H N N 71  
ASP HD2  H N N 72  
ASP HXT  H N N 73  
CYS N    N N N 74  
CYS CA   C N R 75  
CYS C    C N N 76  
CYS O    O N N 77  
CYS CB   C N N 78  
CYS SG   S N N 79  
CYS OXT  O N N 80  
CYS H    H N N 81  
CYS H2   H N N 82  
CYS HA   H N N 83  
CYS HB2  H N N 84  
CYS HB3  H N N 85  
CYS HG   H N N 86  
CYS HXT  H N N 87  
GLN N    N N N 88  
GLN CA   C N S 89  
GLN C    C N N 90  
GLN O    O N N 91  
GLN CB   C N N 92  
GLN CG   C N N 93  
GLN CD   C N N 94  
GLN OE1  O N N 95  
GLN NE2  N N N 96  
GLN OXT  O N N 97  
GLN H    H N N 98  
GLN H2   H N N 99  
GLN HA   H N N 100 
GLN HB2  H N N 101 
GLN HB3  H N N 102 
GLN HG2  H N N 103 
GLN HG3  H N N 104 
GLN HE21 H N N 105 
GLN HE22 H N N 106 
GLN HXT  H N N 107 
GLU N    N N N 108 
GLU CA   C N S 109 
GLU C    C N N 110 
GLU O    O N N 111 
GLU CB   C N N 112 
GLU CG   C N N 113 
GLU CD   C N N 114 
GLU OE1  O N N 115 
GLU OE2  O N N 116 
GLU OXT  O N N 117 
GLU H    H N N 118 
GLU H2   H N N 119 
GLU HA   H N N 120 
GLU HB2  H N N 121 
GLU HB3  H N N 122 
GLU HG2  H N N 123 
GLU HG3  H N N 124 
GLU HE2  H N N 125 
GLU HXT  H N N 126 
GLY N    N N N 127 
GLY CA   C N N 128 
GLY C    C N N 129 
GLY O    O N N 130 
GLY OXT  O N N 131 
GLY H    H N N 132 
GLY H2   H N N 133 
GLY HA2  H N N 134 
GLY HA3  H N N 135 
GLY HXT  H N N 136 
HIS N    N N N 137 
HIS CA   C N S 138 
HIS C    C N N 139 
HIS O    O N N 140 
HIS CB   C N N 141 
HIS CG   C Y N 142 
HIS ND1  N Y N 143 
HIS CD2  C Y N 144 
HIS CE1  C Y N 145 
HIS NE2  N Y N 146 
HIS OXT  O N N 147 
HIS H    H N N 148 
HIS H2   H N N 149 
HIS HA   H N N 150 
HIS HB2  H N N 151 
HIS HB3  H N N 152 
HIS HD1  H N N 153 
HIS HD2  H N N 154 
HIS HE1  H N N 155 
HIS HE2  H N N 156 
HIS HXT  H N N 157 
HOH O    O N N 158 
HOH H1   H N N 159 
HOH H2   H N N 160 
ILE N    N N N 161 
ILE CA   C N S 162 
ILE C    C N N 163 
ILE O    O N N 164 
ILE CB   C N S 165 
ILE CG1  C N N 166 
ILE CG2  C N N 167 
ILE CD1  C N N 168 
ILE OXT  O N N 169 
ILE H    H N N 170 
ILE H2   H N N 171 
ILE HA   H N N 172 
ILE HB   H N N 173 
ILE HG12 H N N 174 
ILE HG13 H N N 175 
ILE HG21 H N N 176 
ILE HG22 H N N 177 
ILE HG23 H N N 178 
ILE HD11 H N N 179 
ILE HD12 H N N 180 
ILE HD13 H N N 181 
ILE HXT  H N N 182 
LEU N    N N N 183 
LEU CA   C N S 184 
LEU C    C N N 185 
LEU O    O N N 186 
LEU CB   C N N 187 
LEU CG   C N N 188 
LEU CD1  C N N 189 
LEU CD2  C N N 190 
LEU OXT  O N N 191 
LEU H    H N N 192 
LEU H2   H N N 193 
LEU HA   H N N 194 
LEU HB2  H N N 195 
LEU HB3  H N N 196 
LEU HG   H N N 197 
LEU HD11 H N N 198 
LEU HD12 H N N 199 
LEU HD13 H N N 200 
LEU HD21 H N N 201 
LEU HD22 H N N 202 
LEU HD23 H N N 203 
LEU HXT  H N N 204 
LYS N    N N N 205 
LYS CA   C N S 206 
LYS C    C N N 207 
LYS O    O N N 208 
LYS CB   C N N 209 
LYS CG   C N N 210 
LYS CD   C N N 211 
LYS CE   C N N 212 
LYS NZ   N N N 213 
LYS OXT  O N N 214 
LYS H    H N N 215 
LYS H2   H N N 216 
LYS HA   H N N 217 
LYS HB2  H N N 218 
LYS HB3  H N N 219 
LYS HG2  H N N 220 
LYS HG3  H N N 221 
LYS HD2  H N N 222 
LYS HD3  H N N 223 
LYS HE2  H N N 224 
LYS HE3  H N N 225 
LYS HZ1  H N N 226 
LYS HZ2  H N N 227 
LYS HZ3  H N N 228 
LYS HXT  H N N 229 
MET N    N N N 230 
MET CA   C N S 231 
MET C    C N N 232 
MET O    O N N 233 
MET CB   C N N 234 
MET CG   C N N 235 
MET SD   S N N 236 
MET CE   C N N 237 
MET OXT  O N N 238 
MET H    H N N 239 
MET H2   H N N 240 
MET HA   H N N 241 
MET HB2  H N N 242 
MET HB3  H N N 243 
MET HG2  H N N 244 
MET HG3  H N N 245 
MET HE1  H N N 246 
MET HE2  H N N 247 
MET HE3  H N N 248 
MET HXT  H N N 249 
NAG C1   C N R 250 
NAG C2   C N R 251 
NAG C3   C N R 252 
NAG C4   C N S 253 
NAG C5   C N R 254 
NAG C6   C N N 255 
NAG C7   C N N 256 
NAG C8   C N N 257 
NAG N2   N N N 258 
NAG O1   O N N 259 
NAG O3   O N N 260 
NAG O4   O N N 261 
NAG O5   O N N 262 
NAG O6   O N N 263 
NAG O7   O N N 264 
NAG H1   H N N 265 
NAG H2   H N N 266 
NAG H3   H N N 267 
NAG H4   H N N 268 
NAG H5   H N N 269 
NAG H61  H N N 270 
NAG H62  H N N 271 
NAG H81  H N N 272 
NAG H82  H N N 273 
NAG H83  H N N 274 
NAG HN2  H N N 275 
NAG HO1  H N N 276 
NAG HO3  H N N 277 
NAG HO4  H N N 278 
NAG HO6  H N N 279 
PHE N    N N N 280 
PHE CA   C N S 281 
PHE C    C N N 282 
PHE O    O N N 283 
PHE CB   C N N 284 
PHE CG   C Y N 285 
PHE CD1  C Y N 286 
PHE CD2  C Y N 287 
PHE CE1  C Y N 288 
PHE CE2  C Y N 289 
PHE CZ   C Y N 290 
PHE OXT  O N N 291 
PHE H    H N N 292 
PHE H2   H N N 293 
PHE HA   H N N 294 
PHE HB2  H N N 295 
PHE HB3  H N N 296 
PHE HD1  H N N 297 
PHE HD2  H N N 298 
PHE HE1  H N N 299 
PHE HE2  H N N 300 
PHE HZ   H N N 301 
PHE HXT  H N N 302 
PRO N    N N N 303 
PRO CA   C N S 304 
PRO C    C N N 305 
PRO O    O N N 306 
PRO CB   C N N 307 
PRO CG   C N N 308 
PRO CD   C N N 309 
PRO OXT  O N N 310 
PRO H    H N N 311 
PRO HA   H N N 312 
PRO HB2  H N N 313 
PRO HB3  H N N 314 
PRO HG2  H N N 315 
PRO HG3  H N N 316 
PRO HD2  H N N 317 
PRO HD3  H N N 318 
PRO HXT  H N N 319 
SER N    N N N 320 
SER CA   C N S 321 
SER C    C N N 322 
SER O    O N N 323 
SER CB   C N N 324 
SER OG   O N N 325 
SER OXT  O N N 326 
SER H    H N N 327 
SER H2   H N N 328 
SER HA   H N N 329 
SER HB2  H N N 330 
SER HB3  H N N 331 
SER HG   H N N 332 
SER HXT  H N N 333 
THR N    N N N 334 
THR CA   C N S 335 
THR C    C N N 336 
THR O    O N N 337 
THR CB   C N R 338 
THR OG1  O N N 339 
THR CG2  C N N 340 
THR OXT  O N N 341 
THR H    H N N 342 
THR H2   H N N 343 
THR HA   H N N 344 
THR HB   H N N 345 
THR HG1  H N N 346 
THR HG21 H N N 347 
THR HG22 H N N 348 
THR HG23 H N N 349 
THR HXT  H N N 350 
TRP N    N N N 351 
TRP CA   C N S 352 
TRP C    C N N 353 
TRP O    O N N 354 
TRP CB   C N N 355 
TRP CG   C Y N 356 
TRP CD1  C Y N 357 
TRP CD2  C Y N 358 
TRP NE1  N Y N 359 
TRP CE2  C Y N 360 
TRP CE3  C Y N 361 
TRP CZ2  C Y N 362 
TRP CZ3  C Y N 363 
TRP CH2  C Y N 364 
TRP OXT  O N N 365 
TRP H    H N N 366 
TRP H2   H N N 367 
TRP HA   H N N 368 
TRP HB2  H N N 369 
TRP HB3  H N N 370 
TRP HD1  H N N 371 
TRP HE1  H N N 372 
TRP HE3  H N N 373 
TRP HZ2  H N N 374 
TRP HZ3  H N N 375 
TRP HH2  H N N 376 
TRP HXT  H N N 377 
TYR N    N N N 378 
TYR CA   C N S 379 
TYR C    C N N 380 
TYR O    O N N 381 
TYR CB   C N N 382 
TYR CG   C Y N 383 
TYR CD1  C Y N 384 
TYR CD2  C Y N 385 
TYR CE1  C Y N 386 
TYR CE2  C Y N 387 
TYR CZ   C Y N 388 
TYR OH   O N N 389 
TYR OXT  O N N 390 
TYR H    H N N 391 
TYR H2   H N N 392 
TYR HA   H N N 393 
TYR HB2  H N N 394 
TYR HB3  H N N 395 
TYR HD1  H N N 396 
TYR HD2  H N N 397 
TYR HE1  H N N 398 
TYR HE2  H N N 399 
TYR HH   H N N 400 
TYR HXT  H N N 401 
VAL N    N N N 402 
VAL CA   C N S 403 
VAL C    C N N 404 
VAL O    O N N 405 
VAL CB   C N N 406 
VAL CG1  C N N 407 
VAL CG2  C N N 408 
VAL OXT  O N N 409 
VAL H    H N N 410 
VAL H2   H N N 411 
VAL HA   H N N 412 
VAL HB   H N N 413 
VAL HG11 H N N 414 
VAL HG12 H N N 415 
VAL HG13 H N N 416 
VAL HG21 H N N 417 
VAL HG22 H N N 418 
VAL HG23 H N N 419 
VAL HXT  H N N 420 
# 
loop_
_chem_comp_bond.comp_id 
_chem_comp_bond.atom_id_1 
_chem_comp_bond.atom_id_2 
_chem_comp_bond.value_order 
_chem_comp_bond.pdbx_aromatic_flag 
_chem_comp_bond.pdbx_stereo_config 
_chem_comp_bond.pdbx_ordinal 
ALA N   CA   sing N N 1   
ALA N   H    sing N N 2   
ALA N   H2   sing N N 3   
ALA CA  C    sing N N 4   
ALA CA  CB   sing N N 5   
ALA CA  HA   sing N N 6   
ALA C   O    doub N N 7   
ALA C   OXT  sing N N 8   
ALA CB  HB1  sing N N 9   
ALA CB  HB2  sing N N 10  
ALA CB  HB3  sing N N 11  
ALA OXT HXT  sing N N 12  
ARG N   CA   sing N N 13  
ARG N   H    sing N N 14  
ARG N   H2   sing N N 15  
ARG CA  C    sing N N 16  
ARG CA  CB   sing N N 17  
ARG CA  HA   sing N N 18  
ARG C   O    doub N N 19  
ARG C   OXT  sing N N 20  
ARG CB  CG   sing N N 21  
ARG CB  HB2  sing N N 22  
ARG CB  HB3  sing N N 23  
ARG CG  CD   sing N N 24  
ARG CG  HG2  sing N N 25  
ARG CG  HG3  sing N N 26  
ARG CD  NE   sing N N 27  
ARG CD  HD2  sing N N 28  
ARG CD  HD3  sing N N 29  
ARG NE  CZ   sing N N 30  
ARG NE  HE   sing N N 31  
ARG CZ  NH1  sing N N 32  
ARG CZ  NH2  doub N N 33  
ARG NH1 HH11 sing N N 34  
ARG NH1 HH12 sing N N 35  
ARG NH2 HH21 sing N N 36  
ARG NH2 HH22 sing N N 37  
ARG OXT HXT  sing N N 38  
ASN N   CA   sing N N 39  
ASN N   H    sing N N 40  
ASN N   H2   sing N N 41  
ASN CA  C    sing N N 42  
ASN CA  CB   sing N N 43  
ASN CA  HA   sing N N 44  
ASN C   O    doub N N 45  
ASN C   OXT  sing N N 46  
ASN CB  CG   sing N N 47  
ASN CB  HB2  sing N N 48  
ASN CB  HB3  sing N N 49  
ASN CG  OD1  doub N N 50  
ASN CG  ND2  sing N N 51  
ASN ND2 HD21 sing N N 52  
ASN ND2 HD22 sing N N 53  
ASN OXT HXT  sing N N 54  
ASP N   CA   sing N N 55  
ASP N   H    sing N N 56  
ASP N   H2   sing N N 57  
ASP CA  C    sing N N 58  
ASP CA  CB   sing N N 59  
ASP CA  HA   sing N N 60  
ASP C   O    doub N N 61  
ASP C   OXT  sing N N 62  
ASP CB  CG   sing N N 63  
ASP CB  HB2  sing N N 64  
ASP CB  HB3  sing N N 65  
ASP CG  OD1  doub N N 66  
ASP CG  OD2  sing N N 67  
ASP OD2 HD2  sing N N 68  
ASP OXT HXT  sing N N 69  
CYS N   CA   sing N N 70  
CYS N   H    sing N N 71  
CYS N   H2   sing N N 72  
CYS CA  C    sing N N 73  
CYS CA  CB   sing N N 74  
CYS CA  HA   sing N N 75  
CYS C   O    doub N N 76  
CYS C   OXT  sing N N 77  
CYS CB  SG   sing N N 78  
CYS CB  HB2  sing N N 79  
CYS CB  HB3  sing N N 80  
CYS SG  HG   sing N N 81  
CYS OXT HXT  sing N N 82  
GLN N   CA   sing N N 83  
GLN N   H    sing N N 84  
GLN N   H2   sing N N 85  
GLN CA  C    sing N N 86  
GLN CA  CB   sing N N 87  
GLN CA  HA   sing N N 88  
GLN C   O    doub N N 89  
GLN C   OXT  sing N N 90  
GLN CB  CG   sing N N 91  
GLN CB  HB2  sing N N 92  
GLN CB  HB3  sing N N 93  
GLN CG  CD   sing N N 94  
GLN CG  HG2  sing N N 95  
GLN CG  HG3  sing N N 96  
GLN CD  OE1  doub N N 97  
GLN CD  NE2  sing N N 98  
GLN NE2 HE21 sing N N 99  
GLN NE2 HE22 sing N N 100 
GLN OXT HXT  sing N N 101 
GLU N   CA   sing N N 102 
GLU N   H    sing N N 103 
GLU N   H2   sing N N 104 
GLU CA  C    sing N N 105 
GLU CA  CB   sing N N 106 
GLU CA  HA   sing N N 107 
GLU C   O    doub N N 108 
GLU C   OXT  sing N N 109 
GLU CB  CG   sing N N 110 
GLU CB  HB2  sing N N 111 
GLU CB  HB3  sing N N 112 
GLU CG  CD   sing N N 113 
GLU CG  HG2  sing N N 114 
GLU CG  HG3  sing N N 115 
GLU CD  OE1  doub N N 116 
GLU CD  OE2  sing N N 117 
GLU OE2 HE2  sing N N 118 
GLU OXT HXT  sing N N 119 
GLY N   CA   sing N N 120 
GLY N   H    sing N N 121 
GLY N   H2   sing N N 122 
GLY CA  C    sing N N 123 
GLY CA  HA2  sing N N 124 
GLY CA  HA3  sing N N 125 
GLY C   O    doub N N 126 
GLY C   OXT  sing N N 127 
GLY OXT HXT  sing N N 128 
HIS N   CA   sing N N 129 
HIS N   H    sing N N 130 
HIS N   H2   sing N N 131 
HIS CA  C    sing N N 132 
HIS CA  CB   sing N N 133 
HIS CA  HA   sing N N 134 
HIS C   O    doub N N 135 
HIS C   OXT  sing N N 136 
HIS CB  CG   sing N N 137 
HIS CB  HB2  sing N N 138 
HIS CB  HB3  sing N N 139 
HIS CG  ND1  sing Y N 140 
HIS CG  CD2  doub Y N 141 
HIS ND1 CE1  doub Y N 142 
HIS ND1 HD1  sing N N 143 
HIS CD2 NE2  sing Y N 144 
HIS CD2 HD2  sing N N 145 
HIS CE1 NE2  sing Y N 146 
HIS CE1 HE1  sing N N 147 
HIS NE2 HE2  sing N N 148 
HIS OXT HXT  sing N N 149 
HOH O   H1   sing N N 150 
HOH O   H2   sing N N 151 
ILE N   CA   sing N N 152 
ILE N   H    sing N N 153 
ILE N   H2   sing N N 154 
ILE CA  C    sing N N 155 
ILE CA  CB   sing N N 156 
ILE CA  HA   sing N N 157 
ILE C   O    doub N N 158 
ILE C   OXT  sing N N 159 
ILE CB  CG1  sing N N 160 
ILE CB  CG2  sing N N 161 
ILE CB  HB   sing N N 162 
ILE CG1 CD1  sing N N 163 
ILE CG1 HG12 sing N N 164 
ILE CG1 HG13 sing N N 165 
ILE CG2 HG21 sing N N 166 
ILE CG2 HG22 sing N N 167 
ILE CG2 HG23 sing N N 168 
ILE CD1 HD11 sing N N 169 
ILE CD1 HD12 sing N N 170 
ILE CD1 HD13 sing N N 171 
ILE OXT HXT  sing N N 172 
LEU N   CA   sing N N 173 
LEU N   H    sing N N 174 
LEU N   H2   sing N N 175 
LEU CA  C    sing N N 176 
LEU CA  CB   sing N N 177 
LEU CA  HA   sing N N 178 
LEU C   O    doub N N 179 
LEU C   OXT  sing N N 180 
LEU CB  CG   sing N N 181 
LEU CB  HB2  sing N N 182 
LEU CB  HB3  sing N N 183 
LEU CG  CD1  sing N N 184 
LEU CG  CD2  sing N N 185 
LEU CG  HG   sing N N 186 
LEU CD1 HD11 sing N N 187 
LEU CD1 HD12 sing N N 188 
LEU CD1 HD13 sing N N 189 
LEU CD2 HD21 sing N N 190 
LEU CD2 HD22 sing N N 191 
LEU CD2 HD23 sing N N 192 
LEU OXT HXT  sing N N 193 
LYS N   CA   sing N N 194 
LYS N   H    sing N N 195 
LYS N   H2   sing N N 196 
LYS CA  C    sing N N 197 
LYS CA  CB   sing N N 198 
LYS CA  HA   sing N N 199 
LYS C   O    doub N N 200 
LYS C   OXT  sing N N 201 
LYS CB  CG   sing N N 202 
LYS CB  HB2  sing N N 203 
LYS CB  HB3  sing N N 204 
LYS CG  CD   sing N N 205 
LYS CG  HG2  sing N N 206 
LYS CG  HG3  sing N N 207 
LYS CD  CE   sing N N 208 
LYS CD  HD2  sing N N 209 
LYS CD  HD3  sing N N 210 
LYS CE  NZ   sing N N 211 
LYS CE  HE2  sing N N 212 
LYS CE  HE3  sing N N 213 
LYS NZ  HZ1  sing N N 214 
LYS NZ  HZ2  sing N N 215 
LYS NZ  HZ3  sing N N 216 
LYS OXT HXT  sing N N 217 
MET N   CA   sing N N 218 
MET N   H    sing N N 219 
MET N   H2   sing N N 220 
MET CA  C    sing N N 221 
MET CA  CB   sing N N 222 
MET CA  HA   sing N N 223 
MET C   O    doub N N 224 
MET C   OXT  sing N N 225 
MET CB  CG   sing N N 226 
MET CB  HB2  sing N N 227 
MET CB  HB3  sing N N 228 
MET CG  SD   sing N N 229 
MET CG  HG2  sing N N 230 
MET CG  HG3  sing N N 231 
MET SD  CE   sing N N 232 
MET CE  HE1  sing N N 233 
MET CE  HE2  sing N N 234 
MET CE  HE3  sing N N 235 
MET OXT HXT  sing N N 236 
NAG C1  C2   sing N N 237 
NAG C1  O1   sing N N 238 
NAG C1  O5   sing N N 239 
NAG C1  H1   sing N N 240 
NAG C2  C3   sing N N 241 
NAG C2  N2   sing N N 242 
NAG C2  H2   sing N N 243 
NAG C3  C4   sing N N 244 
NAG C3  O3   sing N N 245 
NAG C3  H3   sing N N 246 
NAG C4  C5   sing N N 247 
NAG C4  O4   sing N N 248 
NAG C4  H4   sing N N 249 
NAG C5  C6   sing N N 250 
NAG C5  O5   sing N N 251 
NAG C5  H5   sing N N 252 
NAG C6  O6   sing N N 253 
NAG C6  H61  sing N N 254 
NAG C6  H62  sing N N 255 
NAG C7  C8   sing N N 256 
NAG C7  N2   sing N N 257 
NAG C7  O7   doub N N 258 
NAG C8  H81  sing N N 259 
NAG C8  H82  sing N N 260 
NAG C8  H83  sing N N 261 
NAG N2  HN2  sing N N 262 
NAG O1  HO1  sing N N 263 
NAG O3  HO3  sing N N 264 
NAG O4  HO4  sing N N 265 
NAG O6  HO6  sing N N 266 
PHE N   CA   sing N N 267 
PHE N   H    sing N N 268 
PHE N   H2   sing N N 269 
PHE CA  C    sing N N 270 
PHE CA  CB   sing N N 271 
PHE CA  HA   sing N N 272 
PHE C   O    doub N N 273 
PHE C   OXT  sing N N 274 
PHE CB  CG   sing N N 275 
PHE CB  HB2  sing N N 276 
PHE CB  HB3  sing N N 277 
PHE CG  CD1  doub Y N 278 
PHE CG  CD2  sing Y N 279 
PHE CD1 CE1  sing Y N 280 
PHE CD1 HD1  sing N N 281 
PHE CD2 CE2  doub Y N 282 
PHE CD2 HD2  sing N N 283 
PHE CE1 CZ   doub Y N 284 
PHE CE1 HE1  sing N N 285 
PHE CE2 CZ   sing Y N 286 
PHE CE2 HE2  sing N N 287 
PHE CZ  HZ   sing N N 288 
PHE OXT HXT  sing N N 289 
PRO N   CA   sing N N 290 
PRO N   CD   sing N N 291 
PRO N   H    sing N N 292 
PRO CA  C    sing N N 293 
PRO CA  CB   sing N N 294 
PRO CA  HA   sing N N 295 
PRO C   O    doub N N 296 
PRO C   OXT  sing N N 297 
PRO CB  CG   sing N N 298 
PRO CB  HB2  sing N N 299 
PRO CB  HB3  sing N N 300 
PRO CG  CD   sing N N 301 
PRO CG  HG2  sing N N 302 
PRO CG  HG3  sing N N 303 
PRO CD  HD2  sing N N 304 
PRO CD  HD3  sing N N 305 
PRO OXT HXT  sing N N 306 
SER N   CA   sing N N 307 
SER N   H    sing N N 308 
SER N   H2   sing N N 309 
SER CA  C    sing N N 310 
SER CA  CB   sing N N 311 
SER CA  HA   sing N N 312 
SER C   O    doub N N 313 
SER C   OXT  sing N N 314 
SER CB  OG   sing N N 315 
SER CB  HB2  sing N N 316 
SER CB  HB3  sing N N 317 
SER OG  HG   sing N N 318 
SER OXT HXT  sing N N 319 
THR N   CA   sing N N 320 
THR N   H    sing N N 321 
THR N   H2   sing N N 322 
THR CA  C    sing N N 323 
THR CA  CB   sing N N 324 
THR CA  HA   sing N N 325 
THR C   O    doub N N 326 
THR C   OXT  sing N N 327 
THR CB  OG1  sing N N 328 
THR CB  CG2  sing N N 329 
THR CB  HB   sing N N 330 
THR OG1 HG1  sing N N 331 
THR CG2 HG21 sing N N 332 
THR CG2 HG22 sing N N 333 
THR CG2 HG23 sing N N 334 
THR OXT HXT  sing N N 335 
TRP N   CA   sing N N 336 
TRP N   H    sing N N 337 
TRP N   H2   sing N N 338 
TRP CA  C    sing N N 339 
TRP CA  CB   sing N N 340 
TRP CA  HA   sing N N 341 
TRP C   O    doub N N 342 
TRP C   OXT  sing N N 343 
TRP CB  CG   sing N N 344 
TRP CB  HB2  sing N N 345 
TRP CB  HB3  sing N N 346 
TRP CG  CD1  doub Y N 347 
TRP CG  CD2  sing Y N 348 
TRP CD1 NE1  sing Y N 349 
TRP CD1 HD1  sing N N 350 
TRP CD2 CE2  doub Y N 351 
TRP CD2 CE3  sing Y N 352 
TRP NE1 CE2  sing Y N 353 
TRP NE1 HE1  sing N N 354 
TRP CE2 CZ2  sing Y N 355 
TRP CE3 CZ3  doub Y N 356 
TRP CE3 HE3  sing N N 357 
TRP CZ2 CH2  doub Y N 358 
TRP CZ2 HZ2  sing N N 359 
TRP CZ3 CH2  sing Y N 360 
TRP CZ3 HZ3  sing N N 361 
TRP CH2 HH2  sing N N 362 
TRP OXT HXT  sing N N 363 
TYR N   CA   sing N N 364 
TYR N   H    sing N N 365 
TYR N   H2   sing N N 366 
TYR CA  C    sing N N 367 
TYR CA  CB   sing N N 368 
TYR CA  HA   sing N N 369 
TYR C   O    doub N N 370 
TYR C   OXT  sing N N 371 
TYR CB  CG   sing N N 372 
TYR CB  HB2  sing N N 373 
TYR CB  HB3  sing N N 374 
TYR CG  CD1  doub Y N 375 
TYR CG  CD2  sing Y N 376 
TYR CD1 CE1  sing Y N 377 
TYR CD1 HD1  sing N N 378 
TYR CD2 CE2  doub Y N 379 
TYR CD2 HD2  sing N N 380 
TYR CE1 CZ   doub Y N 381 
TYR CE1 HE1  sing N N 382 
TYR CE2 CZ   sing Y N 383 
TYR CE2 HE2  sing N N 384 
TYR CZ  OH   sing N N 385 
TYR OH  HH   sing N N 386 
TYR OXT HXT  sing N N 387 
VAL N   CA   sing N N 388 
VAL N   H    sing N N 389 
VAL N   H2   sing N N 390 
VAL CA  C    sing N N 391 
VAL CA  CB   sing N N 392 
VAL CA  HA   sing N N 393 
VAL C   O    doub N N 394 
VAL C   OXT  sing N N 395 
VAL CB  CG1  sing N N 396 
VAL CB  CG2  sing N N 397 
VAL CB  HB   sing N N 398 
VAL CG1 HG11 sing N N 399 
VAL CG1 HG12 sing N N 400 
VAL CG1 HG13 sing N N 401 
VAL CG2 HG21 sing N N 402 
VAL CG2 HG22 sing N N 403 
VAL CG2 HG23 sing N N 404 
VAL OXT HXT  sing N N 405 
# 
_pdbx_audit_support.funding_organization   'Medical Research Council (MRC, United Kingdom)' 
_pdbx_audit_support.country                'United Kingdom' 
_pdbx_audit_support.grant_number           ? 
_pdbx_audit_support.ordinal                1 
# 
_space_group.name_H-M_alt     'C 1 2 1' 
_space_group.name_Hall        'C 2y' 
_space_group.IT_number        5 
_space_group.crystal_system   monoclinic 
_space_group.id               1 
# 
_atom_sites.entry_id                    8ORX 
_atom_sites.Cartn_transf_matrix[1][1]   ? 
_atom_sites.Cartn_transf_matrix[1][2]   ? 
_atom_sites.Cartn_transf_matrix[1][3]   ? 
_atom_sites.Cartn_transf_matrix[2][1]   ? 
_atom_sites.Cartn_transf_matrix[2][2]   ? 
_atom_sites.Cartn_transf_matrix[2][3]   ? 
_atom_sites.Cartn_transf_matrix[3][1]   ? 
_atom_sites.Cartn_transf_matrix[3][2]   ? 
_atom_sites.Cartn_transf_matrix[3][3]   ? 
_atom_sites.Cartn_transf_vector[1]      ? 
_atom_sites.Cartn_transf_vector[2]      ? 
_atom_sites.Cartn_transf_vector[3]      ? 
_atom_sites.fract_transf_matrix[1][1]   0.00917373 
_atom_sites.fract_transf_matrix[1][2]   0.03063720 
_atom_sites.fract_transf_matrix[1][3]   0.00021768 
_atom_sites.fract_transf_matrix[2][1]   -0.01641503 
_atom_sites.fract_transf_matrix[2][2]   0.00491038 
_atom_sites.fract_transf_matrix[2][3]   0.00067415 
_atom_sites.fract_transf_matrix[3][1]   0.00112496 
_atom_sites.fract_transf_matrix[3][2]   0.00113879 
_atom_sites.fract_transf_matrix[3][3]   0.01909703 
_atom_sites.fract_transf_vector[1]      0.439669 
_atom_sites.fract_transf_vector[2]      0.641016 
_atom_sites.fract_transf_vector[3]      0.239185 
_atom_sites.solution_primary            ? 
_atom_sites.solution_secondary          ? 
_atom_sites.solution_hydrogens          ? 
_atom_sites.special_details             ? 
# 
loop_
_atom_type.symbol 
_atom_type.scat_dispersion_real 
_atom_type.scat_dispersion_imag 
_atom_type.scat_Cromer_Mann_a1 
_atom_type.scat_Cromer_Mann_a2 
_atom_type.scat_Cromer_Mann_a3 
_atom_type.scat_Cromer_Mann_a4 
_atom_type.scat_Cromer_Mann_b1 
_atom_type.scat_Cromer_Mann_b2 
_atom_type.scat_Cromer_Mann_b3 
_atom_type.scat_Cromer_Mann_b4 
_atom_type.scat_Cromer_Mann_c 
_atom_type.scat_source 
_atom_type.scat_dispersion_source 
C ? ? 3.54356 2.42580 ? ? 25.62398 1.50364  ? ? 0.0 
;2-Gaussian fit: Grosse-Kunstleve RW, Sauter NK, Adams PD: Newsletter of the IUCr Commission on Crystallographic Computing 2004, 3, 22-31.
;
? 
N ? ? 4.01032 2.96436 ? ? 19.97189 1.75589  ? ? 0.0 
;2-Gaussian fit: Grosse-Kunstleve RW, Sauter NK, Adams PD: Newsletter of the IUCr Commission on Crystallographic Computing 2004, 3, 22-31.
;
? 
O ? ? 4.49882 3.47563 ? ? 15.80542 1.70748  ? ? 0.0 
;2-Gaussian fit: Grosse-Kunstleve RW, Sauter NK, Adams PD: Newsletter of the IUCr Commission on Crystallographic Computing 2004, 3, 22-31.
;
? 
S ? ? 9.55732 6.39887 ? ? 1.23737  29.19336 ? ? 0.0 
;2-Gaussian fit: Grosse-Kunstleve RW, Sauter NK, Adams PD: Newsletter of the IUCr Commission on Crystallographic Computing 2004, 3, 22-31.
;
? 
# 
loop_
_atom_site.group_PDB 
_atom_site.id 
_atom_site.type_symbol 
_atom_site.label_atom_id 
_atom_site.label_alt_id 
_atom_site.label_comp_id 
_atom_site.label_asym_id 
_atom_site.label_entity_id 
_atom_site.label_seq_id 
_atom_site.pdbx_PDB_ins_code 
_atom_site.Cartn_x 
_atom_site.Cartn_y 
_atom_site.Cartn_z 
_atom_site.occupancy 
_atom_site.B_iso_or_equiv 
_atom_site.pdbx_formal_charge 
_atom_site.auth_seq_id 
_atom_site.auth_comp_id 
_atom_site.auth_asym_id 
_atom_site.auth_atom_id 
_atom_site.pdbx_PDB_model_num 
ATOM   1    N N   . ASP A 1 29  ? -6.23198  -2.40277  -16.62044 1.000 29.37967 ? 29  ASP A N   1 
ATOM   2    C CA  . ASP A 1 29  ? -4.98868  -1.75625  -16.21141 1.000 25.81675 ? 29  ASP A CA  1 
ATOM   3    C C   . ASP A 1 29  ? -4.97944  -1.58059  -14.69710 1.000 30.08677 ? 29  ASP A C   1 
ATOM   4    O O   . ASP A 1 29  ? -6.01101  -1.72142  -14.04088 1.000 27.80326 ? 29  ASP A O   1 
ATOM   5    C CB  . ASP A 1 29  ? -4.83209  -0.41618  -16.91971 1.000 26.43571 ? 29  ASP A CB  1 
ATOM   6    C CG  . ASP A 1 29  ? -4.71076  -0.56571  -18.42119 1.000 26.39686 ? 29  ASP A CG  1 
ATOM   7    O OD1 . ASP A 1 29  ? -4.70692  -1.71695  -18.92076 1.000 32.80225 ? 29  ASP A OD1 1 
ATOM   8    O OD2 . ASP A 1 29  ? -4.62723  0.46482   -19.11175 1.000 30.42394 ? 29  ASP A OD2 1 
ATOM   9    N N   . LEU A 1 30  ? -3.81556  -1.28352  -14.13411 1.000 20.93950 ? 30  LEU A N   1 
ATOM   10   C CA  . LEU A 1 30  ? -3.66918  -1.14571  -12.69285 1.000 19.14753 ? 30  LEU A CA  1 
ATOM   11   C C   . LEU A 1 30  ? -3.37266  0.30103   -12.34802 1.000 20.25382 ? 30  LEU A C   1 
ATOM   12   O O   . LEU A 1 30  ? -2.67360  0.99053   -13.09163 1.000 20.84142 ? 30  LEU A O   1 
ATOM   13   C CB  . LEU A 1 30  ? -2.54712  -2.03317  -12.15109 1.000 19.32065 ? 30  LEU A CB  1 
ATOM   14   C CG  . LEU A 1 30  ? -2.74292  -3.54536  -12.21195 1.000 21.41430 ? 30  LEU A CG  1 
ATOM   15   C CD1 . LEU A 1 30  ? -1.51778  -4.25026  -11.66005 1.000 24.46269 ? 30  LEU A CD1 1 
ATOM   16   C CD2 . LEU A 1 30  ? -3.97283  -3.93491  -11.41984 1.000 24.50778 ? 30  LEU A CD2 1 
ATOM   17   N N   . SER A 1 31  ? -3.90101  0.75519   -11.22507 1.000 14.98517 ? 31  SER A N   1 
ATOM   18   C CA  . SER A 1 31  ? -3.49640  2.03337   -10.65780 1.000 14.55229 ? 31  SER A CA  1 
ATOM   19   C C   . SER A 1 31  ? -2.33365  1.81126   -9.69850  1.000 17.82987 ? 31  SER A C   1 
ATOM   20   O O   . SER A 1 31  ? -2.35270  0.87532   -8.88994  1.000 18.90661 ? 31  SER A O   1 
ATOM   21   C CB  . SER A 1 31  ? -4.67070  2.69488   -9.93565  1.000 23.00159 ? 31  SER A CB  1 
ATOM   22   O OG  . SER A 1 31  ? -4.28432  3.93066   -9.35072  1.000 29.17730 ? 31  SER A OG  1 
ATOM   23   N N   . ILE A 1 32  ? -1.32428  2.67540   -9.77938  1.000 14.80377 ? 32  ILE A N   1 
ATOM   24   C CA  . ILE A 1 32  ? -0.13056  2.56066   -8.94974  1.000 12.95938 ? 32  ILE A CA  1 
ATOM   25   C C   . ILE A 1 32  ? 0.25435   3.94162   -8.44062  1.000 15.89301 ? 32  ILE A C   1 
ATOM   26   O O   . ILE A 1 32  ? 0.10120   4.94137   -9.15052  1.000 16.23834 ? 32  ILE A O   1 
ATOM   27   C CB  . ILE A 1 32  ? 1.04268   1.90537   -9.71735  1.000 16.22475 ? 32  ILE A CB  1 
ATOM   28   C CG1 . ILE A 1 32  ? 2.19382   1.59826   -8.75231  1.000 18.57454 ? 32  ILE A CG1 1 
ATOM   29   C CG2 . ILE A 1 32  ? 1.49560   2.77048   -10.89145 1.000 20.54058 ? 32  ILE A CG2 1 
ATOM   30   C CD1 . ILE A 1 32  ? 3.35421   0.84640   -9.38395  1.000 27.15780 ? 32  ILE A CD1 1 
ATOM   31   N N   . SER A 1 33  ? 0.73955   3.99298   -7.19982  1.000 16.58349 ? 33  SER A N   1 
ATOM   32   C CA  . SER A 1 33  ? 1.32723   5.21351   -6.66397  1.000 17.07184 ? 33  SER A CA  1 
ATOM   33   C C   . SER A 1 33  ? 2.32017   5.78771   -7.65283  1.000 20.12672 ? 33  SER A C   1 
ATOM   34   O O   . SER A 1 33  ? 3.18480   5.07173   -8.16784  1.000 20.50508 ? 33  SER A O   1 
ATOM   35   C CB  . SER A 1 33  ? 2.03855   4.92642   -5.33703  1.000 19.23833 ? 33  SER A CB  1 
ATOM   36   O OG  . SER A 1 33  ? 1.13528   4.45776   -4.35773  1.000 16.38036 ? 33  SER A OG  1 
ATOM   37   N N   . THR A 1 34  ? 2.17568   7.08502   -7.92840  1.000 20.29907 ? 34  THR A N   1 
ATOM   38   C CA  . THR A 1 34  ? 3.10599   7.75821   -8.82314  1.000 23.02428 ? 34  THR A CA  1 
ATOM   39   C C   . THR A 1 34  ? 4.50508   7.79600   -8.22443  1.000 27.16307 ? 34  THR A C   1 
ATOM   40   O O   . THR A 1 34  ? 5.49952   7.63253   -8.94159  1.000 25.74389 ? 34  THR A O   1 
ATOM   41   C CB  . THR A 1 34  ? 2.59661   9.17050   -9.13024  1.000 26.56208 ? 34  THR A CB  1 
ATOM   42   O OG1 . THR A 1 34  ? 1.17107   9.14308   -9.32962  1.000 26.55542 ? 34  THR A OG1 1 
ATOM   43   C CG2 . THR A 1 34  ? 3.27910   9.73531   -10.36117 1.000 30.49672 ? 34  THR A CG2 1 
ATOM   44   N N   . CYS A 1 35  ? 4.59659   7.98424   -6.90939  1.000 20.12365 ? 35  CYS A N   1 
ATOM   45   C CA  . CYS A 1 35  ? 5.86476   8.08928   -6.19859  1.000 18.75090 ? 35  CYS A CA  1 
ATOM   46   C C   . CYS A 1 35  ? 5.85467   7.11009   -5.03474  1.000 19.51095 ? 35  CYS A C   1 
ATOM   47   O O   . CYS A 1 35  ? 4.98882   7.19247   -4.15674  1.000 23.93722 ? 35  CYS A O   1 
ATOM   48   C CB  . CYS A 1 35  ? 6.09349   9.51812   -5.69516  1.000 17.12872 ? 35  CYS A CB  1 
ATOM   49   S SG  . CYS A 1 35  ? 6.04819   10.75131  -7.00536  1.000 24.20806 ? 35  CYS A SG  1 
ATOM   50   N N   . ARG A 1 36  ? 6.81081   6.18926   -5.03415  1.000 15.27482 ? 36  ARG A N   1 
ATOM   51   C CA  . ARG A 1 36  ? 6.89562   5.17765   -3.99438  1.000 13.21408 ? 36  ARG A CA  1 
ATOM   52   C C   . ARG A 1 36  ? 7.64684   5.73995   -2.79570  1.000 14.95478 ? 36  ARG A C   1 
ATOM   53   O O   . ARG A 1 36  ? 8.67449   6.39951   -2.95076  1.000 16.07186 ? 36  ARG A O   1 
ATOM   54   C CB  . ARG A 1 36  ? 7.59766   3.92854   -4.53425  1.000 14.89657 ? 36  ARG A CB  1 
ATOM   55   C CG  . ARG A 1 36  ? 6.85959   3.28539   -5.71383  1.000 19.58293 ? 36  ARG A CG  1 
ATOM   56   C CD  . ARG A 1 36  ? 7.59337   2.06700   -6.28952  1.000 17.47605 ? 36  ARG A CD  1 
ATOM   57   N NE  . ARG A 1 36  ? 8.93380   2.40144   -6.76172  1.000 17.13128 ? 36  ARG A NE  1 
ATOM   58   C CZ  . ARG A 1 36  ? 9.20163   3.05320   -7.88711  1.000 18.84389 ? 36  ARG A CZ  1 
ATOM   59   N NH1 . ARG A 1 36  ? 8.23983   3.44939   -8.70606  1.000 20.92607 ? 36  ARG A NH1 1 
ATOM   60   N NH2 . ARG A 1 36  ? 10.46894  3.31368   -8.20208  1.000 19.10702 ? 36  ARG A NH2 1 
ATOM   61   N N   . ILE A 1 37  ? 7.13182   5.48081   -1.59588  1.000 14.76297 ? 37  ILE A N   1 
ATOM   62   C CA  . ILE A 1 37  ? 7.73473   5.98612   -0.36299  1.000 13.28469 ? 37  ILE A CA  1 
ATOM   63   C C   . ILE A 1 37  ? 8.29251   4.80122   0.40737   1.000 14.94434 ? 37  ILE A C   1 
ATOM   64   O O   . ILE A 1 37  ? 7.54506   3.87304   0.74458   1.000 14.11884 ? 37  ILE A O   1 
ATOM   65   C CB  . ILE A 1 37  ? 6.72776   6.76951   0.49356   1.000 14.76392 ? 37  ILE A CB  1 
ATOM   66   C CG1 . ILE A 1 37  ? 6.12810   7.93595   -0.29731  1.000 17.06636 ? 37  ILE A CG1 1 
ATOM   67   C CG2 . ILE A 1 37  ? 7.39833   7.27166   1.76882   1.000 15.21024 ? 37  ILE A CG2 1 
ATOM   68   C CD1 . ILE A 1 37  ? 7.13921   8.84363   -0.93283  1.000 19.11074 ? 37  ILE A CD1 1 
ATOM   69   N N   . MET A 1 38  ? 9.60039   4.83557   0.69255   1.000 14.34077 ? 38  MET A N   1 
ATOM   70   C CA  . MET A 1 38  ? 10.29071  3.69839   1.31578   1.000 15.99076 ? 38  MET A CA  1 
ATOM   71   C C   . MET A 1 38  ? 10.00562  2.40846   0.53946   1.000 17.00238 ? 38  MET A C   1 
ATOM   72   O O   . MET A 1 38  ? 9.80787   1.32707   1.10831   1.000 16.51668 ? 38  MET A O   1 
ATOM   73   C CB  . MET A 1 38  ? 9.89994   3.55853   2.79018   1.000 18.26088 ? 38  MET A CB  1 
ATOM   74   C CG  . MET A 1 38  ? 10.35523  4.73014   3.68898   1.000 17.05400 ? 38  MET A CG  1 
ATOM   75   S SD  . MET A 1 38  ? 12.13314  4.98635   3.70544   1.000 20.10648 ? 38  MET A SD  1 
ATOM   76   C CE  . MET A 1 38  ? 12.67637  3.56755   4.65518   1.000 27.15486 ? 38  MET A CE  1 
ATOM   77   N N   . GLY A 1 39  ? 9.97508   2.52991   -0.78359  1.000 14.29153 ? 39  GLY A N   1 
ATOM   78   C CA  . GLY A 1 39  ? 9.75179   1.39581   -1.64811  1.000 14.37262 ? 39  GLY A CA  1 
ATOM   79   C C   . GLY A 1 39  ? 8.31687   0.92980   -1.78065  1.000 14.97381 ? 39  GLY A C   1 
ATOM   80   O O   . GLY A 1 39  ? 8.07214   -0.01891  -2.53354  1.000 16.41682 ? 39  GLY A O   1 
ATOM   81   N N   . VAL A 1 40  ? 7.35213   1.57639   -1.11211  1.000 15.15461 ? 40  VAL A N   1 
ATOM   82   C CA  . VAL A 1 40  ? 5.96276   1.10868   -1.06459  1.000 12.78224 ? 40  VAL A CA  1 
ATOM   83   C C   . VAL A 1 40  ? 5.10616   1.84997   -2.08994  1.000 13.69961 ? 40  VAL A C   1 
ATOM   84   O O   . VAL A 1 40  ? 5.17185   3.07807   -2.21220  1.000 14.14390 ? 40  VAL A O   1 
ATOM   85   C CB  . VAL A 1 40  ? 5.38211   1.25949   0.35851   1.000 13.66582 ? 40  VAL A CB  1 
ATOM   86   C CG1 . VAL A 1 40  ? 3.88639   0.91381   0.38695   1.000 13.06396 ? 40  VAL A CG1 1 
ATOM   87   C CG2 . VAL A 1 40  ? 6.17881   0.40080   1.34020   1.000 15.76895 ? 40  VAL A CG2 1 
ATOM   88   N N   . ALA A 1 41  ? 4.27970   1.09009   -2.81681  1.000 14.19772 ? 41  ALA A N   1 
ATOM   89   C CA  . ALA A 1 41  ? 3.26311   1.62100   -3.71282  1.000 13.67716 ? 41  ALA A CA  1 
ATOM   90   C C   . ALA A 1 41  ? 1.90519   1.03412   -3.35397  1.000 13.48810 ? 41  ALA A C   1 
ATOM   91   O O   . ALA A 1 41  ? 1.81066   -0.14960  -3.01089  1.000 15.52055 ? 41  ALA A O   1 
ATOM   92   C CB  . ALA A 1 41  ? 3.58288   1.27435   -5.17811  1.000 15.68275 ? 41  ALA A CB  1 
ATOM   93   N N   . LEU A 1 42  ? 0.86218   1.85662   -3.43089  1.000 13.41273 ? 42  LEU A N   1 
ATOM   94   C CA  . LEU A 1 42  ? -0.50608  1.35153   -3.46167  1.000 12.43448 ? 42  LEU A CA  1 
ATOM   95   C C   . LEU A 1 42  ? -0.81410  0.89728   -4.88055  1.000 13.77628 ? 42  LEU A C   1 
ATOM   96   O O   . LEU A 1 42  ? -0.60081  1.65705   -5.83154  1.000 12.70750 ? 42  LEU A O   1 
ATOM   97   C CB  . LEU A 1 42  ? -1.50174  2.43485   -3.03912  1.000 14.23230 ? 42  LEU A CB  1 
ATOM   98   C CG  . LEU A 1 42  ? -2.99247  2.09632   -3.16995  1.000 11.72907 ? 42  LEU A CG  1 
ATOM   99   C CD1 . LEU A 1 42  ? -3.38096  1.06172   -2.14308  1.000 13.61487 ? 42  LEU A CD1 1 
ATOM   100  C CD2 . LEU A 1 42  ? -3.87083  3.34629   -3.03821  1.000 14.73488 ? 42  LEU A CD2 1 
ATOM   101  N N   . VAL A 1 43  ? -1.30100  -0.33339  -5.02534  1.000 11.32065 ? 43  VAL A N   1 
ATOM   102  C CA  . VAL A 1 43  ? -1.65644  -0.92564  -6.31379  1.000 11.93009 ? 43  VAL A CA  1 
ATOM   103  C C   . VAL A 1 43  ? -3.10867  -1.38785  -6.25989  1.000 14.44209 ? 43  VAL A C   1 
ATOM   104  O O   . VAL A 1 43  ? -3.50047  -2.11172  -5.33865  1.000 14.22357 ? 43  VAL A O   1 
ATOM   105  C CB  . VAL A 1 43  ? -0.71687  -2.09389  -6.66977  1.000 13.86028 ? 43  VAL A CB  1 
ATOM   106  C CG1 . VAL A 1 43  ? -1.17836  -2.81838  -7.92401  1.000 15.00046 ? 43  VAL A CG1 1 
ATOM   107  C CG2 . VAL A 1 43  ? 0.71413   -1.58394  -6.85070  1.000 16.77716 ? 43  VAL A CG2 1 
ATOM   108  N N   . GLY A 1 44  ? -3.90457  -0.97955  -7.24788  1.000 14.14546 ? 44  GLY A N   1 
ATOM   109  C CA  . GLY A 1 44  ? -5.28596  -1.42075  -7.30076  1.000 13.93430 ? 44  GLY A CA  1 
ATOM   110  C C   . GLY A 1 44  ? -5.74556  -1.61947  -8.72695  1.000 16.83245 ? 44  GLY A C   1 
ATOM   111  O O   . GLY A 1 44  ? -5.09517  -1.19313  -9.67980  1.000 16.31869 ? 44  GLY A O   1 
ATOM   112  N N   . ARG A 1 45  ? -6.88691  -2.27971  -8.86822  1.000 14.22463 ? 45  ARG A N   1 
ATOM   113  C CA  . ARG A 1 45  ? -7.53533  -2.35595  -10.16315 1.000 15.19342 ? 45  ARG A CA  1 
ATOM   114  C C   . ARG A 1 45  ? -8.23279  -1.03255  -10.45988 1.000 16.04242 ? 45  ARG A C   1 
ATOM   115  O O   . ARG A 1 45  ? -8.57690  -0.27976  -9.54422  1.000 17.61228 ? 45  ARG A O   1 
ATOM   116  C CB  . ARG A 1 45  ? -8.52711  -3.51946  -10.19490 1.000 14.23875 ? 45  ARG A CB  1 
ATOM   117  C CG  . ARG A 1 45  ? -7.87832  -4.84986  -9.83668  1.000 18.25424 ? 45  ARG A CG  1 
ATOM   118  C CD  . ARG A 1 45  ? -8.76181  -6.01188  -10.19301 1.000 23.03603 ? 45  ARG A CD  1 
ATOM   119  N NE  . ARG A 1 45  ? -8.00984  -7.26041  -10.20801 1.000 24.16889 ? 45  ARG A NE  1 
ATOM   120  C CZ  . ARG A 1 45  ? -8.53979  -8.43966  -9.91882  1.000 27.47330 ? 45  ARG A CZ  1 
ATOM   121  N NH1 . ARG A 1 45  ? -9.81847  -8.55796  -9.59359  1.000 29.49419 ? 45  ARG A NH1 1 
ATOM   122  N NH2 . ARG A 1 45  ? -7.76703  -9.52273  -9.94591  1.000 28.54745 ? 45  ARG A NH2 1 
ATOM   123  N N   . ASN A 1 46  ? -8.39222  -0.72501  -11.74931 1.000 17.81055 ? 46  ASN A N   1 
ATOM   124  C CA  . ASN A 1 46  ? -9.00477  0.54540   -12.13619 1.000 18.43836 ? 46  ASN A CA  1 
ATOM   125  C C   . ASN A 1 46  ? -10.50193 0.60293   -11.87481 1.000 23.84021 ? 46  ASN A C   1 
ATOM   126  O O   . ASN A 1 46  ? -11.08105 1.69154   -11.95478 1.000 25.29409 ? 46  ASN A O   1 
ATOM   127  C CB  . ASN A 1 46  ? -8.76054  0.84545   -13.61452 1.000 23.57573 ? 46  ASN A CB  1 
ATOM   128  C CG  . ASN A 1 46  ? -7.32641  1.20211   -13.89990 1.000 31.42929 ? 46  ASN A CG  1 
ATOM   129  O OD1 . ASN A 1 46  ? -6.77030  0.80209   -14.91934 1.000 38.68673 ? 46  ASN A OD1 1 
ATOM   130  N ND2 . ASN A 1 46  ? -6.71383  1.95620   -12.99752 1.000 29.27969 ? 46  ASN A ND2 1 
ATOM   131  N N   . LYS A 1 47  ? -11.14451 -0.53030  -11.61083 1.000 22.54737 ? 47  LYS A N   1 
ATOM   132  C CA  . LYS A 1 47  ? -12.57042 -0.57016  -11.32175 1.000 22.47222 ? 47  LYS A CA  1 
ATOM   133  C C   . LYS A 1 47  ? -12.80403 -1.73875  -10.38030 1.000 21.78232 ? 47  LYS A C   1 
ATOM   134  O O   . LYS A 1 47  ? -12.01388 -2.68250  -10.33745 1.000 25.17788 ? 47  LYS A O   1 
ATOM   135  C CB  . LYS A 1 47  ? -13.42135 -0.72654  -12.58893 1.000 30.66199 ? 47  LYS A CB  1 
ATOM   136  C CG  . LYS A 1 47  ? -13.03117 -1.91034  -13.46555 1.000 31.34966 ? 47  LYS A CG  1 
ATOM   137  C CD  . LYS A 1 47  ? -13.95853 -2.04584  -14.66024 1.000 38.36641 ? 47  LYS A CD  1 
ATOM   138  C CE  . LYS A 1 47  ? -14.24162 -3.50980  -14.95967 1.000 40.82472 ? 47  LYS A CE  1 
ATOM   139  N NZ  . LYS A 1 47  ? -15.26157 -3.69610  -16.02947 1.000 43.88956 ? 47  LYS A NZ  1 
ATOM   140  N N   . ASN A 1 48  ? -13.88221 -1.66024  -9.60798  1.000 20.71848 ? 48  ASN A N   1 
ATOM   141  C CA  . ASN A 1 48  ? -14.23113 -2.78612  -8.75862  1.000 19.73289 ? 48  ASN A CA  1 
ATOM   142  C C   . ASN A 1 48  ? -14.70724 -3.95521  -9.62322  1.000 22.22069 ? 48  ASN A C   1 
ATOM   143  O O   . ASN A 1 48  ? -15.23213 -3.75703  -10.72303 1.000 22.50295 ? 48  ASN A O   1 
ATOM   144  C CB  . ASN A 1 48  ? -15.31225 -2.39625  -7.75683  1.000 21.04332 ? 48  ASN A CB  1 
ATOM   145  C CG  . ASN A 1 48  ? -14.81814 -1.42827  -6.71872  1.000 24.46028 ? 48  ASN A CG  1 
ATOM   146  O OD1 . ASN A 1 48  ? -13.62227 -1.36042  -6.42894  1.000 24.10576 ? 48  ASN A OD1 1 
ATOM   147  N ND2 . ASN A 1 48  ? -15.74245 -0.67679  -6.13508  1.000 23.44301 ? 48  ASN A ND2 1 
ATOM   148  N N   . PRO A 1 49  ? -14.53898 -5.19380  -9.14583  1.000 20.36132 ? 49  PRO A N   1 
ATOM   149  C CA  . PRO A 1 49  ? -14.01003 -5.59632  -7.83237  1.000 16.79931 ? 49  PRO A CA  1 
ATOM   150  C C   . PRO A 1 49  ? -12.49623 -5.50658  -7.69308  1.000 17.59593 ? 49  PRO A C   1 
ATOM   151  O O   . PRO A 1 49  ? -11.75481 -5.68480  -8.66441  1.000 19.20260 ? 49  PRO A O   1 
ATOM   152  C CB  . PRO A 1 49  ? -14.46411 -7.06557  -7.70396  1.000 20.59989 ? 49  PRO A CB  1 
ATOM   153  C CG  . PRO A 1 49  ? -15.41743 -7.31726  -8.83700  1.000 26.75067 ? 49  PRO A CG  1 
ATOM   154  C CD  . PRO A 1 49  ? -15.00792 -6.35621  -9.90990  1.000 21.70401 ? 49  PRO A CD  1 
ATOM   155  N N   . GLN A 1 50  ? -12.03412 -5.24371  -6.46955  1.000 15.46303 ? 50  GLN A N   1 
ATOM   156  C CA  . GLN A 1 50  ? -10.61338 -5.28720  -6.15025  1.000 16.13711 ? 50  GLN A CA  1 
ATOM   157  C C   . GLN A 1 50  ? -10.18643 -6.72980  -5.87463  1.000 17.06301 ? 50  GLN A C   1 
ATOM   158  O O   . GLN A 1 50  ? -10.72792 -7.65552  -6.49199  1.000 16.49729 ? 50  GLN A O   1 
ATOM   159  C CB  . GLN A 1 50  ? -10.29504 -4.35613  -4.97717  1.000 14.82058 ? 50  GLN A CB  1 
ATOM   160  C CG  . GLN A 1 50  ? -10.53203 -2.88460  -5.31488  1.000 14.98555 ? 50  GLN A CG  1 
ATOM   161  C CD  . GLN A 1 50  ? -9.61456  -2.39125  -6.40787  1.000 14.49842 ? 50  GLN A CD  1 
ATOM   162  O OE1 . GLN A 1 50  ? -8.50339  -2.89176  -6.55889  1.000 15.97101 ? 50  GLN A OE1 1 
ATOM   163  N NE2 . GLN A 1 50  ? -10.06612 -1.39715  -7.17010  1.000 19.06404 ? 50  GLN A NE2 1 
ATOM   164  N N   . MET A 1 51  ? -9.21940  -6.94012  -4.98479  1.000 14.93833 ? 51  MET A N   1 
ATOM   165  C CA  . MET A 1 51  ? -8.37399  -8.13799  -5.00129  1.000 13.48238 ? 51  MET A CA  1 
ATOM   166  C C   . MET A 1 51  ? -8.43524  -8.89174  -3.67326  1.000 12.98111 ? 51  MET A C   1 
ATOM   167  O O   . MET A 1 51  ? -8.23047  -8.29407  -2.60808  1.000 13.64587 ? 51  MET A O   1 
ATOM   168  C CB  . MET A 1 51  ? -6.94279  -7.69097  -5.27884  1.000 15.49863 ? 51  MET A CB  1 
ATOM   169  C CG  . MET A 1 51  ? -6.79590  -7.07653  -6.66080  1.000 15.39693 ? 51  MET A CG  1 
ATOM   170  S SD  . MET A 1 51  ? -5.08841  -6.65421  -7.02540  1.000 17.60020 ? 51  MET A SD  1 
ATOM   171  C CE  . MET A 1 51  ? -5.00401  -5.11713  -6.11953  1.000 17.23377 ? 51  MET A CE  1 
ATOM   172  N N   . ASN A 1 52  ? -8.65694  -10.21117 -3.73406  1.000 14.09260 ? 52  ASN A N   1 
ATOM   173  C CA  . ASN A 1 52  ? -8.47079  -10.98899 -2.51450  1.000 14.44047 ? 52  ASN A CA  1 
ATOM   174  C C   . ASN A 1 52  ? -6.96832  -11.15700 -2.24879  1.000 14.26725 ? 52  ASN A C   1 
ATOM   175  O O   . ASN A 1 52  ? -6.12717  -10.63705 -2.97761  1.000 13.97557 ? 52  ASN A O   1 
ATOM   176  C CB  . ASN A 1 52  ? -9.22597  -12.32898 -2.57074  1.000 15.19579 ? 52  ASN A CB  1 
ATOM   177  C CG  . ASN A 1 52  ? -8.72127  -13.31604 -3.64346  1.000 18.15270 ? 52  ASN A CG  1 
ATOM   178  O OD1 . ASN A 1 52  ? -7.55980  -13.32128 -4.04072  1.000 15.98138 ? 52  ASN A OD1 1 
ATOM   179  N ND2 . ASN A 1 52  ? -9.62021  -14.22164 -4.05632  1.000 19.18585 ? 52  ASN A ND2 1 
ATOM   180  N N   . PHE A 1 53  ? -6.62636  -11.84729 -1.15402  1.000 11.72729 ? 53  PHE A N   1 
ATOM   181  C CA  . PHE A 1 53  ? -5.22597  -11.94094 -0.73619  1.000 12.97601 ? 53  PHE A CA  1 
ATOM   182  C C   . PHE A 1 53  ? -4.35924  -12.55994 -1.83011  1.000 14.44405 ? 53  PHE A C   1 
ATOM   183  O O   . PHE A 1 53  ? -3.28028  -12.03477 -2.14777  1.000 14.67783 ? 53  PHE A O   1 
ATOM   184  C CB  . PHE A 1 53  ? -5.11278  -12.75304 0.55894   1.000 15.39177 ? 53  PHE A CB  1 
ATOM   185  C CG  . PHE A 1 53  ? -3.70778  -12.84806 1.09900   1.000 14.00847 ? 53  PHE A CG  1 
ATOM   186  C CD1 . PHE A 1 53  ? -3.04106  -11.72874 1.57501   1.000 14.55159 ? 53  PHE A CD1 1 
ATOM   187  C CD2 . PHE A 1 53  ? -3.04522  -14.07628 1.09909   1.000 20.87913 ? 53  PHE A CD2 1 
ATOM   188  C CE1 . PHE A 1 53  ? -1.73851  -11.83481 2.06657   1.000 17.00761 ? 53  PHE A CE1 1 
ATOM   189  C CE2 . PHE A 1 53  ? -1.74804  -14.18545 1.58413   1.000 19.11594 ? 53  PHE A CE2 1 
ATOM   190  C CZ  . PHE A 1 53  ? -1.09623  -13.05720 2.06450   1.000 20.36598 ? 53  PHE A CZ  1 
ATOM   191  N N   . THR A 1 54  ? -4.82935  -13.66134 -2.43117  1.000 17.13436 ? 54  THR A N   1 
ATOM   192  C CA  . THR A 1 54  ? -4.10860  -14.31053 -3.52773  1.000 16.80169 ? 54  THR A CA  1 
ATOM   193  C C   . THR A 1 54  ? -3.93897  -13.37421 -4.71648  1.000 17.58784 ? 54  THR A C   1 
ATOM   194  O O   . THR A 1 54  ? -2.84870  -13.27825 -5.29521  1.000 17.68782 ? 54  THR A O   1 
ATOM   195  C CB  . THR A 1 54  ? -4.84892  -15.59228 -3.95159  1.000 17.25225 ? 54  THR A CB  1 
ATOM   196  O OG1 . THR A 1 54  ? -4.78629  -16.54849 -2.88873  1.000 25.78609 ? 54  THR A OG1 1 
ATOM   197  C CG2 . THR A 1 54  ? -4.26118  -16.18335 -5.22542  1.000 24.95167 ? 54  THR A CG2 1 
ATOM   198  N N   . GLU A 1 55  ? -5.01986  -12.69120 -5.10698  1.000 15.49793 ? 55  GLU A N   1 
ATOM   199  C CA  . GLU A 1 55  ? -4.96733  -11.75382 -6.22969  1.000 14.68999 ? 55  GLU A CA  1 
ATOM   200  C C   . GLU A 1 55  ? -4.02063  -10.58950 -5.95349  1.000 14.29189 ? 55  GLU A C   1 
ATOM   201  O O   . GLU A 1 55  ? -3.35315  -10.08944 -6.87461  1.000 14.08062 ? 55  GLU A O   1 
ATOM   202  C CB  . GLU A 1 55  ? -6.37908  -11.24299 -6.52922  1.000 15.55322 ? 55  GLU A CB  1 
ATOM   203  C CG  . GLU A 1 55  ? -7.30987  -12.31226 -7.08499  1.000 17.96348 ? 55  GLU A CG  1 
ATOM   204  C CD  . GLU A 1 55  ? -8.74619  -11.82948 -7.21883  1.000 22.38900 ? 55  GLU A CD  1 
ATOM   205  O OE1 . GLU A 1 55  ? -9.25681  -11.22837 -6.25119  1.000 19.39697 ? 55  GLU A OE1 1 
ATOM   206  O OE2 . GLU A 1 55  ? -9.37464  -12.08792 -8.27728  1.000 22.41687 ? 55  GLU A OE2 1 
ATOM   207  N N   . ALA A 1 56  ? -3.95769  -10.13201 -4.70099  1.000 15.55320 ? 56  ALA A N   1 
ATOM   208  C CA  . ALA A 1 56  ? -3.08157  -9.01706  -4.35948  1.000 12.16398 ? 56  ALA A CA  1 
ATOM   209  C C   . ALA A 1 56  ? -1.61633  -9.40659  -4.50586  1.000 16.07412 ? 56  ALA A C   1 
ATOM   210  O O   . ALA A 1 56  ? -0.81470  -8.64815  -5.05992  1.000 14.50830 ? 56  ALA A O   1 
ATOM   211  C CB  . ALA A 1 56  ? -3.38373  -8.54617  -2.93776  1.000 13.57890 ? 56  ALA A CB  1 
ATOM   212  N N   . ASN A 1 57  ? -1.24080  -10.57654 -3.98356  1.000 12.76472 ? 57  ASN A N   1 
ATOM   213  C CA  . ASN A 1 57  ? 0.11808   -11.07092 -4.17562  1.000 14.40010 ? 57  ASN A CA  1 
ATOM   214  C C   . ASN A 1 57  ? 0.43987   -11.21260 -5.66028  1.000 15.65798 ? 57  ASN A C   1 
ATOM   215  O O   . ASN A 1 57  ? 1.52076   -10.81707 -6.10579  1.000 17.11344 ? 57  ASN A O   1 
ATOM   216  C CB  . ASN A 1 57  ? 0.29979   -12.41627 -3.45783  1.000 15.73274 ? 57  ASN A CB  1 
ATOM   217  C CG  . ASN A 1 57  ? 0.55911   -12.27586 -1.95615  1.000 17.66630 ? 57  ASN A CG  1 
ATOM   218  O OD1 . ASN A 1 57  ? 1.70200   -12.13550 -1.52608  1.000 19.10383 ? 57  ASN A OD1 1 
ATOM   219  N ND2 . ASN A 1 57  ? -0.50211  -12.35070 -1.15461  1.000 18.20116 ? 57  ASN A ND2 1 
ATOM   220  N N   . GLU A 1 58  ? -0.49054  -11.77846 -6.43976  1.000 15.54514 ? 58  GLU A N   1 
ATOM   221  C CA  . GLU A 1 58  ? -0.26293  -11.94167 -7.87343  1.000 16.02675 ? 58  GLU A CA  1 
ATOM   222  C C   . GLU A 1 58  ? -0.07336  -10.60044 -8.57571  1.000 19.57634 ? 58  GLU A C   1 
ATOM   223  O O   . GLU A 1 58  ? 0.74593   -10.49037 -9.49657  1.000 18.09190 ? 58  GLU A O   1 
ATOM   224  C CB  . GLU A 1 58  ? -1.42055  -12.71843 -8.50352  1.000 19.21887 ? 58  GLU A CB  1 
ATOM   225  C CG  . GLU A 1 58  ? -1.04328  -13.56430 -9.73972  1.000 26.04977 ? 58  GLU A CG  1 
ATOM   226  C CD  . GLU A 1 58  ? 0.01122   -14.65627 -9.50592  1.000 31.17759 ? 58  GLU A CD  1 
ATOM   227  O OE1 . GLU A 1 58  ? 0.28062   -15.03244 -8.34532  1.000 26.99648 ? 58  GLU A OE1 1 
ATOM   228  O OE2 . GLU A 1 58  ? 0.57177   -15.14772 -10.51414 1.000 31.08807 ? 58  GLU A OE2 1 
ATOM   229  N N   . ALA A 1 59  ? -0.80878  -9.56579  -8.15154  1.000 14.62635 ? 59  ALA A N   1 
ATOM   230  C CA  . ALA A 1 59  ? -0.68404  -8.26835  -8.81629  1.000 15.30864 ? 59  ALA A CA  1 
ATOM   231  C C   . ALA A 1 59  ? 0.69830   -7.67559  -8.59789  1.000 15.82354 ? 59  ALA A C   1 
ATOM   232  O O   . ALA A 1 59  ? 1.33140   -7.18598  -9.54245  1.000 15.42669 ? 59  ALA A O   1 
ATOM   233  C CB  . ALA A 1 59  ? -1.75605  -7.30077  -8.31611  1.000 15.82159 ? 59  ALA A CB  1 
ATOM   234  N N   . CYS A 1 60  ? 1.18096   -7.70281  -7.35527  1.000 15.43771 ? 60  CYS A N   1 
ATOM   235  C CA  . CYS A 1 60  ? 2.54745   -7.27494  -7.08496  1.000 16.17977 ? 60  CYS A CA  1 
ATOM   236  C C   . CYS A 1 60  ? 3.53795   -8.06747  -7.91993  1.000 18.37459 ? 60  CYS A C   1 
ATOM   237  O O   . CYS A 1 60  ? 4.42673   -7.49177  -8.55654  1.000 17.35694 ? 60  CYS A O   1 
ATOM   238  C CB  . CYS A 1 60  ? 2.87030   -7.42313  -5.59691  1.000 15.76341 ? 60  CYS A CB  1 
ATOM   239  S SG  . CYS A 1 60  ? 1.89678   -6.39040  -4.47019  1.000 15.70845 ? 60  CYS A SG  1 
ATOM   240  N N   . LYS A 1 61  ? 3.37188   -9.38322  -7.95010  1.000 16.10768 ? 61  LYS A N   1 
ATOM   241  C CA  . LYS A 1 61  ? 4.28255   -10.23566 -8.71558  1.000 19.63073 ? 61  LYS A CA  1 
ATOM   242  C C   . LYS A 1 61  ? 4.31110   -9.87992  -10.20460 1.000 21.64767 ? 61  LYS A C   1 
ATOM   243  O O   . LYS A 1 61  ? 5.37532   -9.82867  -10.81224 1.000 20.25534 ? 61  LYS A O   1 
ATOM   244  C CB  . LYS A 1 61  ? 3.91300   -11.71040 -8.52358  1.000 19.74555 ? 61  LYS A CB  1 
ATOM   245  C CG  . LYS A 1 61  ? 4.86755   -12.68901 -9.18377  1.000 22.82450 ? 61  LYS A CG  1 
ATOM   246  C CD  . LYS A 1 61  ? 4.32120   -14.10737 -9.12922  1.000 29.13197 ? 61  LYS A CD  1 
ATOM   247  C CE  . LYS A 1 61  ? 3.46590   -14.32556 -7.89072  1.000 31.90185 ? 61  LYS A CE  1 
ATOM   248  N NZ  . LYS A 1 61  ? 2.94692   -15.71938 -7.80614  1.000 33.94523 ? 61  LYS A NZ  1 
ATOM   249  N N   . MET A 1 62  ? 3.14632   -9.63242  -10.78797 1.000 18.04837 ? 62  MET A N   1 
ATOM   250  C CA  . MET A 1 62  ? 3.09999   -9.26786  -12.20587 1.000 18.61112 ? 62  MET A CA  1 
ATOM   251  C C   . MET A 1 62  ? 3.87304   -7.98294  -12.48357 1.000 21.65506 ? 62  MET A C   1 
ATOM   252  O O   . MET A 1 62  ? 4.36218   -7.77914  -13.60531 1.000 23.08298 ? 62  MET A O   1 
ATOM   253  C CB  . MET A 1 62  ? 1.64846   -9.12856  -12.67558 1.000 21.80292 ? 62  MET A CB  1 
ATOM   254  C CG  . MET A 1 62  ? 0.88108   -10.45018 -12.73019 1.000 25.04348 ? 62  MET A CG  1 
ATOM   255  S SD  . MET A 1 62  ? -0.89464  -10.27405 -13.04452 1.000 31.13303 ? 62  MET A SD  1 
ATOM   256  C CE  . MET A 1 62  ? -0.89446  -9.99542  -14.81527 1.000 27.98520 ? 62  MET A CE  1 
ATOM   257  N N   . LEU A 1 63  ? 3.99830   -7.11870  -11.48078 1.000 17.91584 ? 63  LEU A N   1 
ATOM   258  C CA  . LEU A 1 63  ? 4.76851   -5.88839  -11.58245 1.000 20.04986 ? 63  LEU A CA  1 
ATOM   259  C C   . LEU A 1 63  ? 6.24452   -6.09006  -11.25798 1.000 19.42691 ? 63  LEU A C   1 
ATOM   260  O O   . LEU A 1 63  ? 7.00602   -5.11785  -11.26849 1.000 20.70808 ? 63  LEU A O   1 
ATOM   261  C CB  . LEU A 1 63  ? 4.18055   -4.82883  -10.64864 1.000 20.16751 ? 63  LEU A CB  1 
ATOM   262  C CG  . LEU A 1 63  ? 2.76982   -4.36183  -11.01084 1.000 19.26410 ? 63  LEU A CG  1 
ATOM   263  C CD1 . LEU A 1 63  ? 2.23106   -3.41762  -9.94660  1.000 21.73446 ? 63  LEU A CD1 1 
ATOM   264  C CD2 . LEU A 1 63  ? 2.75172   -3.70701  -12.38048 1.000 26.07484 ? 63  LEU A CD2 1 
ATOM   265  N N   . GLY A 1 64  ? 6.66506   -7.32175  -10.97047 1.000 17.75624 ? 64  GLY A N   1 
ATOM   266  C CA  . GLY A 1 64  ? 8.02224   -7.56430  -10.52015 1.000 19.22699 ? 64  GLY A CA  1 
ATOM   267  C C   . GLY A 1 64  ? 8.29401   -7.18869  -9.08039  1.000 19.70762 ? 64  GLY A C   1 
ATOM   268  O O   . GLY A 1 64  ? 9.46277   -7.04608  -8.69814  1.000 22.27960 ? 64  GLY A O   1 
ATOM   269  N N   . LEU A 1 65  ? 7.25539   -7.01445  -8.27095  1.000 17.77055 ? 65  LEU A N   1 
ATOM   270  C CA  . LEU A 1 65  ? 7.37215   -6.61313  -6.87578  1.000 19.51487 ? 65  LEU A CA  1 
ATOM   271  C C   . LEU A 1 65  ? 6.93251   -7.76080  -5.96559  1.000 17.63067 ? 65  LEU A C   1 
ATOM   272  O O   . LEU A 1 65  ? 6.64320   -8.87579  -6.41492  1.000 20.22877 ? 65  LEU A O   1 
ATOM   273  C CB  . LEU A 1 65  ? 6.53541   -5.36171  -6.60608  1.000 17.75000 ? 65  LEU A CB  1 
ATOM   274  C CG  . LEU A 1 65  ? 6.74049   -4.20509  -7.59531  1.000 18.27714 ? 65  LEU A CG  1 
ATOM   275  C CD1 . LEU A 1 65  ? 5.65717   -3.14255  -7.42626  1.000 22.50944 ? 65  LEU A CD1 1 
ATOM   276  C CD2 . LEU A 1 65  ? 8.11243   -3.62127  -7.43798  1.000 23.55372 ? 65  LEU A CD2 1 
ATOM   277  N N   . THR A 1 66  ? 6.90627   -7.48235  -4.66505  1.000 17.85168 ? 66  THR A N   1 
ATOM   278  C CA  . THR A 1 66  ? 6.36903   -8.39894  -3.66856  1.000 16.12143 ? 66  THR A CA  1 
ATOM   279  C C   . THR A 1 66  ? 5.30856   -7.66134  -2.86534  1.000 15.97193 ? 66  THR A C   1 
ATOM   280  O O   . THR A 1 66  ? 5.30283   -6.43157  -2.80587  1.000 15.74275 ? 66  THR A O   1 
ATOM   281  C CB  . THR A 1 66  ? 7.44796   -8.92892  -2.71106  1.000 22.21027 ? 66  THR A CB  1 
ATOM   282  O OG1 . THR A 1 66  ? 7.99030   -7.84579  -1.94759  1.000 26.93510 ? 66  THR A OG1 1 
ATOM   283  C CG2 . THR A 1 66  ? 8.57291   -9.61545  -3.48601  1.000 27.43609 ? 66  THR A CG2 1 
ATOM   284  N N   . LEU A 1 67  ? 4.39593   -8.41223  -2.24598  1.000 15.51302 ? 67  LEU A N   1 
ATOM   285  C CA  . LEU A 1 67  ? 3.47082   -7.78176  -1.30886  1.000 14.30103 ? 67  LEU A CA  1 
ATOM   286  C C   . LEU A 1 67  ? 4.24230   -7.21611  -0.12463  1.000 15.03444 ? 67  LEU A C   1 
ATOM   287  O O   . LEU A 1 67  ? 5.07594   -7.90337  0.48240   1.000 16.89019 ? 67  LEU A O   1 
ATOM   288  C CB  . LEU A 1 67  ? 2.41553   -8.77930  -0.81491  1.000 15.87776 ? 67  LEU A CB  1 
ATOM   289  C CG  . LEU A 1 67  ? 1.12777   -8.19467  -0.20995  1.000 15.55768 ? 67  LEU A CG  1 
ATOM   290  C CD1 . LEU A 1 67  ? 0.35838   -7.40467  -1.27244  1.000 14.74301 ? 67  LEU A CD1 1 
ATOM   291  C CD2 . LEU A 1 67  ? 0.26552   -9.30907  0.41809   1.000 16.17404 ? 67  LEU A CD2 1 
ATOM   292  N N   . ALA A 1 68  ? 3.94756   -5.96337  0.20840   1.000 12.29826 ? 68  ALA A N   1 
ATOM   293  C CA  . ALA A 1 68  ? 4.59651   -5.29609  1.33158   1.000 13.44870 ? 68  ALA A CA  1 
ATOM   294  C C   . ALA A 1 68  ? 4.17767   -5.92128  2.65594   1.000 14.84376 ? 68  ALA A C   1 
ATOM   295  O O   . ALA A 1 68  ? 3.10764   -6.51676  2.78760   1.000 14.55352 ? 68  ALA A O   1 
ATOM   296  C CB  . ALA A 1 68  ? 4.25199   -3.80963  1.34452   1.000 13.57036 ? 68  ALA A CB  1 
ATOM   297  N N   . SER A 1 69  ? 5.04244   -5.77147  3.64674   1.000 15.12937 ? 69  SER A N   1 
ATOM   298  C CA  . SER A 1 69  ? 4.73100   -6.13178  5.02124   1.000 14.75927 ? 69  SER A CA  1 
ATOM   299  C C   . SER A 1 69  ? 4.11881   -4.94246  5.76811   1.000 15.07909 ? 69  SER A C   1 
ATOM   300  O O   . SER A 1 69  ? 4.23081   -3.78759  5.34844   1.000 14.50906 ? 69  SER A O   1 
ATOM   301  C CB  . SER A 1 69  ? 5.99574   -6.60848  5.71474   1.000 16.13437 ? 69  SER A CB  1 
ATOM   302  O OG  . SER A 1 69  ? 6.83102   -5.49109  5.98526   1.000 15.82662 ? 69  SER A OG  1 
ATOM   303  N N   . ARG A 1 70  ? 3.44888   -5.24435  6.89030   1.000 14.64922 ? 70  ARG A N   1 
ATOM   304  C CA  . ARG A 1 70  ? 2.98230   -4.16561  7.76564   1.000 14.82335 ? 70  ARG A CA  1 
ATOM   305  C C   . ARG A 1 70  ? 4.11189   -3.21324  8.13804   1.000 16.10221 ? 70  ARG A C   1 
ATOM   306  O O   . ARG A 1 70  ? 3.93809   -1.98788  8.10531   1.000 16.47668 ? 70  ARG A O   1 
ATOM   307  C CB  . ARG A 1 70  ? 2.35161   -4.74068  9.03527   1.000 15.02847 ? 70  ARG A CB  1 
ATOM   308  C CG  . ARG A 1 70  ? 1.78022   -3.65096  9.94925   1.000 16.24066 ? 70  ARG A CG  1 
ATOM   309  C CD  . ARG A 1 70  ? 1.34955   -4.22792  11.27044  1.000 17.65972 ? 70  ARG A CD  1 
ATOM   310  N NE  . ARG A 1 70  ? 1.19026   -3.22078  12.31559  1.000 16.24425 ? 70  ARG A NE  1 
ATOM   311  C CZ  . ARG A 1 70  ? 0.76533   -3.51334  13.53619  1.000 19.33714 ? 70  ARG A CZ  1 
ATOM   312  N NH1 . ARG A 1 70  ? 0.41573   -4.74814  13.86523  1.000 19.76359 ? 70  ARG A NH1 1 
ATOM   313  N NH2 . ARG A 1 70  ? 0.64859   -2.53946  14.43531  1.000 21.14029 ? 70  ARG A NH2 1 
ATOM   314  N N   . ASP A 1 71  ? 5.27688   -3.76449  8.47158   1.000 16.51502 ? 71  ASP A N   1 
ATOM   315  C CA  . ASP A 1 71  ? 6.41865   -2.94962  8.87052   1.000 15.72541 ? 71  ASP A CA  1 
ATOM   316  C C   . ASP A 1 71  ? 6.82685   -2.00355  7.74742   1.000 18.73580 ? 71  ASP A C   1 
ATOM   317  O O   . ASP A 1 71  ? 7.19734   -0.85099  7.99204   1.000 17.76002 ? 71  ASP A O   1 
ATOM   318  C CB  . ASP A 1 71  ? 7.58760   -3.86234  9.23742   1.000 16.95039 ? 71  ASP A CB  1 
ATOM   319  C CG  . ASP A 1 71  ? 7.41758   -4.52557  10.58954  1.000 29.34963 ? 71  ASP A CG  1 
ATOM   320  O OD1 . ASP A 1 71  ? 6.38968   -4.28648  11.26403  1.000 29.72834 ? 71  ASP A OD1 1 
ATOM   321  O OD2 . ASP A 1 71  ? 8.31060   -5.31418  10.96429  1.000 33.79719 ? 71  ASP A OD2 1 
ATOM   322  N N   . GLN A 1 72  ? 6.78333   -2.48482  6.50523   1.000 15.14781 ? 72  GLN A N   1 
ATOM   323  C CA  . GLN A 1 72  ? 7.17345   -1.64111  5.38227   1.000 16.06236 ? 72  GLN A CA  1 
ATOM   324  C C   . GLN A 1 72  ? 6.17739   -0.50385  5.17343   1.000 15.63771 ? 72  GLN A C   1 
ATOM   325  O O   . GLN A 1 72  ? 6.57769   0.62155   4.84090   1.000 15.05546 ? 72  GLN A O   1 
ATOM   326  C CB  . GLN A 1 72  ? 7.32618   -2.50547  4.12929   1.000 15.23257 ? 72  GLN A CB  1 
ATOM   327  C CG  . GLN A 1 72  ? 8.68669   -3.19794  4.04628   1.000 17.31509 ? 72  GLN A CG  1 
ATOM   328  C CD  . GLN A 1 72  ? 8.71906   -4.42794  3.13630   1.000 19.18595 ? 72  GLN A CD  1 
ATOM   329  O OE1 . GLN A 1 72  ? 7.68227   -4.92589  2.68015   1.000 18.04059 ? 72  GLN A OE1 1 
ATOM   330  N NE2 . GLN A 1 72  ? 9.92324   -4.89346  2.83321   1.000 20.52088 ? 72  GLN A NE2 1 
ATOM   331  N N   . VAL A 1 73  ? 4.87959   -0.75729  5.38140   1.000 13.26959 ? 73  VAL A N   1 
ATOM   332  C CA  . VAL A 1 73  ? 3.91206   0.33040   5.23606   1.000 12.45926 ? 73  VAL A CA  1 
ATOM   333  C C   . VAL A 1 73  ? 4.05397   1.32442   6.38567   1.000 14.29386 ? 73  VAL A C   1 
ATOM   334  O O   . VAL A 1 73  ? 3.91911   2.54216   6.18653   1.000 14.59444 ? 73  VAL A O   1 
ATOM   335  C CB  . VAL A 1 73  ? 2.47855   -0.23096  5.12016   1.000 12.63651 ? 73  VAL A CB  1 
ATOM   336  C CG1 . VAL A 1 73  ? 1.45176   0.90715   5.02146   1.000 14.25382 ? 73  VAL A CG1 1 
ATOM   337  C CG2 . VAL A 1 73  ? 2.35684   -1.14893  3.90862   1.000 11.94789 ? 73  VAL A CG2 1 
ATOM   338  N N   . GLU A 1 74  ? 4.37728   0.84018   7.58566   1.000 15.44055 ? 74  GLU A N   1 
ATOM   339  C CA  . GLU A 1 74  ? 4.61979   1.74871   8.70435   1.000 15.07733 ? 74  GLU A CA  1 
ATOM   340  C C   . GLU A 1 74  ? 5.81298   2.65658   8.43141   1.000 16.46748 ? 74  GLU A C   1 
ATOM   341  O O   . GLU A 1 74  ? 5.76829   3.85646   8.72676   1.000 14.43226 ? 74  GLU A O   1 
ATOM   342  C CB  . GLU A 1 74  ? 4.84997   0.94314   9.97716   1.000 16.22373 ? 74  GLU A CB  1 
ATOM   343  C CG  . GLU A 1 74  ? 3.57684   0.33438   10.49989  1.000 20.16662 ? 74  GLU A CG  1 
ATOM   344  C CD  . GLU A 1 74  ? 3.82645   -0.66246  11.60433  1.000 23.25620 ? 74  GLU A CD  1 
ATOM   345  O OE1 . GLU A 1 74  ? 4.95788   -1.19771  11.69103  1.000 26.95166 ? 74  GLU A OE1 1 
ATOM   346  O OE2 . GLU A 1 74  ? 2.90269   -0.87646  12.41712  1.000 24.65676 ? 74  GLU A OE2 1 
ATOM   347  N N   . SER A 1 75  ? 6.90296   2.09938   7.89767   1.000 15.12869 ? 75  SER A N   1 
ATOM   348  C CA  . SER A 1 75  ? 8.05217   2.93117   7.54053   1.000 15.32322 ? 75  SER A CA  1 
ATOM   349  C C   . SER A 1 75  ? 7.67602   4.00070   6.51347   1.000 15.42600 ? 75  SER A C   1 
ATOM   350  O O   . SER A 1 75  ? 8.11785   5.15334   6.61238   1.000 15.17251 ? 75  SER A O   1 
ATOM   351  C CB  . SER A 1 75  ? 9.18229   2.04987   7.01272   1.000 19.04577 ? 75  SER A CB  1 
ATOM   352  O OG  . SER A 1 75  ? 10.37161  2.79578   6.80786   1.000 24.27307 ? 75  SER A OG  1 
ATOM   353  N N   . ALA A 1 76  ? 6.86011   3.64078   5.52128   1.000 14.46439 ? 76  ALA A N   1 
ATOM   354  C CA  . ALA A 1 76  ? 6.40810   4.61225   4.53163   1.000 13.62407 ? 76  ALA A CA  1 
ATOM   355  C C   . ALA A 1 76  ? 5.56047   5.70631   5.17362   1.000 15.98637 ? 76  ALA A C   1 
ATOM   356  O O   . ALA A 1 76  ? 5.74946   6.89712   4.89178   1.000 15.81581 ? 76  ALA A O   1 
ATOM   357  C CB  . ALA A 1 76  ? 5.62811   3.89207   3.42635   1.000 14.60628 ? 76  ALA A CB  1 
ATOM   358  N N   . GLN A 1 77  ? 4.59855   5.31739   6.02617   1.000 15.12208 ? 77  GLN A N   1 
ATOM   359  C CA  . GLN A 1 77  ? 3.75528   6.29826   6.70877   1.000 12.70814 ? 77  GLN A CA  1 
ATOM   360  C C   . GLN A 1 77  ? 4.58337   7.29308   7.51888   1.000 15.57483 ? 77  GLN A C   1 
ATOM   361  O O   . GLN A 1 77  ? 4.28660   8.49430   7.54200   1.000 15.67107 ? 77  GLN A O   1 
ATOM   362  C CB  . GLN A 1 77  ? 2.75348   5.57621   7.61767   1.000 12.32471 ? 77  GLN A CB  1 
ATOM   363  C CG  . GLN A 1 77  ? 1.61846   6.45103   8.12408   1.000 14.20605 ? 77  GLN A CG  1 
ATOM   364  C CD  . GLN A 1 77  ? 1.93841   7.07324   9.47504   1.000 16.39379 ? 77  GLN A CD  1 
ATOM   365  O OE1 . GLN A 1 77  ? 2.99649   6.82435   10.06478  1.000 16.60606 ? 77  GLN A OE1 1 
ATOM   366  N NE2 . GLN A 1 77  ? 1.01383   7.86522   9.98604   1.000 16.49712 ? 77  GLN A NE2 1 
ATOM   367  N N   . LYS A 1 78  ? 5.62141   6.81060   8.20301   1.000 14.22245 ? 78  LYS A N   1 
ATOM   368  C CA  . LYS A 1 78  ? 6.48519   7.69190   8.97965   1.000 17.15049 ? 78  LYS A CA  1 
ATOM   369  C C   . LYS A 1 78  ? 7.26100   8.66386   8.09827   1.000 18.30763 ? 78  LYS A C   1 
ATOM   370  O O   . LYS A 1 78  ? 7.74438   9.69542   8.59031   1.000 18.13122 ? 78  LYS A O   1 
ATOM   371  C CB  . LYS A 1 78  ? 7.43757   6.84475   9.82704   1.000 18.44162 ? 78  LYS A CB  1 
ATOM   372  C CG  . LYS A 1 78  ? 6.79578   6.19775   11.07051  1.000 16.62353 ? 78  LYS A CG  1 
ATOM   373  C CD  . LYS A 1 78  ? 7.54041   4.93995   11.50405  1.000 19.35178 ? 78  LYS A CD  1 
ATOM   374  C CE  . LYS A 1 78  ? 6.68058   4.05619   12.39315  1.000 22.10898 ? 78  LYS A CE  1 
ATOM   375  N NZ  . LYS A 1 78  ? 7.52595   3.13042   13.16624  1.000 24.24157 ? 78  LYS A NZ  1 
ATOM   376  N N   . SER A 1 79  ? 7.39474   8.35487   6.81429   1.000 16.96910 ? 79  SER A N   1 
ATOM   377  C CA  . SER A 1 79  ? 8.05996   9.20977   5.84806   1.000 15.41689 ? 79  SER A CA  1 
ATOM   378  C C   . SER A 1 79  ? 7.07274   10.00731  4.99665   1.000 19.11471 ? 79  SER A C   1 
ATOM   379  O O   . SER A 1 79  ? 7.46528   10.54726  3.95789   1.000 19.68108 ? 79  SER A O   1 
ATOM   380  C CB  . SER A 1 79  ? 8.96797   8.36736   4.94466   1.000 18.14880 ? 79  SER A CB  1 
ATOM   381  O OG  . SER A 1 79  ? 10.17842  8.02052   5.60854   1.000 24.54370 ? 79  SER A OG  1 
ATOM   382  N N   . GLY A 1 80  ? 5.79880   10.07696  5.39067   1.000 16.09944 ? 80  GLY A N   1 
ATOM   383  C CA  . GLY A 1 80  ? 4.83348   10.91828  4.70294   1.000 18.03876 ? 80  GLY A CA  1 
ATOM   384  C C   . GLY A 1 80  ? 3.83266   10.22932  3.79244   1.000 19.75992 ? 80  GLY A C   1 
ATOM   385  O O   . GLY A 1 80  ? 3.06997   10.92648  3.11141   1.000 19.92747 ? 80  GLY A O   1 
ATOM   386  N N   . PHE A 1 81  ? 3.80449   8.89656   3.75918   1.000 15.09502 ? 81  PHE A N   1 
ATOM   387  C CA  . PHE A 1 81  ? 2.90923   8.13635   2.88585   1.000 14.08290 ? 81  PHE A CA  1 
ATOM   388  C C   . PHE A 1 81  ? 1.52722   7.99703   3.51847   1.000 14.91271 ? 81  PHE A C   1 
ATOM   389  O O   . PHE A 1 81  ? 1.39589   7.48834   4.63631   1.000 14.87193 ? 81  PHE A O   1 
ATOM   390  C CB  . PHE A 1 81  ? 3.51761   6.75959   2.62303   1.000 15.40569 ? 81  PHE A CB  1 
ATOM   391  C CG  . PHE A 1 81  ? 2.75594   5.88718   1.64818   1.000 15.15101 ? 81  PHE A CG  1 
ATOM   392  C CD1 . PHE A 1 81  ? 2.62342   6.24516   0.31603   1.000 17.23974 ? 81  PHE A CD1 1 
ATOM   393  C CD2 . PHE A 1 81  ? 2.26049   4.66065   2.05357   1.000 14.48959 ? 81  PHE A CD2 1 
ATOM   394  C CE1 . PHE A 1 81  ? 1.96563   5.40293   -0.58746  1.000 18.35826 ? 81  PHE A CE1 1 
ATOM   395  C CE2 . PHE A 1 81  ? 1.60755   3.81245   1.15917   1.000 15.81238 ? 81  PHE A CE2 1 
ATOM   396  C CZ  . PHE A 1 81  ? 1.46022   4.19252   -0.16038  1.000 16.64579 ? 81  PHE A CZ  1 
ATOM   397  N N   . GLU A 1 82  ? 0.49453   8.42190   2.79933   1.000 15.43793 ? 82  GLU A N   1 
ATOM   398  C CA  . GLU A 1 82  ? -0.87616  8.16129   3.21774   1.000 13.21219 ? 82  GLU A CA  1 
ATOM   399  C C   . GLU A 1 82  ? -1.72484  7.93595   1.97360   1.000 15.30938 ? 82  GLU A C   1 
ATOM   400  O O   . GLU A 1 82  ? -1.39628  8.41891   0.88581   1.000 15.31447 ? 82  GLU A O   1 
ATOM   401  C CB  . GLU A 1 82  ? -1.39824  9.31283   4.11911   1.000 19.08087 ? 82  GLU A CB  1 
ATOM   402  C CG  . GLU A 1 82  ? -2.03570  10.47014  3.39021   1.000 17.01710 ? 82  GLU A CG  1 
ATOM   403  C CD  . GLU A 1 82  ? -2.69174  11.52254  4.29535   1.000 17.41297 ? 82  GLU A CD  1 
ATOM   404  O OE1 . GLU A 1 82  ? -3.15187  11.22213  5.42817   1.000 15.09142 ? 82  GLU A OE1 1 
ATOM   405  O OE2 . GLU A 1 82  ? -2.79081  12.67340  3.82714   1.000 20.63014 ? 82  GLU A OE2 1 
ATOM   406  N N   . THR A 1 83  ? -2.77636  7.13318   2.13259   1.000 13.49192 ? 83  THR A N   1 
ATOM   407  C CA  . THR A 1 83  ? -3.74095  6.84765   1.07348   1.000 12.72432 ? 83  THR A CA  1 
ATOM   408  C C   . THR A 1 83  ? -5.14059  6.81590   1.66359   1.000 13.83590 ? 83  THR A C   1 
ATOM   409  O O   . THR A 1 83  ? -5.32992  6.87481   2.88145   1.000 14.45195 ? 83  THR A O   1 
ATOM   410  C CB  . THR A 1 83  ? -3.49475  5.50114   0.36857   1.000 13.79979 ? 83  THR A CB  1 
ATOM   411  O OG1 . THR A 1 83  ? -4.01622  4.44173   1.18700   1.000 15.47286 ? 83  THR A OG1 1 
ATOM   412  C CG2 . THR A 1 83  ? -2.00309  5.25933   0.06933   1.000 16.38266 ? 83  THR A CG2 1 
ATOM   413  N N   . CYS A 1 84  ? -6.13470  6.69643   0.78698   1.000 14.96817 ? 84  CYS A N   1 
ATOM   414  C CA  . CYS A 1 84  ? -7.51745  6.53018   1.21653   1.000 14.95988 ? 84  CYS A CA  1 
ATOM   415  C C   . CYS A 1 84  ? -8.04186  5.12458   0.92381   1.000 15.76896 ? 84  CYS A C   1 
ATOM   416  O O   . CYS A 1 84  ? -9.24021  4.94330   0.71319   1.000 16.76106 ? 84  CYS A O   1 
ATOM   417  C CB  . CYS A 1 84  ? -8.41695  7.57635   0.56288   1.000 17.93614 ? 84  CYS A CB  1 
ATOM   418  S SG  . CYS A 1 84  ? -10.03472 7.77937   1.38064   1.000 20.03456 ? 84  CYS A SG  1 
ATOM   419  N N   . SER A 1 85  ? -7.16223  4.12142   0.93282   1.000 15.17791 ? 85  SER A N   1 
ATOM   420  C CA  . SER A 1 85  ? -7.51706  2.75576   0.56150   1.000 17.42099 ? 85  SER A CA  1 
ATOM   421  C C   . SER A 1 85  ? -6.91599  1.75701   1.53899   1.000 13.27871 ? 85  SER A C   1 
ATOM   422  O O   . SER A 1 85  ? -5.71638  1.80662   1.82361   1.000 14.45920 ? 85  SER A O   1 
ATOM   423  C CB  . SER A 1 85  ? -7.01014  2.42290   -0.84740  1.000 19.68867 ? 85  SER A CB  1 
ATOM   424  O OG  . SER A 1 85  ? -7.53421  3.31805   -1.81521  1.000 19.38726 ? 85  SER A OG  1 
ATOM   425  N N   . TYR A 1 86  ? -7.72977  0.80929   2.00570   1.000 12.88620 ? 86  TYR A N   1 
ATOM   426  C CA  . TYR A 1 86  ? -7.18215  -0.34697  2.70170   1.000 11.40755 ? 86  TYR A CA  1 
ATOM   427  C C   . TYR A 1 86  ? -6.57638  -1.29892  1.67211   1.000 13.07082 ? 86  TYR A C   1 
ATOM   428  O O   . TYR A 1 86  ? -7.15364  -1.52428  0.60165   1.000 14.42628 ? 86  TYR A O   1 
ATOM   429  C CB  . TYR A 1 86  ? -8.28158  -1.06096  3.48942   1.000 14.07893 ? 86  TYR A CB  1 
ATOM   430  C CG  . TYR A 1 86  ? -8.52975  -0.51801  4.88660   1.000 14.26586 ? 86  TYR A CG  1 
ATOM   431  C CD1 . TYR A 1 86  ? -7.80822  -0.97005  5.98495   1.000 14.39163 ? 86  TYR A CD1 1 
ATOM   432  C CD2 . TYR A 1 86  ? -9.49350  0.46075   5.09274   1.000 15.03718 ? 86  TYR A CD2 1 
ATOM   433  C CE1 . TYR A 1 86  ? -8.05864  -0.46377  7.26403   1.000 16.12243 ? 86  TYR A CE1 1 
ATOM   434  C CE2 . TYR A 1 86  ? -9.74015  0.97762   6.36093   1.000 14.74500 ? 86  TYR A CE2 1 
ATOM   435  C CZ  . TYR A 1 86  ? -9.02254  0.50513   7.43664   1.000 17.09997 ? 86  TYR A CZ  1 
ATOM   436  O OH  . TYR A 1 86  ? -9.26713  1.01245   8.69726   1.000 18.57537 ? 86  TYR A OH  1 
ATOM   437  N N   . GLY A 1 87  ? -5.42282  -1.86626  1.99724   1.000 11.69469 ? 87  GLY A N   1 
ATOM   438  C CA  . GLY A 1 87  ? -4.74889  -2.77331  1.07937   1.000 11.77458 ? 87  GLY A CA  1 
ATOM   439  C C   . GLY A 1 87  ? -4.09388  -3.91845  1.81655   1.000 10.67823 ? 87  GLY A C   1 
ATOM   440  O O   . GLY A 1 87  ? -3.62540  -3.76816  2.94707   1.000 12.40501 ? 87  GLY A O   1 
ATOM   441  N N   . TRP A 1 88  ? -4.04081  -5.07283  1.13966   1.000 10.47305 ? 88  TRP A N   1 
ATOM   442  C CA  . TRP A 1 88  ? -3.44161  -6.27180  1.72378   1.000 9.62396  ? 88  TRP A CA  1 
ATOM   443  C C   . TRP A 1 88  ? -1.94768  -6.08723  1.98603   1.000 11.62885 ? 88  TRP A C   1 
ATOM   444  O O   . TRP A 1 88  ? -1.22676  -5.46777  1.19112   1.000 12.42360 ? 88  TRP A O   1 
ATOM   445  C CB  . TRP A 1 88  ? -3.63025  -7.47922  0.78733   1.000 10.86083 ? 88  TRP A CB  1 
ATOM   446  C CG  . TRP A 1 88  ? -5.00780  -8.07332  0.74635   1.000 11.18607 ? 88  TRP A CG  1 
ATOM   447  C CD1 . TRP A 1 88  ? -5.90606  -7.99058  -0.28644  1.000 11.59722 ? 88  TRP A CD1 1 
ATOM   448  C CD2 . TRP A 1 88  ? -5.64305  -8.83625  1.77257   1.000 11.56958 ? 88  TRP A CD2 1 
ATOM   449  N NE1 . TRP A 1 88  ? -7.06419  -8.64933  0.04284   1.000 13.02024 ? 88  TRP A NE1 1 
ATOM   450  C CE2 . TRP A 1 88  ? -6.93093  -9.17959  1.29992   1.000 11.81795 ? 88  TRP A CE2 1 
ATOM   451  C CE3 . TRP A 1 88  ? -5.25126  -9.26597  3.04756   1.000 12.09260 ? 88  TRP A CE3 1 
ATOM   452  C CZ2 . TRP A 1 88  ? -7.82985  -9.93525  2.05924   1.000 12.34260 ? 88  TRP A CZ2 1 
ATOM   453  C CZ3 . TRP A 1 88  ? -6.14831  -10.01506 3.80437   1.000 12.49760 ? 88  TRP A CZ3 1 
ATOM   454  C CH2 . TRP A 1 88  ? -7.42326  -10.33927 3.30373   1.000 13.03059 ? 88  TRP A CH2 1 
ATOM   455  N N   . VAL A 1 89  ? -1.48224  -6.67393  3.09445   1.000 12.43034 ? 89  VAL A N   1 
ATOM   456  C CA  . VAL A 1 89  ? -0.06449  -6.82459  3.40927   1.000 14.27188 ? 89  VAL A CA  1 
ATOM   457  C C   . VAL A 1 89  ? 0.22093   -8.29665  3.70904   1.000 15.18316 ? 89  VAL A C   1 
ATOM   458  O O   . VAL A 1 89  ? -0.68913  -9.11582  3.84562   1.000 14.38746 ? 89  VAL A O   1 
ATOM   459  C CB  . VAL A 1 89  ? 0.39670   -5.90719  4.57376   1.000 13.79379 ? 89  VAL A CB  1 
ATOM   460  C CG1 . VAL A 1 89  ? 0.28801   -4.44504  4.17285   1.000 15.43279 ? 89  VAL A CG1 1 
ATOM   461  C CG2 . VAL A 1 89  ? -0.43947  -6.14953  5.84368   1.000 14.57351 ? 89  VAL A CG2 1 
ATOM   462  N N   . GLY A 1 90  ? 1.51956   -8.62083  3.81143   1.000 15.56857 ? 90  GLY A N   1 
ATOM   463  C CA  . GLY A 1 90  ? 1.95738   -10.01257 3.87967   1.000 17.61614 ? 90  GLY A CA  1 
ATOM   464  C C   . GLY A 1 90  ? 1.47525   -10.77885 5.09777   1.000 17.24111 ? 90  GLY A C   1 
ATOM   465  O O   . GLY A 1 90  ? 1.41615   -12.01383 5.07454   1.000 20.23264 ? 90  GLY A O   1 
ATOM   466  N N   . GLU A 1 91  ? 1.14445   -10.07779 6.18031   1.000 15.89095 ? 91  GLU A N   1 
ATOM   467  C CA  . GLU A 1 91  ? 0.62358   -10.72641 7.37861   1.000 16.07535 ? 91  GLU A CA  1 
ATOM   468  C C   . GLU A 1 91  ? -0.81241  -11.23471 7.22257   1.000 16.93144 ? 91  GLU A C   1 
ATOM   469  O O   . GLU A 1 91  ? -1.37061  -11.73412 8.20545   1.000 17.86697 ? 91  GLU A O   1 
ATOM   470  C CB  . GLU A 1 91  ? 0.71534   -9.75464  8.56262   1.000 20.59777 ? 91  GLU A CB  1 
ATOM   471  C CG  . GLU A 1 91  ? 2.13734   -9.48084  9.06864   1.000 23.04213 ? 91  GLU A CG  1 
ATOM   472  C CD  . GLU A 1 91  ? 2.88322   -8.36732  8.33513   1.000 24.46824 ? 91  GLU A CD  1 
ATOM   473  O OE1 . GLU A 1 91  ? 2.38320   -7.82376  7.33468   1.000 18.79831 ? 91  GLU A OE1 1 
ATOM   474  O OE2 . GLU A 1 91  ? 3.99000   -8.01315  8.79572   1.000 32.39839 ? 91  GLU A OE2 1 
ATOM   475  N N   . GLN A 1 92  ? -1.40932  -11.12879 6.03316   1.000 16.56720 ? 92  GLN A N   1 
ATOM   476  C CA  . GLN A 1 92  ? -2.76822  -11.62046 5.75116   1.000 15.75833 ? 92  GLN A CA  1 
ATOM   477  C C   . GLN A 1 92  ? -3.83584  -10.83611 6.52292   1.000 15.68146 ? 92  GLN A C   1 
ATOM   478  O O   . GLN A 1 92  ? -4.79940  -11.40165 7.04491   1.000 17.79778 ? 92  GLN A O   1 
ATOM   479  C CB  . GLN A 1 92  ? -2.90704  -13.12259 6.01248   1.000 19.58126 ? 92  GLN A CB  1 
ATOM   480  C CG  . GLN A 1 92  ? -3.78362  -13.80413 4.96979   1.000 23.03551 ? 92  GLN A CG  1 
ATOM   481  C CD  . GLN A 1 92  ? -3.77516  -15.31410 5.08443   1.000 25.69394 ? 92  GLN A CD  1 
ATOM   482  O OE1 . GLN A 1 92  ? -2.73176  -15.95438 4.96280   1.000 28.34819 ? 92  GLN A OE1 1 
ATOM   483  N NE2 . GLN A 1 92  ? -4.95056  -15.89288 5.32666   1.000 27.62938 ? 92  GLN A NE2 1 
ATOM   484  N N   . PHE A 1 93  ? -3.64889  -9.52241  6.59312   1.000 13.91806 ? 93  PHE A N   1 
ATOM   485  C CA  . PHE A 1 93  ? -4.67640  -8.55262  6.94002   1.000 12.35651 ? 93  PHE A CA  1 
ATOM   486  C C   . PHE A 1 93  ? -4.44025  -7.33248  6.06660   1.000 13.08933 ? 93  PHE A C   1 
ATOM   487  O O   . PHE A 1 93  ? -3.47505  -7.27911  5.29608   1.000 12.43260 ? 93  PHE A O   1 
ATOM   488  C CB  . PHE A 1 93  ? -4.71675  -8.23563  8.45585   1.000 14.83686 ? 93  PHE A CB  1 
ATOM   489  C CG  . PHE A 1 93  ? -3.40205  -7.78101  9.05074   1.000 13.48969 ? 93  PHE A CG  1 
ATOM   490  C CD1 . PHE A 1 93  ? -2.82846  -6.56168  8.74354   1.000 15.72221 ? 93  PHE A CD1 1 
ATOM   491  C CD2 . PHE A 1 93  ? -2.78080  -8.58941  9.99762   1.000 14.82474 ? 93  PHE A CD2 1 
ATOM   492  C CE1 . PHE A 1 93  ? -1.62825  -6.18338  9.31962   1.000 16.09787 ? 93  PHE A CE1 1 
ATOM   493  C CE2 . PHE A 1 93  ? -1.59286  -8.19877  10.59175  1.000 19.44296 ? 93  PHE A CE2 1 
ATOM   494  C CZ  . PHE A 1 93  ? -1.01929  -7.00221  10.24677  1.000 18.25073 ? 93  PHE A CZ  1 
ATOM   495  N N   . SER A 1 94  ? -5.36238  -6.37621  6.12712   1.000 11.87722 ? 94  SER A N   1 
ATOM   496  C CA  . SER A 1 94  ? -5.22899  -5.16200  5.33838   1.000 10.86594 ? 94  SER A CA  1 
ATOM   497  C C   . SER A 1 94  ? -4.98914  -3.97314  6.25787   1.000 11.63966 ? 94  SER A C   1 
ATOM   498  O O   . SER A 1 94  ? -5.29434  -4.01295  7.45935   1.000 12.95810 ? 94  SER A O   1 
ATOM   499  C CB  . SER A 1 94  ? -6.45267  -4.96585  4.43239   1.000 15.36455 ? 94  SER A CB  1 
ATOM   500  O OG  . SER A 1 94  ? -7.60790  -4.57568  5.15354   1.000 16.18185 ? 94  SER A OG  1 
ATOM   501  N N   . VAL A 1 95  ? -4.37443  -2.92688  5.69465   1.000 10.76086 ? 95  VAL A N   1 
ATOM   502  C CA  . VAL A 1 95  ? -4.03987  -1.72867  6.46149   1.000 9.81246  ? 95  VAL A CA  1 
ATOM   503  C C   . VAL A 1 95  ? -4.33301  -0.48810  5.62505   1.000 12.47375 ? 95  VAL A C   1 
ATOM   504  O O   . VAL A 1 95  ? -4.42942  -0.54385  4.39573   1.000 12.48111 ? 95  VAL A O   1 
ATOM   505  C CB  . VAL A 1 95  ? -2.55685  -1.70024  6.90830   1.000 10.55349 ? 95  VAL A CB  1 
ATOM   506  C CG1 . VAL A 1 95  ? -2.20611  -2.92642  7.74550   1.000 14.29389 ? 95  VAL A CG1 1 
ATOM   507  C CG2 . VAL A 1 95  ? -1.62306  -1.50889  5.69086   1.000 14.07325 ? 95  VAL A CG2 1 
ATOM   508  N N   . ILE A 1 96  ? -4.45172  0.64787   6.31292   1.000 11.23072 ? 96  ILE A N   1 
ATOM   509  C CA  . ILE A 1 96  ? -4.51053  1.96004   5.65008   1.000 11.59521 ? 96  ILE A CA  1 
ATOM   510  C C   . ILE A 1 96  ? -3.57354  2.91370   6.38498   1.000 11.58929 ? 96  ILE A C   1 
ATOM   511  O O   . ILE A 1 96  ? -3.64873  3.04464   7.61892   1.000 13.65887 ? 96  ILE A O   1 
ATOM   512  C CB  . ILE A 1 96  ? -5.94826  2.51898   5.56296   1.000 11.36849 ? 96  ILE A CB  1 
ATOM   513  C CG1 . ILE A 1 96  ? -5.96521  3.81946   4.73278   1.000 13.18224 ? 96  ILE A CG1 1 
ATOM   514  C CG2 . ILE A 1 96  ? -6.59622  2.74788   6.94021   1.000 13.34662 ? 96  ILE A CG2 1 
ATOM   515  C CD1 . ILE A 1 96  ? -7.34461  4.30998   4.40245   1.000 13.69531 ? 96  ILE A CD1 1 
ATOM   516  N N   . PRO A 1 97  ? -2.66073  3.58003   5.67331   1.000 10.32012 ? 97  PRO A N   1 
ATOM   517  C CA  . PRO A 1 97  ? -1.79690  4.57756   6.31658   1.000 12.46940 ? 97  PRO A CA  1 
ATOM   518  C C   . PRO A 1 97  ? -2.44589  5.94862   6.26803   1.000 11.54861 ? 97  PRO A C   1 
ATOM   519  O O   . PRO A 1 97  ? -2.83827  6.40914   5.18692   1.000 12.80478 ? 97  PRO A O   1 
ATOM   520  C CB  . PRO A 1 97  ? -0.51673  4.52712   5.47649   1.000 14.57045 ? 97  PRO A CB  1 
ATOM   521  C CG  . PRO A 1 97  ? -0.99741  4.10431   4.10102   1.000 12.91416 ? 97  PRO A CG  1 
ATOM   522  C CD  . PRO A 1 97  ? -2.21857  3.24530   4.30346   1.000 12.96261 ? 97  PRO A CD  1 
ATOM   523  N N   . ARG A 1 98  ? -2.53081  6.61359   7.41952   1.000 13.39977 ? 98  ARG A N   1 
ATOM   524  C CA  . ARG A 1 98  ? -3.20214  7.90075   7.53987   1.000 10.41765 ? 98  ARG A CA  1 
ATOM   525  C C   . ARG A 1 98  ? -2.31928  8.86188   8.32668   1.000 13.43825 ? 98  ARG A C   1 
ATOM   526  O O   . ARG A 1 98  ? -1.76978  8.50110   9.37853   1.000 13.41201 ? 98  ARG A O   1 
ATOM   527  C CB  . ARG A 1 98  ? -4.56325  7.76192   8.24548   1.000 11.58956 ? 98  ARG A CB  1 
ATOM   528  C CG  . ARG A 1 98  ? -5.66530  7.03391   7.44363   1.000 11.58521 ? 98  ARG A CG  1 
ATOM   529  C CD  . ARG A 1 98  ? -5.89698  7.61981   6.05556   1.000 12.10589 ? 98  ARG A CD  1 
ATOM   530  N NE  . ARG A 1 98  ? -6.25483  9.03233   6.12989   1.000 11.24758 ? 98  ARG A NE  1 
ATOM   531  C CZ  . ARG A 1 98  ? -6.17277  9.88248   5.11501   1.000 13.78120 ? 98  ARG A CZ  1 
ATOM   532  N NH1 . ARG A 1 98  ? -5.77868  9.48677   3.90918   1.000 15.41320 ? 98  ARG A NH1 1 
ATOM   533  N NH2 . ARG A 1 98  ? -6.50633  11.15703  5.31054   1.000 16.37161 ? 98  ARG A NH2 1 
ATOM   534  N N   . ILE A 1 99  ? -2.19845  10.08529  7.82613   1.000 12.94240 ? 99  ILE A N   1 
ATOM   535  C CA  . ILE A 1 99  ? -1.48743  11.14784  8.52269   1.000 11.66196 ? 99  ILE A CA  1 
ATOM   536  C C   . ILE A 1 99  ? -2.43056  12.26167  8.95939   1.000 14.69818 ? 99  ILE A C   1 
ATOM   537  O O   . ILE A 1 99  ? -2.34243  12.74642  10.09237  1.000 15.48819 ? 99  ILE A O   1 
ATOM   538  C CB  . ILE A 1 99  ? -0.33364  11.69253  7.64653   1.000 12.97777 ? 99  ILE A CB  1 
ATOM   539  C CG1 . ILE A 1 99  ? 0.69729   10.58943  7.38766   1.000 12.36996 ? 99  ILE A CG1 1 
ATOM   540  C CG2 . ILE A 1 99  ? 0.30557   12.94297  8.25282   1.000 15.68962 ? 99  ILE A CG2 1 
ATOM   541  C CD1 . ILE A 1 99  ? 1.62002   10.89623  6.25531   1.000 16.93894 ? 99  ILE A CD1 1 
ATOM   542  N N   . PHE A 1 100 ? -3.34231  12.67613  8.08122   1.000 12.59847 ? 100 PHE A N   1 
ATOM   543  C CA  . PHE A 1 100 ? -4.39319  13.62827  8.39442   1.000 13.49327 ? 100 PHE A CA  1 
ATOM   544  C C   . PHE A 1 100 ? -5.72127  12.90118  8.56819   1.000 17.21882 ? 100 PHE A C   1 
ATOM   545  O O   . PHE A 1 100 ? -5.94813  11.85663  7.95644   1.000 16.68681 ? 100 PHE A O   1 
ATOM   546  C CB  . PHE A 1 100 ? -4.47986  14.65976  7.26627   1.000 15.80463 ? 100 PHE A CB  1 
ATOM   547  C CG  . PHE A 1 100 ? -3.31709  15.60238  7.24593   1.000 15.84733 ? 100 PHE A CG  1 
ATOM   548  C CD1 . PHE A 1 100 ? -2.14746  15.24436  6.59025   1.000 16.77321 ? 100 PHE A CD1 1 
ATOM   549  C CD2 . PHE A 1 100 ? -3.39058  16.83721  7.85700   1.000 17.48688 ? 100 PHE A CD2 1 
ATOM   550  C CE1 . PHE A 1 100 ? -1.05624  16.10733  6.57787   1.000 18.12536 ? 100 PHE A CE1 1 
ATOM   551  C CE2 . PHE A 1 100 ? -2.31198  17.71159  7.83565   1.000 18.90661 ? 100 PHE A CE2 1 
ATOM   552  C CZ  . PHE A 1 100 ? -1.14448  17.33292  7.20241   1.000 17.01204 ? 100 PHE A CZ  1 
ATOM   553  N N   . SER A 1 101 ? -6.60183  13.46181  9.39446   1.000 15.60027 ? 101 SER A N   1 
ATOM   554  C CA  . SER A 1 101 ? -7.91979  12.86701  9.61394   1.000 15.76580 ? 101 SER A CA  1 
ATOM   555  C C   . SER A 1 101 ? -8.89386  13.23471  8.50037   1.000 17.37713 ? 101 SER A C   1 
ATOM   556  O O   . SER A 1 101 ? -9.07559  14.41721  8.17965   1.000 22.13759 ? 101 SER A O   1 
ATOM   557  C CB  . SER A 1 101 ? -8.49928  13.30119  10.95985  1.000 19.08998 ? 101 SER A CB  1 
ATOM   558  O OG  . SER A 1 101 ? -7.75691  12.78444  12.04478  1.000 22.48412 ? 101 SER A OG  1 
ATOM   559  N N   . ASN A 1 102 ? -9.54518  12.21385  7.93630   1.000 14.61967 ? 102 ASN A N   1 
ATOM   560  C CA  . ASN A 1 102 ? -10.61882 12.38521  6.97277   1.000 16.98620 ? 102 ASN A CA  1 
ATOM   561  C C   . ASN A 1 102 ? -11.69662 11.34404  7.26192   1.000 17.85604 ? 102 ASN A C   1 
ATOM   562  O O   . ASN A 1 102 ? -11.37859 10.15071  7.36854   1.000 17.45299 ? 102 ASN A O   1 
ATOM   563  C CB  . ASN A 1 102 ? -10.11246 12.23167  5.54117   1.000 20.06228 ? 102 ASN A CB  1 
ATOM   564  C CG  . ASN A 1 102 ? -11.08340 12.78352  4.53586   1.000 24.72145 ? 102 ASN A CG  1 
ATOM   565  O OD1 . ASN A 1 102 ? -12.12482 12.18512  4.29170   1.000 24.08731 ? 102 ASN A OD1 1 
ATOM   566  N ND2 . ASN A 1 102 ? -10.74793 13.91779  3.93366   1.000 30.42385 ? 102 ASN A ND2 1 
ATOM   567  N N   . PRO A 1 103 ? -12.96583 11.74664  7.38092   1.000 18.57272 ? 103 PRO A N   1 
ATOM   568  C CA  . PRO A 1 103 ? -14.02300 10.75432  7.66393   1.000 17.99789 ? 103 PRO A CA  1 
ATOM   569  C C   . PRO A 1 103 ? -14.18588 9.71028   6.57172   1.000 18.41464 ? 103 PRO A C   1 
ATOM   570  O O   . PRO A 1 103 ? -14.66430 8.60305   6.85358   1.000 23.37437 ? 103 PRO A O   1 
ATOM   571  C CB  . PRO A 1 103 ? -15.28754 11.61504  7.81555   1.000 21.59011 ? 103 PRO A CB  1 
ATOM   572  C CG  . PRO A 1 103 ? -14.97753 12.90109  7.09039   1.000 24.87301 ? 103 PRO A CG  1 
ATOM   573  C CD  . PRO A 1 103 ? -13.49497 13.11624  7.28526   1.000 20.38879 ? 103 PRO A CD  1 
ATOM   574  N N   . ARG A 1 104 ? -13.76642 10.00618  5.34623   1.000 20.13077 ? 104 ARG A N   1 
ATOM   575  C CA  . ARG A 1 104 ? -13.86690 9.05620   4.24874   1.000 19.71264 ? 104 ARG A CA  1 
ATOM   576  C C   . ARG A 1 104 ? -12.69009 8.08791   4.16892   1.000 21.54065 ? 104 ARG A C   1 
ATOM   577  O O   . ARG A 1 104 ? -12.73674 7.14731   3.37277   1.000 21.54900 ? 104 ARG A O   1 
ATOM   578  C CB  . ARG A 1 104 ? -13.98907 9.80522   2.91474   1.000 23.93358 ? 104 ARG A CB  1 
ATOM   579  C CG  . ARG A 1 104 ? -15.22699 10.69263  2.78221   1.000 30.23425 ? 104 ARG A CG  1 
ATOM   580  C CD  . ARG A 1 104 ? -16.37688 9.96951   2.07722   1.000 28.96440 ? 104 ARG A CD  1 
ATOM   581  N NE  . ARG A 1 104 ? -16.01637 9.57311   0.71987   1.000 35.47031 ? 104 ARG A NE  1 
ATOM   582  C CZ  . ARG A 1 104 ? -16.35510 10.24265  -0.37385  1.000 35.58026 ? 104 ARG A CZ  1 
ATOM   583  N NH1 . ARG A 1 104 ? -17.06975 11.35425  -0.30973  1.000 32.48234 ? 104 ARG A NH1 1 
ATOM   584  N NH2 . ARG A 1 104 ? -15.95975 9.78935   -1.56228  1.000 32.57008 ? 104 ARG A NH2 1 
ATOM   585  N N   . CYS A 1 105 ? -11.63858 8.28131   4.96348   1.000 17.58848 ? 105 CYS A N   1 
ATOM   586  C CA  . CYS A 1 105 ? -10.42345 7.47303   4.85480   1.000 15.48789 ? 105 CYS A CA  1 
ATOM   587  C C   . CYS A 1 105 ? -10.04211 6.94550   6.23157   1.000 15.61635 ? 105 CYS A C   1 
ATOM   588  O O   . CYS A 1 105 ? -9.38247  7.64428   7.00403   1.000 17.96804 ? 105 CYS A O   1 
ATOM   589  C CB  . CYS A 1 105 ? -9.27602  8.28410   4.24913   1.000 16.06767 ? 105 CYS A CB  1 
ATOM   590  S SG  . CYS A 1 105 ? -9.72554  9.23558   2.77884   1.000 19.96978 ? 105 CYS A SG  1 
ATOM   591  N N   . GLY A 1 106 ? -10.43216 5.71144   6.53687   1.000 17.69417 ? 106 GLY A N   1 
ATOM   592  C CA  . GLY A 1 106 ? -10.11032 5.17229   7.84659   1.000 17.80623 ? 106 GLY A CA  1 
ATOM   593  C C   . GLY A 1 106 ? -10.88600 5.79609   8.98604   1.000 17.58255 ? 106 GLY A C   1 
ATOM   594  O O   . GLY A 1 106 ? -10.40228 5.80041   10.12637  1.000 18.32491 ? 106 GLY A O   1 
ATOM   595  N N   . LYS A 1 107 ? -12.07262 6.34501   8.70209   1.000 18.91753 ? 107 LYS A N   1 
ATOM   596  C CA  . LYS A 1 107 ? -12.97568 6.91374   9.70982   1.000 20.46849 ? 107 LYS A CA  1 
ATOM   597  C C   . LYS A 1 107 ? -12.25748 7.87851   10.65765  1.000 19.88794 ? 107 LYS A C   1 
ATOM   598  O O   . LYS A 1 107 ? -12.34188 7.76030   11.87990  1.000 20.34986 ? 107 LYS A O   1 
ATOM   599  C CB  . LYS A 1 107 ? -13.67776 5.80623   10.49961  1.000 21.43523 ? 107 LYS A CB  1 
ATOM   600  C CG  . LYS A 1 107 ? -14.61583 4.93803   9.67538   1.000 25.47316 ? 107 LYS A CG  1 
ATOM   601  C CD  . LYS A 1 107 ? -15.01254 3.68559   10.43575  1.000 28.09733 ? 107 LYS A CD  1 
ATOM   602  C CE  . LYS A 1 107 ? -16.10274 2.91968   9.68966   1.000 32.37856 ? 107 LYS A CE  1 
ATOM   603  N NZ  . LYS A 1 107 ? -15.54582 1.87984   8.79764   1.000 38.08920 ? 107 LYS A NZ  1 
ATOM   604  N N   . ASN A 1 108 ? -11.55327 8.85223   10.08043  1.000 17.07012 ? 108 ASN A N   1 
ATOM   605  C CA  . ASN A 1 108 ? -10.83416 9.91552   10.79051  1.000 17.71619 ? 108 ASN A CA  1 
ATOM   606  C C   . ASN A 1 108 ? -9.64879  9.43086   11.61862  1.000 15.99303 ? 108 ASN A C   1 
ATOM   607  O O   . ASN A 1 108 ? -9.09379  10.22201  12.40076  1.000 18.15667 ? 108 ASN A O   1 
ATOM   608  C CB  . ASN A 1 108 ? -11.75034 10.73215  11.70797  1.000 22.55824 ? 108 ASN A CB  1 
ATOM   609  C CG  . ASN A 1 108 ? -12.48255 11.80473  10.96763  1.000 21.22998 ? 108 ASN A CG  1 
ATOM   610  O OD1 . ASN A 1 108 ? -11.87153 12.59962  10.26307  1.000 20.10990 ? 108 ASN A OD1 1 
ATOM   611  N ND2 . ASN A 1 108 ? -13.79353 11.87280  11.15821  1.000 28.84595 ? 108 ASN A ND2 1 
ATOM   612  N N   . GLY A 1 109 ? -9.23335  8.17619   11.46626  1.000 16.65260 ? 109 GLY A N   1 
ATOM   613  C CA  . GLY A 1 109 ? -8.08533  7.68401   12.20269  1.000 17.10872 ? 109 GLY A CA  1 
ATOM   614  C C   . GLY A 1 109 ? -6.77025  8.22509   11.66847  1.000 14.31785 ? 109 GLY A C   1 
ATOM   615  O O   . GLY A 1 109 ? -6.67322  8.71814   10.54154  1.000 14.49194 ? 109 GLY A O   1 
ATOM   616  N N   . LYS A 1 110 ? -5.73507  8.13341   12.51411  1.000 13.42612 ? 110 LYS A N   1 
ATOM   617  C CA  . LYS A 1 110 ? -4.36852  8.48944   12.16451  1.000 12.63719 ? 110 LYS A CA  1 
ATOM   618  C C   . LYS A 1 110 ? -3.45669  7.34208   12.58363  1.000 14.39998 ? 110 LYS A C   1 
ATOM   619  O O   . LYS A 1 110 ? -3.66345  6.74262   13.64510  1.000 14.78169 ? 110 LYS A O   1 
ATOM   620  C CB  . LYS A 1 110 ? -3.94651  9.75954   12.88378  1.000 13.75144 ? 110 LYS A CB  1 
ATOM   621  C CG  . LYS A 1 110 ? -4.47078  11.03530  12.26759  1.000 14.43133 ? 110 LYS A CG  1 
ATOM   622  C CD  . LYS A 1 110 ? -3.98926  12.20500  13.10675  1.000 16.66124 ? 110 LYS A CD  1 
ATOM   623  C CE  . LYS A 1 110 ? -4.64246  13.50014  12.69469  1.000 18.27406 ? 110 LYS A CE  1 
ATOM   624  N NZ  . LYS A 1 110 ? -4.00515  14.62719  13.41583  1.000 19.28306 ? 110 LYS A NZ  1 
ATOM   625  N N   . GLY A 1 111 ? -2.44320  7.05534   11.77836  1.000 13.12814 ? 111 GLY A N   1 
ATOM   626  C CA  . GLY A 1 111 ? -1.55876  5.91867   11.98672  1.000 12.93293 ? 111 GLY A CA  1 
ATOM   627  C C   . GLY A 1 111 ? -1.74062  4.88513   10.88998  1.000 15.19351 ? 111 GLY A C   1 
ATOM   628  O O   . GLY A 1 111 ? -2.36343  5.13425   9.85813   1.000 16.41508 ? 111 GLY A O   1 
ATOM   629  N N   . VAL A 1 112 ? -1.18502  3.70028   11.12359  1.000 13.84865 ? 112 VAL A N   1 
ATOM   630  C CA  . VAL A 1 112 ? -1.40054  2.55622   10.24114  1.000 14.43885 ? 112 VAL A CA  1 
ATOM   631  C C   . VAL A 1 112 ? -2.50417  1.71266   10.87828  1.000 15.46721 ? 112 VAL A C   1 
ATOM   632  O O   . VAL A 1 112 ? -2.27718  0.97335   11.84526  1.000 16.30034 ? 112 VAL A O   1 
ATOM   633  C CB  . VAL A 1 112 ? -0.11369  1.75820   9.99817   1.000 14.04745 ? 112 VAL A CB  1 
ATOM   634  C CG1 . VAL A 1 112 ? -0.37691  0.58694   9.06797   1.000 14.74927 ? 112 VAL A CG1 1 
ATOM   635  C CG2 . VAL A 1 112 ? 0.94288   2.64962   9.36697   1.000 16.39879 ? 112 VAL A CG2 1 
ATOM   636  N N   . LEU A 1 113 ? -3.71797  1.84096   10.35106  1.000 13.72185 ? 113 LEU A N   1 
ATOM   637  C CA  . LEU A 1 113 ? -4.88764  1.17765   10.91611  1.000 11.65337 ? 113 LEU A CA  1 
ATOM   638  C C   . LEU A 1 113 ? -5.08176  -0.19028  10.27757  1.000 13.07912 ? 113 LEU A C   1 
ATOM   639  O O   . LEU A 1 113 ? -4.80562  -0.37903  9.09243   1.000 13.62705 ? 113 LEU A O   1 
ATOM   640  C CB  . LEU A 1 113 ? -6.14661  2.02776   10.72082  1.000 13.84645 ? 113 LEU A CB  1 
ATOM   641  C CG  . LEU A 1 113 ? -5.97959  3.55979   10.72499  1.000 20.46721 ? 113 LEU A CG  1 
ATOM   642  C CD1 . LEU A 1 113 ? -7.31643  4.25295   10.51454  1.000 24.22634 ? 113 LEU A CD1 1 
ATOM   643  C CD2 . LEU A 1 113 ? -5.37686  4.02674   12.02942  1.000 21.63554 ? 113 LEU A CD2 1 
ATOM   644  N N   . ILE A 1 114 ? -5.57092  -1.14323  11.08172  1.000 10.98081 ? 114 ILE A N   1 
ATOM   645  C CA  . ILE A 1 114 ? -5.62726  -2.55858  10.70983  1.000 11.22319 ? 114 ILE A CA  1 
ATOM   646  C C   . ILE A 1 114 ? -7.06891  -3.01718  10.51202  1.000 13.17085 ? 114 ILE A C   1 
ATOM   647  O O   . ILE A 1 114 ? -7.96760  -2.64048  11.27004  1.000 13.31387 ? 114 ILE A O   1 
ATOM   648  C CB  . ILE A 1 114 ? -4.92928  -3.43000  11.77135  1.000 10.57147 ? 114 ILE A CB  1 
ATOM   649  C CG1 . ILE A 1 114 ? -3.47453  -2.98685  11.96831  1.000 16.93826 ? 114 ILE A CG1 1 
ATOM   650  C CG2 . ILE A 1 114 ? -5.03880  -4.91527  11.42784  1.000 14.02804 ? 114 ILE A CG2 1 
ATOM   651  C CD1 . ILE A 1 114 ? -2.71817  -3.73964  13.00226  1.000 22.39105 ? 114 ILE A CD1 1 
ATOM   652  N N   . TRP A 1 115 ? -7.27175  -3.86411  9.50373   1.000 11.76531 ? 115 TRP A N   1 
ATOM   653  C CA  . TRP A 1 115 ? -8.55153  -4.51534  9.23260   1.000 11.98168 ? 115 TRP A CA  1 
ATOM   654  C C   . TRP A 1 115 ? -8.29758  -6.01105  9.09108   1.000 14.70436 ? 115 TRP A C   1 
ATOM   655  O O   . TRP A 1 115 ? -7.66152  -6.44756  8.12230   1.000 14.67583 ? 115 TRP A O   1 
ATOM   656  C CB  . TRP A 1 115 ? -9.18983  -3.91967  7.97027   1.000 16.10640 ? 115 TRP A CB  1 
ATOM   657  C CG  . TRP A 1 115 ? -10.60970 -4.33881  7.60826   1.000 14.66355 ? 115 TRP A CG  1 
ATOM   658  C CD1 . TRP A 1 115 ? -11.28998 -5.45907  8.00414   1.000 17.02405 ? 115 TRP A CD1 1 
ATOM   659  C CD2 . TRP A 1 115 ? -11.50020 -3.61133  6.74829   1.000 15.26373 ? 115 TRP A CD2 1 
ATOM   660  N NE1 . TRP A 1 115 ? -12.55844 -5.46354  7.44391   1.000 17.28439 ? 115 TRP A NE1 1 
ATOM   661  C CE2 . TRP A 1 115 ? -12.70528 -4.33980  6.67105   1.000 17.83380 ? 115 TRP A CE2 1 
ATOM   662  C CE3 . TRP A 1 115 ? -11.39529 -2.40689  6.04912   1.000 16.63608 ? 115 TRP A CE3 1 
ATOM   663  C CZ2 . TRP A 1 115 ? -13.79004 -3.90236  5.91509   1.000 16.36359 ? 115 TRP A CZ2 1 
ATOM   664  C CZ3 . TRP A 1 115 ? -12.47312 -1.97449  5.29506   1.000 20.60281 ? 115 TRP A CZ3 1 
ATOM   665  C CH2 . TRP A 1 115 ? -13.65002 -2.71937  5.23520   1.000 18.19528 ? 115 TRP A CH2 1 
ATOM   666  N N   . ASN A 1 116 ? -8.75308  -6.78284  10.08215  1.000 13.37350 ? 116 ASN A N   1 
ATOM   667  C CA  . ASN A 1 116 ? -8.68331  -8.24061  10.03752  1.000 14.61799 ? 116 ASN A CA  1 
ATOM   668  C C   . ASN A 1 116 ? -9.88662  -8.77464  9.27422   1.000 14.17256 ? 116 ASN A C   1 
ATOM   669  O O   . ASN A 1 116 ? -11.02691 -8.65153  9.73546   1.000 18.34958 ? 116 ASN A O   1 
ATOM   670  C CB  . ASN A 1 116 ? -8.63846  -8.82255  11.45141  1.000 14.53898 ? 116 ASN A CB  1 
ATOM   671  C CG  . ASN A 1 116 ? -7.46887  -8.29587  12.26129  1.000 17.54542 ? 116 ASN A CG  1 
ATOM   672  O OD1 . ASN A 1 116 ? -6.33011  -8.69344  12.03226  1.000 24.16014 ? 116 ASN A OD1 1 
ATOM   673  N ND2 . ASN A 1 116 ? -7.73691  -7.38151  13.19094  1.000 19.29009 ? 116 ASN A ND2 1 
ATOM   674  N N   . ALA A 1 117 ? -9.63759  -9.38354  8.12377   1.000 15.02948 ? 117 ALA A N   1 
ATOM   675  C CA  . ALA A 1 117 ? -10.69200 -9.78698  7.21145   1.000 15.71865 ? 117 ALA A CA  1 
ATOM   676  C C   . ALA A 1 117 ? -10.34441 -11.14274 6.62656   1.000 14.55850 ? 117 ALA A C   1 
ATOM   677  O O   . ALA A 1 117 ? -9.16391  -11.50081 6.54125   1.000 15.76563 ? 117 ALA A O   1 
ATOM   678  C CB  . ALA A 1 117 ? -10.87109 -8.76385  6.08121   1.000 16.92556 ? 117 ALA A CB  1 
ATOM   679  N N   . PRO A 1 118 ? -11.34897 -11.91118 6.20372   1.000 14.42018 ? 118 PRO A N   1 
ATOM   680  C CA  . PRO A 1 118 ? -11.08180 -13.18112 5.52814   1.000 15.78924 ? 118 PRO A CA  1 
ATOM   681  C C   . PRO A 1 118 ? -10.25052 -12.95778 4.27770   1.000 16.66038 ? 118 PRO A C   1 
ATOM   682  O O   . PRO A 1 118 ? -10.34431 -11.91451 3.62794   1.000 15.42604 ? 118 PRO A O   1 
ATOM   683  C CB  . PRO A 1 118 ? -12.47951 -13.68973 5.16213   1.000 18.35794 ? 118 PRO A CB  1 
ATOM   684  C CG  . PRO A 1 118 ? -13.38895 -13.03211 6.10473   1.000 21.74519 ? 118 PRO A CG  1 
ATOM   685  C CD  . PRO A 1 118 ? -12.79459 -11.67472 6.36610   1.000 16.00125 ? 118 PRO A CD  1 
ATOM   686  N N   . SER A 1 119 ? -9.46145  -13.97988 3.92388   1.000 16.72466 ? 119 SER A N   1 
ATOM   687  C CA  . SER A 1 119 ? -8.59551  -13.90295 2.75238   1.000 16.79362 ? 119 SER A CA  1 
ATOM   688  C C   . SER A 1 119 ? -9.37785  -13.72184 1.46003   1.000 18.05035 ? 119 SER A C   1 
ATOM   689  O O   . SER A 1 119 ? -8.79958  -13.29185 0.45402   1.000 16.51006 ? 119 SER A O   1 
ATOM   690  C CB  . SER A 1 119 ? -7.73338  -15.16191 2.67231   1.000 19.53091 ? 119 SER A CB  1 
ATOM   691  O OG  . SER A 1 119 ? -8.54498  -16.31600 2.55913   1.000 24.31738 ? 119 SER A OG  1 
ATOM   692  N N   . SER A 1 120 ? -10.67507 -14.03680 1.46893   1.000 15.16432 ? 120 SER A N   1 
ATOM   693  C CA  . SER A 1 120 ? -11.54378 -13.83909 0.31815   1.000 15.76422 ? 120 SER A CA  1 
ATOM   694  C C   . SER A 1 120 ? -11.97281 -12.38847 0.11141   1.000 16.37360 ? 120 SER A C   1 
ATOM   695  O O   . SER A 1 120 ? -12.44926 -12.06079 -0.98091  1.000 18.20349 ? 120 SER A O   1 
ATOM   696  C CB  . SER A 1 120 ? -12.77199 -14.73620 0.47410   1.000 17.78265 ? 120 SER A CB  1 
ATOM   697  O OG  . SER A 1 120 ? -13.43079 -14.44578 1.69880   1.000 20.02953 ? 120 SER A OG  1 
ATOM   698  N N   . GLN A 1 121 ? -11.81441 -11.51437 1.11167   1.000 14.16908 ? 121 GLN A N   1 
ATOM   699  C CA  . GLN A 1 121 ? -12.28679 -10.13318 0.99090   1.000 14.27597 ? 121 GLN A CA  1 
ATOM   700  C C   . GLN A 1 121 ? -11.45072 -9.33131  -0.00732  1.000 13.84319 ? 121 GLN A C   1 
ATOM   701  O O   . GLN A 1 121 ? -10.23348 -9.49974  -0.09607  1.000 15.05224 ? 121 GLN A O   1 
ATOM   702  C CB  . GLN A 1 121 ? -12.24362 -9.41259  2.33825   1.000 16.97919 ? 121 GLN A CB  1 
ATOM   703  C CG  . GLN A 1 121 ? -13.03101 -8.09570  2.29005   1.000 18.21664 ? 121 GLN A CG  1 
ATOM   704  C CD  . GLN A 1 121 ? -13.78561 -7.74934  3.54716   1.000 24.19656 ? 121 GLN A CD  1 
ATOM   705  O OE1 . GLN A 1 121 ? -14.05659 -8.59581  4.38630   1.000 24.77540 ? 121 GLN A OE1 1 
ATOM   706  N NE2 . GLN A 1 121 ? -14.20129 -6.49081  3.64010   1.000 25.75347 ? 121 GLN A NE2 1 
ATOM   707  N N   . LYS A 1 122 ? -12.10866 -8.40521  -0.72122  1.000 14.10025 ? 122 LYS A N   1 
ATOM   708  C CA  . LYS A 1 122 ? -11.46711 -7.61062  -1.77378  1.000 13.66358 ? 122 LYS A CA  1 
ATOM   709  C C   . LYS A 1 122 ? -10.89518 -6.30365  -1.20804  1.000 15.46025 ? 122 LYS A C   1 
ATOM   710  O O   . LYS A 1 122 ? -11.62324 -5.50239  -0.60882  1.000 16.24163 ? 122 LYS A O   1 
ATOM   711  C CB  . LYS A 1 122 ? -12.45593 -7.29394  -2.90049  1.000 13.69986 ? 122 LYS A CB  1 
ATOM   712  C CG  . LYS A 1 122 ? -13.15522 -8.49529  -3.52122  1.000 15.67831 ? 122 LYS A CG  1 
ATOM   713  C CD  . LYS A 1 122 ? -12.19379 -9.51850  -4.09586  1.000 18.63797 ? 122 LYS A CD  1 
ATOM   714  C CE  . LYS A 1 122 ? -12.85672 -10.26799 -5.24041  1.000 20.08161 ? 122 LYS A CE  1 
ATOM   715  N NZ  . LYS A 1 122 ? -12.07282 -11.45681 -5.70139  1.000 20.86068 ? 122 LYS A NZ  1 
ATOM   716  N N   . PHE A 1 123 ? -9.59478  -6.07949  -1.41943  1.000 11.66353 ? 123 PHE A N   1 
ATOM   717  C CA  . PHE A 1 123 ? -8.90514  -4.85240  -1.01743  1.000 11.56343 ? 123 PHE A CA  1 
ATOM   718  C C   . PHE A 1 123 ? -7.95728  -4.47955  -2.14617  1.000 10.32721 ? 123 PHE A C   1 
ATOM   719  O O   . PHE A 1 123 ? -7.78506  -5.23578  -3.10168  1.000 12.29195 ? 123 PHE A O   1 
ATOM   720  C CB  . PHE A 1 123 ? -8.09792  -5.05143  0.27352   1.000 13.59392 ? 123 PHE A CB  1 
ATOM   721  C CG  . PHE A 1 123 ? -8.93450  -5.24765  1.50259   1.000 13.18306 ? 123 PHE A CG  1 
ATOM   722  C CD1 . PHE A 1 123 ? -9.72734  -4.22811  2.01233   1.000 13.50013 ? 123 PHE A CD1 1 
ATOM   723  C CD2 . PHE A 1 123 ? -8.93223  -6.47424  2.14960   1.000 16.03826 ? 123 PHE A CD2 1 
ATOM   724  C CE1 . PHE A 1 123 ? -10.49613 -4.43345  3.15264   1.000 15.10209 ? 123 PHE A CE1 1 
ATOM   725  C CE2 . PHE A 1 123 ? -9.69054  -6.68674  3.29174   1.000 19.10784 ? 123 PHE A CE2 1 
ATOM   726  C CZ  . PHE A 1 123 ? -10.48412 -5.65814  3.79395   1.000 16.58870 ? 123 PHE A CZ  1 
ATOM   727  N N   . LYS A 1 124 ? -7.29670  -3.33487  -2.02956  1.000 13.00286 ? 124 LYS A N   1 
ATOM   728  C CA  . LYS A 1 124 ? -6.16881  -3.06110  -2.91112  1.000 13.41536 ? 124 LYS A CA  1 
ATOM   729  C C   . LYS A 1 124 ? -4.94311  -3.78703  -2.34495  1.000 11.63831 ? 124 LYS A C   1 
ATOM   730  O O   . LYS A 1 124 ? -5.05392  -4.63867  -1.45975  1.000 12.32322 ? 124 LYS A O   1 
ATOM   731  C CB  . LYS A 1 124 ? -5.98000  -1.55238  -3.07142  1.000 13.23767 ? 124 LYS A CB  1 
ATOM   732  C CG  . LYS A 1 124 ? -7.15663  -0.91606  -3.82479  1.000 14.36848 ? 124 LYS A CG  1 
ATOM   733  C CD  . LYS A 1 124 ? -6.96683  0.57826   -4.05955  1.000 18.09393 ? 124 LYS A CD  1 
ATOM   734  C CE  . LYS A 1 124 ? -8.17589  1.15562   -4.76635  1.000 23.59430 ? 124 LYS A CE  1 
ATOM   735  N NZ  . LYS A 1 124 ? -8.05896  2.62504   -4.96624  1.000 24.98708 ? 124 LYS A NZ  1 
ATOM   736  N N   . ALA A 1 125 ? -3.76105  -3.49516  -2.87855  1.000 13.24879 ? 125 ALA A N   1 
ATOM   737  C CA  . ALA A 1 125 ? -2.52826  -4.15614  -2.46018  1.000 10.70332 ? 125 ALA A CA  1 
ATOM   738  C C   . ALA A 1 125 ? -1.48323  -3.10421  -2.12486  1.000 12.27932 ? 125 ALA A C   1 
ATOM   739  O O   . ALA A 1 125 ? -1.40992  -2.07483  -2.80170  1.000 13.30989 ? 125 ALA A O   1 
ATOM   740  C CB  . ALA A 1 125 ? -1.98327  -5.06416  -3.56006  1.000 13.15271 ? 125 ALA A CB  1 
ATOM   741  N N   . TYR A 1 126 ? -0.66870  -3.35344  -1.10430  1.000 12.31611 ? 126 TYR A N   1 
ATOM   742  C CA  . TYR A 1 126 ? 0.56285   -2.59123  -0.90820  1.000 10.39805 ? 126 TYR A CA  1 
ATOM   743  C C   . TYR A 1 126 ? 1.71218   -3.45934  -1.39478  1.000 12.88804 ? 126 TYR A C   1 
ATOM   744  O O   . TYR A 1 126 ? 1.89746   -4.57716  -0.89950  1.000 14.38212 ? 126 TYR A O   1 
ATOM   745  C CB  . TYR A 1 126 ? 0.74172   -2.17357  0.55760   1.000 12.07956 ? 126 TYR A CB  1 
ATOM   746  C CG  . TYR A 1 126 ? -0.22913  -1.06940  0.89817   1.000 13.25951 ? 126 TYR A CG  1 
ATOM   747  C CD1 . TYR A 1 126 ? -0.08696  0.20241   0.36137   1.000 13.51541 ? 126 TYR A CD1 1 
ATOM   748  C CD2 . TYR A 1 126 ? -1.37058  -1.34084  1.63588   1.000 12.88132 ? 126 TYR A CD2 1 
ATOM   749  C CE1 . TYR A 1 126 ? -1.01224  1.20111   0.62125   1.000 12.74939 ? 126 TYR A CE1 1 
ATOM   750  C CE2 . TYR A 1 126 ? -2.30466  -0.35480  1.90105   1.000 11.86828 ? 126 TYR A CE2 1 
ATOM   751  C CZ  . TYR A 1 126 ? -2.11907  0.91292   1.38301   1.000 12.60388 ? 126 TYR A CZ  1 
ATOM   752  O OH  . TYR A 1 126 ? -3.05701  1.89036   1.61680   1.000 15.26045 ? 126 TYR A OH  1 
ATOM   753  N N   . CYS A 1 127 ? 2.42782   -2.98084  -2.41077  1.000 13.14462 ? 127 CYS A N   1 
ATOM   754  C CA  . CYS A 1 127 ? 3.56443   -3.69290  -2.97014  1.000 14.40400 ? 127 CYS A CA  1 
ATOM   755  C C   . CYS A 1 127 ? 4.84728   -2.98851  -2.55385  1.000 13.38851 ? 127 CYS A C   1 
ATOM   756  O O   . CYS A 1 127 ? 4.86009   -1.77151  -2.33114  1.000 16.47873 ? 127 CYS A O   1 
ATOM   757  C CB  . CYS A 1 127 ? 3.49396   -3.75988  -4.50338  1.000 15.20464 ? 127 CYS A CB  1 
ATOM   758  S SG  . CYS A 1 127 ? 1.98112   -4.49691  -5.19519  1.000 15.80909 ? 127 CYS A SG  1 
ATOM   759  N N   . HIS A 1 128 ? 5.92560   -3.76035  -2.44389  1.000 14.65824 ? 128 HIS A N   1 
ATOM   760  C CA  . HIS A 1 128 ? 7.23599   -3.23961  -2.07949  1.000 15.35999 ? 128 HIS A CA  1 
ATOM   761  C C   . HIS A 1 128 ? 8.23165   -3.51099  -3.20173  1.000 17.37343 ? 128 HIS A C   1 
ATOM   762  O O   . HIS A 1 128 ? 8.26821   -4.61337  -3.76935  1.000 16.37776 ? 128 HIS A O   1 
ATOM   763  C CB  . HIS A 1 128 ? 7.74510   -3.85425  -0.77228  1.000 16.73798 ? 128 HIS A CB  1 
ATOM   764  C CG  . HIS A 1 128 ? 9.02341   -3.23799  -0.28223  1.000 16.78417 ? 128 HIS A CG  1 
ATOM   765  N ND1 . HIS A 1 128 ? 10.25094  -3.85373  -0.42319  1.000 22.61401 ? 128 HIS A ND1 1 
ATOM   766  C CD2 . HIS A 1 128 ? 9.26263   -2.06390  0.34816   1.000 20.59880 ? 128 HIS A CD2 1 
ATOM   767  C CE1 . HIS A 1 128 ? 11.18891  -3.08015  0.09559   1.000 20.74092 ? 128 HIS A CE1 1 
ATOM   768  N NE2 . HIS A 1 128 ? 10.61679  -1.98780  0.56591   1.000 22.74347 ? 128 HIS A NE2 1 
ATOM   769  N N   . ASN A 1 129 ? 9.02387   -2.48868  -3.51608  1.000 17.88799 ? 129 ASN A N   1 
ATOM   770  C CA  . ASN A 1 129 ? 10.05209  -2.53004  -4.55461  1.000 16.87125 ? 129 ASN A CA  1 
ATOM   771  C C   . ASN A 1 129 ? 11.42479  -2.56576  -3.88473  1.000 16.72697 ? 129 ASN A C   1 
ATOM   772  O O   . ASN A 1 129 ? 11.89914  -1.54654  -3.37034  1.000 18.76938 ? 129 ASN A O   1 
ATOM   773  C CB  . ASN A 1 129 ? 9.90217   -1.32795  -5.48951  1.000 16.32344 ? 129 ASN A CB  1 
ATOM   774  C CG  . ASN A 1 129 ? 10.80963  -1.40603  -6.70840  1.000 16.95670 ? 129 ASN A CG  1 
ATOM   775  O OD1 . ASN A 1 129 ? 11.75548  -2.18928  -6.73949  1.000 19.78804 ? 129 ASN A OD1 1 
ATOM   776  N ND2 . ASN A 1 129 ? 10.50947  -0.59941  -7.73430  1.000 15.84153 ? 129 ASN A ND2 1 
ATOM   777  N N   . SER A 1 130 ? 12.06773  -3.73768  -3.90791  1.000 20.24684 ? 130 SER A N   1 
ATOM   778  C CA  . SER A 1 130 ? 13.35093  -3.90160  -3.23715  1.000 21.65312 ? 130 SER A CA  1 
ATOM   779  C C   . SER A 1 130 ? 14.48558  -3.15363  -3.92360  1.000 24.42654 ? 130 SER A C   1 
ATOM   780  O O   . SER A 1 130 ? 15.57304  -3.07224  -3.34526  1.000 25.87609 ? 130 SER A O   1 
ATOM   781  C CB  . SER A 1 130 ? 13.73258  -5.38153  -3.13124  1.000 20.26659 ? 130 SER A CB  1 
ATOM   782  O OG  . SER A 1 130 ? 13.72630  -6.01855  -4.39243  1.000 26.30095 ? 130 SER A OG  1 
ATOM   783  N N   . SER A 1 131 ? 14.28220  -2.63359  -5.13480  1.000 22.23100 ? 131 SER A N   1 
ATOM   784  C CA  . SER A 1 131 ? 15.31613  -1.83883  -5.79101  1.000 19.74510 ? 131 SER A CA  1 
ATOM   785  C C   . SER A 1 131 ? 15.27744  -0.36734  -5.39480  1.000 22.48638 ? 131 SER A C   1 
ATOM   786  O O   . SER A 1 131 ? 16.10936  0.40879   -5.87443  1.000 25.33155 ? 131 SER A O   1 
ATOM   787  C CB  . SER A 1 131 ? 15.21453  -1.96520  -7.31888  1.000 23.04766 ? 131 SER A CB  1 
ATOM   788  O OG  . SER A 1 131 ? 15.19351  -3.32245  -7.73746  1.000 26.12254 ? 131 SER A OG  1 
ATOM   789  N N   . ASP A 1 132 ? 14.36068  0.02369   -4.52016  1.000 20.46290 ? 132 ASP A N   1 
ATOM   790  C CA  . ASP A 1 132 ? 14.21592  1.40669   -4.07830  1.000 23.11948 ? 132 ASP A CA  1 
ATOM   791  C C   . ASP A 1 132 ? 15.08207  1.65726   -2.84674  1.000 21.92015 ? 132 ASP A C   1 
ATOM   792  O O   . ASP A 1 132 ? 15.11421  0.83183   -1.92736  1.000 25.54101 ? 132 ASP A O   1 
ATOM   793  C CB  . ASP A 1 132 ? 12.74629  1.66806   -3.76648  1.000 23.15788 ? 132 ASP A CB  1 
ATOM   794  C CG  . ASP A 1 132 ? 11.94922  2.11703   -4.97760  1.000 22.92193 ? 132 ASP A CG  1 
ATOM   795  O OD1 . ASP A 1 132 ? 12.52039  2.47027   -6.02980  1.000 21.62207 ? 132 ASP A OD1 1 
ATOM   796  O OD2 . ASP A 1 132 ? 10.71419  1.96373   -4.91176  1.000 22.13559 ? 132 ASP A OD2 1 
ATOM   797  N N   . THR A 1 133 ? 15.78523  2.79408   -2.83151  1.000 22.25865 ? 133 THR A N   1 
ATOM   798  C CA  . THR A 1 133 ? 16.60684  3.18706   -1.68709  1.000 18.31833 ? 133 THR A CA  1 
ATOM   799  C C   . THR A 1 133 ? 16.34907  4.63796   -1.28678  1.000 21.50357 ? 133 THR A C   1 
ATOM   800  O O   . THR A 1 133 ? 16.37861  4.97106   -0.09414  1.000 22.54491 ? 133 THR A O   1 
ATOM   801  C CB  . THR A 1 133 ? 18.08823  2.95067   -1.99609  1.000 20.78420 ? 133 THR A CB  1 
ATOM   802  O OG1 . THR A 1 133 ? 18.34508  1.54186   -1.96233  1.000 20.07290 ? 133 THR A OG1 1 
ATOM   803  C CG2 . THR A 1 133 ? 19.01012  3.66435   -1.00013  1.000 24.24946 ? 133 THR A CG2 1 
ATOM   804  N N   . TRP A 1 134 ? 16.07693  5.50115   -2.27154  1.000 21.03678 ? 134 TRP A N   1 
ATOM   805  C CA  . TRP A 1 134 ? 15.54659  6.82634   -1.97111  1.000 19.95795 ? 134 TRP A CA  1 
ATOM   806  C C   . TRP A 1 134 ? 14.28308  6.70815   -1.12496  1.000 21.83437 ? 134 TRP A C   1 
ATOM   807  O O   . TRP A 1 134 ? 13.47126  5.79207   -1.29847  1.000 18.58727 ? 134 TRP A O   1 
ATOM   808  C CB  . TRP A 1 134 ? 15.20865  7.58758   -3.25600  1.000 17.46089 ? 134 TRP A CB  1 
ATOM   809  C CG  . TRP A 1 134 ? 16.34323  7.87517   -4.17690  1.000 22.36184 ? 134 TRP A CG  1 
ATOM   810  C CD1 . TRP A 1 134 ? 17.67498  7.72842   -3.92448  1.000 27.04874 ? 134 TRP A CD1 1 
ATOM   811  C CD2 . TRP A 1 134 ? 16.23966  8.40268   -5.50481  1.000 19.22473 ? 134 TRP A CD2 1 
ATOM   812  N NE1 . TRP A 1 134 ? 18.40600  8.11636   -5.02529  1.000 26.11586 ? 134 TRP A NE1 1 
ATOM   813  C CE2 . TRP A 1 134 ? 17.54466  8.53198   -6.00686  1.000 22.42693 ? 134 TRP A CE2 1 
ATOM   814  C CE3 . TRP A 1 134 ? 15.16213  8.76105   -6.32271  1.000 18.78333 ? 134 TRP A CE3 1 
ATOM   815  C CZ2 . TRP A 1 134 ? 17.80467  9.01827   -7.28749  1.000 24.69857 ? 134 TRP A CZ2 1 
ATOM   816  C CZ3 . TRP A 1 134 ? 15.41642  9.23594   -7.58327  1.000 23.81922 ? 134 TRP A CZ3 1 
ATOM   817  C CH2 . TRP A 1 134 ? 16.72851  9.35768   -8.06119  1.000 25.25696 ? 134 TRP A CH2 1 
ATOM   818  N N   . VAL A 1 135 ? 14.11175  7.65707   -0.20307  1.000 18.33155 ? 135 VAL A N   1 
ATOM   819  C CA  . VAL A 1 135 ? 12.89446  7.68119   0.60478   1.000 18.13991 ? 135 VAL A CA  1 
ATOM   820  C C   . VAL A 1 135 ? 11.67137  7.90801   -0.28100  1.000 17.49364 ? 135 VAL A C   1 
ATOM   821  O O   . VAL A 1 135 ? 10.60932  7.31683   -0.06276  1.000 15.67064 ? 135 VAL A O   1 
ATOM   822  C CB  . VAL A 1 135 ? 13.01710  8.76210   1.69516   1.000 21.50270 ? 135 VAL A CB  1 
ATOM   823  C CG1 . VAL A 1 135 ? 11.68272  8.96769   2.39974   1.000 20.82545 ? 135 VAL A CG1 1 
ATOM   824  C CG2 . VAL A 1 135 ? 14.12714  8.40517   2.68366   1.000 23.65081 ? 135 VAL A CG2 1 
ATOM   825  N N   . ASN A 1 136 ? 11.80343  8.76768   -1.29237  1.000 17.08628 ? 136 ASN A N   1 
ATOM   826  C CA  . ASN A 1 136 ? 10.74303  9.07283   -2.24659  1.000 15.36292 ? 136 ASN A CA  1 
ATOM   827  C C   . ASN A 1 136 ? 11.30681  8.86927   -3.64547  1.000 21.98038 ? 136 ASN A C   1 
ATOM   828  O O   . ASN A 1 136 ? 12.28704  9.52468   -4.00923  1.000 19.44256 ? 136 ASN A O   1 
ATOM   829  C CB  . ASN A 1 136 ? 10.24751  10.51588  -2.03351  1.000 18.05838 ? 136 ASN A CB  1 
ATOM   830  C CG  . ASN A 1 136 ? 9.05627   10.88260  -2.90843  1.000 17.50324 ? 136 ASN A CG  1 
ATOM   831  O OD1 . ASN A 1 136 ? 8.94906   10.45796  -4.05390  1.000 18.00181 ? 136 ASN A OD1 1 
ATOM   832  N ND2 . ASN A 1 136 ? 8.12657   11.63230  -2.34142  1.000 23.12728 ? 136 ASN A ND2 1 
ATOM   833  N N   . SER A 1 137 ? 10.70508  7.95304   -4.42543  1.000 18.16323 ? 137 SER A N   1 
ATOM   834  C CA  . SER A 1 137 ? 11.27605  7.60316   -5.72771  1.000 21.07273 ? 137 SER A CA  1 
ATOM   835  C C   . SER A 1 137 ? 11.24034  8.76442   -6.71306  1.000 23.33435 ? 137 SER A C   1 
ATOM   836  O O   . SER A 1 137 ? 11.88425  8.67992   -7.76552  1.000 24.83897 ? 137 SER A O   1 
ATOM   837  C CB  . SER A 1 137 ? 10.56118  6.39698   -6.36229  1.000 20.12262 ? 137 SER A CB  1 
ATOM   838  O OG  . SER A 1 137 ? 9.18015   6.63430   -6.59212  1.000 18.56355 ? 137 SER A OG  1 
ATOM   839  N N   . CYS A 1 138 ? 10.50833  9.83577   -6.39665  1.000 18.66845 ? 138 CYS A N   1 
ATOM   840  C CA  . CYS A 1 138 ? 10.40943  11.00898  -7.25255  1.000 21.56954 ? 138 CYS A CA  1 
ATOM   841  C C   . CYS A 1 138 ? 11.34571  12.13160  -6.82473  1.000 21.94088 ? 138 CYS A C   1 
ATOM   842  O O   . CYS A 1 138 ? 11.42420  13.14891  -7.51620  1.000 26.36936 ? 138 CYS A O   1 
ATOM   843  C CB  . CYS A 1 138 ? 8.96448   11.52270  -7.26229  1.000 22.90132 ? 138 CYS A CB  1 
ATOM   844  S SG  . CYS A 1 138 ? 7.75843   10.40568  -8.04284  1.000 23.52403 ? 138 CYS A SG  1 
ATOM   845  N N   . ILE A 1 139 ? 12.05207  11.97988  -5.71429  1.000 20.67216 ? 139 ILE A N   1 
ATOM   846  C CA  . ILE A 1 139 ? 12.90314  13.02820  -5.16663  1.000 22.48063 ? 139 ILE A CA  1 
ATOM   847  C C   . ILE A 1 139 ? 14.34051  12.51945  -5.14872  1.000 22.72677 ? 139 ILE A C   1 
ATOM   848  O O   . ILE A 1 139 ? 14.74369  11.79044  -4.23989  1.000 24.39716 ? 139 ILE A O   1 
ATOM   849  C CB  . ILE A 1 139 ? 12.43871  13.44762  -3.76038  1.000 19.56273 ? 139 ILE A CB  1 
ATOM   850  C CG1 . ILE A 1 139 ? 10.96938  13.87395  -3.80361  1.000 22.54160 ? 139 ILE A CG1 1 
ATOM   851  C CG2 . ILE A 1 139 ? 13.28850  14.59017  -3.24335  1.000 25.69963 ? 139 ILE A CG2 1 
ATOM   852  C CD1 . ILE A 1 139 ? 10.44408  14.40528  -2.48173  1.000 23.48849 ? 139 ILE A CD1 1 
ATOM   853  N N   . PRO A 1 140 ? 15.15300  12.90825  -6.12894  1.000 26.35076 ? 140 PRO A N   1 
ATOM   854  C CA  . PRO A 1 140 ? 16.52368  12.39410  -6.22017  1.000 23.27604 ? 140 PRO A CA  1 
ATOM   855  C C   . PRO A 1 140 ? 17.42116  12.98010  -5.14291  1.000 28.38624 ? 140 PRO A C   1 
ATOM   856  O O   . PRO A 1 140 ? 17.08300  13.94468  -4.45497  1.000 29.72037 ? 140 PRO A O   1 
ATOM   857  C CB  . PRO A 1 140 ? 16.98453  12.84785  -7.61305  1.000 24.96785 ? 140 PRO A CB  1 
ATOM   858  C CG  . PRO A 1 140 ? 15.74422  13.35456  -8.31180  1.000 31.07040 ? 140 PRO A CG  1 
ATOM   859  C CD  . PRO A 1 140 ? 14.85437  13.85078  -7.21722  1.000 24.86593 ? 140 PRO A CD  1 
ATOM   860  N N   . GLU A 1 141 ? 18.60250  12.38288  -5.01733  1.000 28.96861 ? 141 GLU A N   1 
ATOM   861  C CA  . GLU A 1 141 ? 19.65106  12.99955  -4.22375  1.000 33.90716 ? 141 GLU A CA  1 
ATOM   862  C C   . GLU A 1 141 ? 20.17954  14.24203  -4.93308  1.000 35.72516 ? 141 GLU A C   1 
ATOM   863  O O   . GLU A 1 141 ? 20.00967  14.41980  -6.14190  1.000 38.61807 ? 141 GLU A O   1 
ATOM   864  C CB  . GLU A 1 141 ? 20.79126  12.01595  -3.96433  1.000 31.92552 ? 141 GLU A CB  1 
ATOM   865  C CG  . GLU A 1 141 ? 20.39982  10.82048  -3.10932  1.000 36.84456 ? 141 GLU A CG  1 
ATOM   866  C CD  . GLU A 1 141 ? 21.08232  9.53318   -3.54140  1.000 34.65491 ? 141 GLU A CD  1 
ATOM   867  O OE1 . GLU A 1 141 ? 22.01060  9.59706   -4.37159  1.000 36.32866 ? 141 GLU A OE1 1 
ATOM   868  O OE2 . GLU A 1 141 ? 20.68651  8.45325   -3.04927  1.000 36.96153 ? 141 GLU A OE2 1 
ATOM   869  N N   . ILE A 1 142 ? 20.82599  15.11246  -4.15504  1.000 34.45533 ? 142 ILE A N   1 
ATOM   870  C CA  . ILE A 1 142 ? 21.36338  16.34890  -4.70498  1.000 37.29150 ? 142 ILE A CA  1 
ATOM   871  C C   . ILE A 1 142 ? 22.46326  16.02482  -5.70378  1.000 42.20909 ? 142 ILE A C   1 
ATOM   872  O O   . ILE A 1 142 ? 23.40826  15.28666  -5.39731  1.000 41.08887 ? 142 ILE A O   1 
ATOM   873  C CB  . ILE A 1 142 ? 21.87884  17.24976  -3.57382  1.000 35.73733 ? 142 ILE A CB  1 
ATOM   874  C CG1 . ILE A 1 142 ? 20.71549  17.71968  -2.69036  1.000 36.05568 ? 142 ILE A CG1 1 
ATOM   875  C CG2 . ILE A 1 142 ? 22.66547  18.42128  -4.14460  1.000 39.60416 ? 142 ILE A CG2 1 
ATOM   876  C CD1 . ILE A 1 142 ? 21.02232  18.97453  -1.89215  1.000 39.71601 ? 142 ILE A CD1 1 
ATOM   877  N N   . VAL A 1 143 ? 22.34520  16.57767  -6.90790  1.000 45.26205 ? 143 VAL A N   1 
ATOM   878  C CA  . VAL A 1 143 ? 23.28855  16.28889  -7.98187  1.000 45.58978 ? 143 VAL A CA  1 
ATOM   879  C C   . VAL A 1 143 ? 24.21218  17.47934  -8.22870  1.000 45.83437 ? 143 VAL A C   1 
ATOM   880  O O   . VAL A 1 143 ? 23.77250  18.62886  -8.23120  1.000 45.24069 ? 143 VAL A O   1 
ATOM   881  C CB  . VAL A 1 143 ? 22.54595  15.90090  -9.27374  1.000 48.14672 ? 143 VAL A CB  1 
ATOM   882  C CG1 . VAL A 1 143 ? 23.50491  15.88551  -10.45826 1.000 43.58196 ? 143 VAL A CG1 1 
ATOM   883  C CG2 . VAL A 1 143 ? 21.85415  14.55325  -9.10446  1.000 49.24794 ? 143 VAL A CG2 1 
HETATM 884  C C1  . NAG B 2 .   ? -9.32662  -15.26300 -5.01603  1.000 20.98797 ? 401 NAG A C1  1 
HETATM 885  C C2  . NAG B 2 .   ? -9.99011  -16.57612 -4.56146  1.000 21.23771 ? 401 NAG A C2  1 
HETATM 886  C C3  . NAG B 2 .   ? -9.71949  -17.69615 -5.55828  1.000 24.47589 ? 401 NAG A C3  1 
HETATM 887  C C4  . NAG B 2 .   ? -10.17052 -17.26455 -6.94128  1.000 25.36554 ? 401 NAG A C4  1 
HETATM 888  C C5  . NAG B 2 .   ? -9.49853  -15.93478 -7.31003  1.000 24.23756 ? 401 NAG A C5  1 
HETATM 889  C C6  . NAG B 2 .   ? -9.92958  -15.41196 -8.66754  1.000 26.64459 ? 401 NAG A C6  1 
HETATM 890  C C7  . NAG B 2 .   ? -10.23765 -16.75782 -2.14368  1.000 26.05558 ? 401 NAG A C7  1 
HETATM 891  C C8  . NAG B 2 .   ? -9.60988  -17.25424 -0.86858  1.000 31.15330 ? 401 NAG A C8  1 
HETATM 892  N N2  . NAG B 2 .   ? -9.52537  -16.97777 -3.26635  1.000 23.41865 ? 401 NAG A N2  1 
HETATM 893  O O3  . NAG B 2 .   ? -10.40204 -18.83930 -5.10168  1.000 28.40584 ? 401 NAG A O3  1 
HETATM 894  O O4  . NAG B 2 .   ? -9.83347  -18.30877 -7.83915  1.000 27.28389 ? 401 NAG A O4  1 
HETATM 895  O O5  . NAG B 2 .   ? -9.77578  -14.94870 -6.31287  1.000 21.68540 ? 401 NAG A O5  1 
HETATM 896  O O6  . NAG B 2 .   ? -8.94826  -14.53386 -9.17711  1.000 32.26671 ? 401 NAG A O6  1 
HETATM 897  O O7  . NAG B 2 .   ? -11.31535 -16.17663 -2.14697  1.000 26.69639 ? 401 NAG A O7  1 
HETATM 898  C C1  . NAG C 2 .   ? 11.28514  -0.54281  -8.94643  1.000 20.35634 ? 402 NAG A C1  1 
HETATM 899  C C2  . NAG C 2 .   ? 10.46379  -0.07983  -10.16398 1.000 19.57808 ? 402 NAG A C2  1 
HETATM 900  C C3  . NAG C 2 .   ? 11.37959  0.12763   -11.37731 1.000 19.95459 ? 402 NAG A C3  1 
HETATM 901  C C4  . NAG C 2 .   ? 12.53222  1.06540   -11.02446 1.000 23.44316 ? 402 NAG A C4  1 
HETATM 902  C C5  . NAG C 2 .   ? 13.25603  0.50483   -9.79233  1.000 20.00393 ? 402 NAG A C5  1 
HETATM 903  C C6  . NAG C 2 .   ? 14.41255  1.34100   -9.29116  1.000 21.76970 ? 402 NAG A C6  1 
HETATM 904  C C7  . NAG C 2 .   ? 8.11170   -0.76841  -10.12586 1.000 21.84610 ? 402 NAG A C7  1 
HETATM 905  C C8  . NAG C 2 .   ? 7.10676   -1.79874  -10.58324 1.000 22.51498 ? 402 NAG A C8  1 
HETATM 906  N N2  . NAG C 2 .   ? 9.38198   -0.97545  -10.49843 1.000 19.61369 ? 402 NAG A N2  1 
HETATM 907  O O3  . NAG C 2 .   ? 10.62399  0.61063   -12.46245 1.000 24.01133 ? 402 NAG A O3  1 
HETATM 908  O O4  . NAG C 2 .   ? 13.39578  1.16907   -12.14322 1.000 27.28887 ? 402 NAG A O4  1 
HETATM 909  O O5  . NAG C 2 .   ? 12.32845  0.38474   -8.73907  1.000 20.32003 ? 402 NAG A O5  1 
HETATM 910  O O6  . NAG C 2 .   ? 13.92003  2.55144   -8.76032  1.000 27.18153 ? 402 NAG A O6  1 
HETATM 911  O O7  . NAG C 2 .   ? 7.77018   0.18608   -9.44616  1.000 22.62365 ? 402 NAG A O7  1 
HETATM 912  O O   . HOH D 3 .   ? 5.63493   -6.57003  9.26505   1.000 20.12806 ? 501 HOH A O   1 
HETATM 913  O O   . HOH D 3 .   ? -0.92476  -16.01103 6.36399   1.000 34.12723 ? 502 HOH A O   1 
HETATM 914  O O   . HOH D 3 .   ? -11.26737 -9.88398  -8.27915  1.000 31.87090 ? 503 HOH A O   1 
HETATM 915  O O   . HOH D 3 .   ? -7.71233  -3.33607  -13.64167 1.000 31.32289 ? 504 HOH A O   1 
HETATM 916  O O   . HOH D 3 .   ? 8.91697   7.04207   -9.00132  1.000 29.82601 ? 505 HOH A O   1 
HETATM 917  O O   . HOH D 3 .   ? 2.03767   1.26359   13.46133  0.50  25.04001 ? 506 HOH A O   1 
HETATM 918  O O   . HOH D 3 .   ? 13.53149  -0.90141  -0.95606  1.000 31.91384 ? 507 HOH A O   1 
HETATM 919  O O   . HOH D 3 .   ? -1.09375  -15.09506 -5.64348  1.000 31.89099 ? 508 HOH A O   1 
HETATM 920  O O   . HOH D 3 .   ? -5.49996  -7.65258  -10.66464 1.000 34.55085 ? 509 HOH A O   1 
HETATM 921  O O   . HOH D 3 .   ? -6.98976  -10.77888 8.26073   1.000 24.26022 ? 510 HOH A O   1 
HETATM 922  O O   . HOH D 3 .   ? 15.33996  3.92447   2.05252   1.000 24.87879 ? 511 HOH A O   1 
HETATM 923  O O   . HOH D 3 .   ? 17.36968  -1.23978  -2.83182  1.000 20.37426 ? 512 HOH A O   1 
HETATM 924  O O   . HOH D 3 .   ? -0.47656  0.19650   13.60588  1.000 17.36248 ? 513 HOH A O   1 
HETATM 925  O O   . HOH D 3 .   ? 21.43894  7.34630   -0.77772  1.000 24.34605 ? 514 HOH A O   1 
HETATM 926  O O   . HOH D 3 .   ? 10.36919  -6.01568  -4.56112  1.000 23.07479 ? 515 HOH A O   1 
HETATM 927  O O   . HOH D 3 .   ? -7.66443  1.71464   -8.05910  1.000 30.10919 ? 516 HOH A O   1 
HETATM 928  O O   . HOH D 3 .   ? -0.56531  6.37798   -3.69369  1.000 30.28711 ? 517 HOH A O   1 
HETATM 929  O O   . HOH D 3 .   ? 2.06255   -17.26908 -11.13376 1.000 33.62010 ? 518 HOH A O   1 
HETATM 930  O O   . HOH D 3 .   ? -17.04268 -2.11721  -11.81300 1.000 37.28003 ? 519 HOH A O   1 
HETATM 931  O O   . HOH D 3 .   ? -5.38674  13.32134  3.58116   1.000 21.96978 ? 520 HOH A O   1 
HETATM 932  O O   . HOH D 3 .   ? -11.77180 15.28981  10.34163  1.000 29.55231 ? 521 HOH A O   1 
HETATM 933  O O   . HOH D 3 .   ? -11.50193 2.43640   9.20159   1.000 20.74469 ? 522 HOH A O   1 
HETATM 934  O O   . HOH D 3 .   ? 7.58564   -0.57256  11.80703  1.000 30.36848 ? 523 HOH A O   1 
HETATM 935  O O   . HOH D 3 .   ? -8.21638  9.63680   8.42113   1.000 13.32791 ? 524 HOH A O   1 
HETATM 936  O O   . HOH D 3 .   ? 16.05465  4.43576   -4.97337  1.000 22.24726 ? 525 HOH A O   1 
HETATM 937  O O   . HOH D 3 .   ? 8.32727   12.29188  0.28478   1.000 28.98006 ? 526 HOH A O   1 
HETATM 938  O O   . HOH D 3 .   ? 12.73185  8.87027   5.99250   1.000 36.91594 ? 527 HOH A O   1 
HETATM 939  O O   . HOH D 3 .   ? 10.51568  6.17066   7.58256   1.000 27.49419 ? 528 HOH A O   1 
HETATM 940  O O   . HOH D 3 .   ? 7.69936   -11.15808 -10.28984 1.000 35.23733 ? 529 HOH A O   1 
HETATM 941  O O   . HOH D 3 .   ? 7.66413   -7.30909  1.13142   1.000 27.19890 ? 530 HOH A O   1 
HETATM 942  O O   . HOH D 3 .   ? 4.94961   -10.45920 1.44807   1.000 22.82955 ? 531 HOH A O   1 
HETATM 943  O O   . HOH D 3 .   ? -7.28602  -18.54939 -3.52532  1.000 31.59873 ? 532 HOH A O   1 
HETATM 944  O O   . HOH D 3 .   ? 13.39787  3.52432   0.25703   1.000 25.77431 ? 533 HOH A O   1 
HETATM 945  O O   . HOH D 3 .   ? 18.12573  1.93938   -6.96857  1.000 18.06503 ? 534 HOH A O   1 
HETATM 946  O O   . HOH D 3 .   ? -13.43162 0.11705   8.56246   1.000 33.75539 ? 535 HOH A O   1 
HETATM 947  O O   . HOH D 3 .   ? 9.30950   -6.73017  6.07471   1.000 26.53781 ? 536 HOH A O   1 
HETATM 948  O O   . HOH D 3 .   ? -15.48857 0.57951   -9.91786  1.000 29.92619 ? 537 HOH A O   1 
HETATM 949  O O   . HOH D 3 .   ? 9.14889   0.20785   3.56709   1.000 18.59874 ? 538 HOH A O   1 
HETATM 950  O O   . HOH D 3 .   ? -14.39578 -7.76548  7.01907   1.000 24.39030 ? 539 HOH A O   1 
HETATM 951  O O   . HOH D 3 .   ? -7.89879  16.80173  9.01178   1.000 31.02108 ? 540 HOH A O   1 
HETATM 952  O O   . HOH D 3 .   ? -14.71333 -16.47622 3.11469   1.000 31.41879 ? 541 HOH A O   1 
HETATM 953  O O   . HOH D 3 .   ? -12.00261 0.41696   -5.01670  1.000 35.46240 ? 542 HOH A O   1 
HETATM 954  O O   . HOH D 3 .   ? -3.49025  2.86695   -18.25825 1.000 23.28009 ? 543 HOH A O   1 
HETATM 955  O O   . HOH D 3 .   ? -12.43546 -13.53284 -3.35253  1.000 21.65698 ? 544 HOH A O   1 
HETATM 956  O O   . HOH D 3 .   ? 10.43801  -6.54692  -1.61028  1.000 30.50135 ? 545 HOH A O   1 
HETATM 957  O O   . HOH D 3 .   ? -11.94319 -5.34058  -11.43448 1.000 29.44466 ? 546 HOH A O   1 
HETATM 958  O O   . HOH D 3 .   ? 11.05573  4.83720   -2.34058  1.000 17.77524 ? 547 HOH A O   1 
HETATM 959  O O   . HOH D 3 .   ? -11.67688 3.75784   4.95650   1.000 24.30251 ? 548 HOH A O   1 
HETATM 960  O O   . HOH D 3 .   ? 0.23765   -13.23806 9.94248   1.000 33.89408 ? 549 HOH A O   1 
HETATM 961  O O   . HOH D 3 .   ? -3.50775  -12.73504 9.72469   1.000 30.74803 ? 550 HOH A O   1 
HETATM 962  O O   . HOH D 3 .   ? 3.91059   10.47456  9.49924   1.000 25.58064 ? 551 HOH A O   1 
HETATM 963  O O   . HOH D 3 .   ? -10.74265 -2.89150  11.68430  1.000 25.64968 ? 552 HOH A O   1 
HETATM 964  O O   . HOH D 3 .   ? 8.40996   -10.34426 -8.04607  1.000 32.82511 ? 553 HOH A O   1 
HETATM 965  O O   . HOH D 3 .   ? -11.17462 -16.98526 3.32896   1.000 21.13999 ? 554 HOH A O   1 
HETATM 966  O O   . HOH D 3 .   ? -0.28575  13.94320  3.55970   1.000 19.75383 ? 555 HOH A O   1 
HETATM 967  O O   . HOH D 3 .   ? -6.85093  -13.01703 5.96757   1.000 27.55237 ? 556 HOH A O   1 
HETATM 968  O O   . HOH D 3 .   ? -6.24474  -11.17676 10.68110  1.000 28.88717 ? 557 HOH A O   1 
HETATM 969  O O   . HOH D 3 .   ? -8.71895  -0.08369  12.22454  1.000 23.89280 ? 558 HOH A O   1 
HETATM 970  O O   . HOH D 3 .   ? 4.77569   -9.96202  -15.36101 1.000 29.36161 ? 559 HOH A O   1 
HETATM 971  O O   . HOH D 3 .   ? -0.40635  12.18073  12.08731  1.000 24.38104 ? 560 HOH A O   1 
HETATM 972  O O   . HOH D 3 .   ? 2.78562   -12.04388 1.09704   1.000 22.82401 ? 561 HOH A O   1 
HETATM 973  O O   . HOH D 3 .   ? 4.29479   -11.41357 -2.43234  1.000 19.66117 ? 562 HOH A O   1 
HETATM 974  O O   . HOH D 3 .   ? -15.62042 13.97229  10.56963  1.000 29.12211 ? 563 HOH A O   1 
HETATM 975  O O   . HOH D 3 .   ? 13.99023  10.69250  -1.71860  1.000 19.95154 ? 564 HOH A O   1 
HETATM 976  O O   . HOH D 3 .   ? -9.76546  -1.22860  -0.51752  1.000 21.08414 ? 565 HOH A O   1 
HETATM 977  O O   . HOH D 3 .   ? 2.92825   8.63016   -2.79145  1.000 31.37802 ? 566 HOH A O   1 
HETATM 978  O O   . HOH D 3 .   ? 18.14619  7.02095   0.84958   1.000 29.42499 ? 567 HOH A O   1 
HETATM 979  O O   . HOH D 3 .   ? 2.60033   -13.80356 3.17073   1.000 25.97837 ? 568 HOH A O   1 
HETATM 980  O O   . HOH D 3 .   ? 17.35483  -4.93787  -4.61743  1.000 31.53552 ? 569 HOH A O   1 
HETATM 981  O O   . HOH D 3 .   ? -6.30631  6.09988   -2.02232  1.000 23.61163 ? 570 HOH A O   1 
HETATM 982  O O   . HOH D 3 .   ? -14.95707 0.70081   6.23518   1.000 28.52752 ? 571 HOH A O   1 
HETATM 983  O O   . HOH D 3 .   ? -5.00020  14.15061  16.08389  1.000 18.07752 ? 572 HOH A O   1 
HETATM 984  O O   . HOH D 3 .   ? -2.01306  15.45640  11.06540  1.000 28.17233 ? 573 HOH A O   1 
HETATM 985  O O   . HOH D 3 .   ? 21.10818  6.27420   -4.91406  1.000 35.99548 ? 574 HOH A O   1 
HETATM 986  O O   . HOH D 3 .   ? 1.39428   -14.26542 6.90201   1.000 34.03271 ? 575 HOH A O   1 
HETATM 987  O O   . HOH D 3 .   ? -4.58447  -10.17381 -9.50952  1.000 27.47945 ? 576 HOH A O   1 
HETATM 988  O O   . HOH D 3 .   ? 8.88500   2.89597   -11.98450 1.000 21.92152 ? 577 HOH A O   1 
HETATM 989  O O   . HOH D 3 .   ? -13.65526 5.75934   6.32749   1.000 24.06550 ? 578 HOH A O   1 
HETATM 990  O O   . HOH D 3 .   ? 11.34175  1.79818   -15.03012 1.000 27.90083 ? 579 HOH A O   1 
HETATM 991  O O   . HOH D 3 .   ? 10.91624  4.85839   -10.64768 1.000 31.07470 ? 580 HOH A O   1 
HETATM 992  O O   . HOH D 3 .   ? 8.65431   -7.35134  8.86383   1.000 26.87918 ? 581 HOH A O   1 
HETATM 993  O O   . HOH D 3 .   ? 13.93006  5.06027   -6.06056  1.000 23.57937 ? 582 HOH A O   1 
HETATM 994  O O   . HOH D 3 .   ? 5.20236   -10.31591 10.22137  1.000 32.78505 ? 583 HOH A O   1 
HETATM 995  O O   . HOH D 3 .   ? -6.50599  16.21673  13.66304  1.000 34.86240 ? 584 HOH A O   1 
HETATM 996  O O   . HOH D 3 .   ? -18.70654 -0.36202  -6.22912  1.000 29.66487 ? 585 HOH A O   1 
HETATM 997  O O   . HOH D 3 .   ? 13.27407  4.13313   -12.48240 1.000 34.31712 ? 586 HOH A O   1 
HETATM 998  O O   . HOH D 3 .   ? -2.87677  10.70767  -0.35362  1.000 29.51919 ? 587 HOH A O   1 
HETATM 999  O O   . HOH D 3 .   ? 6.66293   10.72004  11.19200  1.000 33.84630 ? 588 HOH A O   1 
HETATM 1000 O O   . HOH D 3 .   ? -7.14060  -15.16746 -1.24284  1.000 22.67562 ? 589 HOH A O   1 
HETATM 1001 O O   . HOH D 3 .   ? 16.16459  -5.77483  -6.28967  1.000 36.19823 ? 590 HOH A O   1 
HETATM 1002 O O   . HOH D 3 .   ? 1.58569   -7.35398  12.90505  1.000 22.13000 ? 591 HOH A O   1 
HETATM 1003 O O   . HOH D 3 .   ? -5.75846  10.80682  1.19607   1.000 27.05710 ? 592 HOH A O   1 
HETATM 1004 O O   . HOH D 3 .   ? 2.23035   9.98363   11.76496  1.000 28.54937 ? 593 HOH A O   1 
HETATM 1005 O O   . HOH D 3 .   ? -10.76269 4.60837   12.88199  1.000 27.15004 ? 594 HOH A O   1 
HETATM 1006 O O   . HOH D 3 .   ? -10.97497 3.03295   -5.66173  1.000 39.86311 ? 595 HOH A O   1 
HETATM 1007 O O   . HOH D 3 .   ? 12.22090  -3.38103  4.11695   1.000 30.32007 ? 596 HOH A O   1 
HETATM 1008 O O   . HOH D 3 .   ? 16.29026  9.73655   0.17882   1.000 25.00022 ? 597 HOH A O   1 
HETATM 1009 O O   . HOH D 3 .   ? -13.70172 -2.10550  -3.47067  1.000 25.38291 ? 598 HOH A O   1 
HETATM 1010 O O   . HOH D 3 .   ? 13.06339  1.01082   0.34834   1.000 35.55855 ? 599 HOH A O   1 
HETATM 1011 O O   . HOH D 3 .   ? 8.70265   1.51462   10.83102  1.000 28.53099 ? 600 HOH A O   1 
HETATM 1012 O O   . HOH D 3 .   ? -11.54911 -2.65947  -1.80830  1.000 26.16288 ? 601 HOH A O   1 
HETATM 1013 O O   . HOH D 3 .   ? 4.46702   -6.60459  11.95707  1.000 32.68557 ? 602 HOH A O   1 
HETATM 1014 O O   . HOH D 3 .   ? -5.71711  16.08156  10.78671  1.000 20.73092 ? 603 HOH A O   1 
HETATM 1015 O O   . HOH D 3 .   ? -3.96822  -8.60531  14.03739  1.000 33.75582 ? 604 HOH A O   1 
HETATM 1016 O O   . HOH D 3 .   ? 6.28174   2.14929   -11.33103 1.000 27.92679 ? 605 HOH A O   1 
HETATM 1017 O O   . HOH D 3 .   ? 12.95419  -0.50990  1.97480   1.000 35.45374 ? 606 HOH A O   1 
HETATM 1018 O O   . HOH D 3 .   ? -16.90167 -5.41388  4.74649   1.000 28.88658 ? 607 HOH A O   1 
HETATM 1019 O O   . HOH D 3 .   ? -6.28862  0.16088   -21.74235 1.000 29.92147 ? 608 HOH A O   1 
HETATM 1020 O O   . HOH D 3 .   ? 3.86386   -12.63064 -5.10306  1.000 28.97139 ? 609 HOH A O   1 
HETATM 1021 O O   . HOH D 3 .   ? -5.12182  2.56395   -6.66395  1.000 31.53670 ? 610 HOH A O   1 
HETATM 1022 O O   . HOH D 3 .   ? 1.94399   9.09270   -5.45446  1.000 28.31151 ? 611 HOH A O   1 
HETATM 1023 O O   . HOH D 3 .   ? 10.59180  -7.88241  1.81502   1.000 33.66902 ? 612 HOH A O   1 
HETATM 1024 O O   . HOH D 3 .   ? -18.27257 0.04980   8.43418   1.000 33.38957 ? 613 HOH A O   1 
HETATM 1025 O O   . HOH D 3 .   ? -17.35675 10.64993  -4.43144  1.000 34.08274 ? 614 HOH A O   1 
HETATM 1026 O O   . HOH D 3 .   ? -7.58356  14.88687  4.38590   1.000 31.75971 ? 615 HOH A O   1 
HETATM 1027 O O   . HOH D 3 .   ? -4.91469  -18.85630 -0.42244  1.000 33.47875 ? 616 HOH A O   1 
HETATM 1028 O O   . HOH D 3 .   ? -13.53879 -6.58966  10.74993  1.000 33.15888 ? 617 HOH A O   1 
HETATM 1029 O O   . HOH D 3 .   ? 14.60015  -2.87067  -0.01549  1.000 32.62030 ? 618 HOH A O   1 
HETATM 1030 O O   . HOH D 3 .   ? 20.07914  11.56276  -8.21043  1.000 36.57228 ? 619 HOH A O   1 
HETATM 1031 O O   . HOH D 3 .   ? 4.85996   -10.34669 6.25444   1.000 29.85587 ? 620 HOH A O   1 
HETATM 1032 O O   . HOH D 3 .   ? -16.58704 -1.17185  6.81718   1.000 30.67296 ? 621 HOH A O   1 
HETATM 1033 O O   . HOH D 3 .   ? -5.08470  -17.22965 1.08916   1.000 31.76394 ? 622 HOH A O   1 
HETATM 1034 O O   . HOH D 3 .   ? -11.31730 2.26510   11.86725  1.000 30.25000 ? 623 HOH A O   1 
HETATM 1035 O O   . HOH D 3 .   ? -13.02703 2.57655   -8.55526  1.000 38.67644 ? 624 HOH A O   1 
HETATM 1036 O O   . HOH D 3 .   ? 11.34898  -0.64520  4.97757   1.000 27.33617 ? 625 HOH A O   1 
HETATM 1037 O O   . HOH D 3 .   ? -14.04385 -17.91797 -6.65809  1.000 40.98582 ? 626 HOH A O   1 
HETATM 1038 O O   . HOH D 3 .   ? 4.54096   12.77336  8.20611   1.000 32.18977 ? 627 HOH A O   1 
HETATM 1039 O O   . HOH D 3 .   ? -15.79168 -3.11281  8.93423   1.000 36.23802 ? 628 HOH A O   1 
HETATM 1040 O O   . HOH D 3 .   ? 10.15034  13.43501  1.01940   1.000 33.44735 ? 629 HOH A O   1 
HETATM 1041 O O   . HOH D 3 .   ? -13.38351 1.86122   5.04169   1.000 36.81880 ? 630 HOH A O   1 
HETATM 1042 O O   . HOH D 3 .   ? 5.88437   -9.97067  4.32120   1.000 32.27587 ? 631 HOH A O   1 
HETATM 1043 O O   . HOH D 3 .   ? 1.08861   -11.76042 11.78616  1.000 37.48013 ? 632 HOH A O   1 
HETATM 1044 O O   . HOH D 3 .   ? 10.89133  -4.10809  7.02637   1.000 36.62333 ? 633 HOH A O   1 
HETATM 1045 O O   . HOH D 3 .   ? -12.81908 -1.55730  10.08532  1.000 38.07337 ? 634 HOH A O   1 
# 
